data_6TG3
#
_entry.id   6TG3
#
_cell.length_a   68.630
_cell.length_b   131.930
_cell.length_c   70.380
_cell.angle_alpha   90.000
_cell.angle_beta   91.710
_cell.angle_gamma   90.000
#
_symmetry.space_group_name_H-M   'P 1 21 1'
#
loop_
_entity.id
_entity.type
_entity.pdbx_description
1 polymer MotA
2 non-polymer '(2~{S})-2-[[(3~{S},4~{R},5~{R})-3,4,5,6-tetrakis(oxidanyl)-2-oxidanylidene-hexyl]amino]pentanedioic acid'
3 non-polymer 1,2-ETHANEDIOL
4 water water
#
_entity_poly.entity_id   1
_entity_poly.type   'polypeptide(L)'
_entity_poly.pdbx_seq_one_letter_code
;MGSSHHHHHHSSGLVPRGSHMDVVIASSGGGWQEAQDKALWAPAAKALNITYTQDTFQNWAEARAQVESGSVTWDIIQIG
IADEPQAKAAGVLEKLDPDIVNKADFPPGSVTDSFVANSNYSTLIAWNKKTYGDNGPKSMADFFDVKKFPGKRALWNQPI
GMIEAAALALGTPRDKVYEFLSTEEGRKAAIAKLTELAPSVSVWWESGAQAAQLIKDGEVDMIITWGGRVQGAINDGANF
AYTFNDAQLGTDGYAIVKGAPHRDAAMRFLKEMSKAEYQKDLPNSFATAPANMKAYDLAKYTPEKMATMASAPENVAVQY
SVDPNFWAKHAKWASEAYDNVRLSRHHHHHH
;
_entity_poly.pdbx_strand_id   A,B,C,D
#
loop_
_chem_comp.id
_chem_comp.type
_chem_comp.name
_chem_comp.formula
EDO non-polymer 1,2-ETHANEDIOL 'C2 H6 O2'
N7T non-polymer '(2~{S})-2-[[(3~{S},4~{R},5~{R})-3,4,5,6-tetrakis(oxidanyl)-2-oxidanylidene-hexyl]amino]pentanedioic acid' 'C11 H19 N O9'
#
# COMPACT_ATOMS: atom_id res chain seq x y z
N SER A 19 -8.25 33.41 -10.59
CA SER A 19 -7.84 34.44 -9.62
C SER A 19 -7.47 35.75 -10.34
N HIS A 20 -8.13 36.88 -9.96
CA HIS A 20 -7.98 38.24 -10.52
C HIS A 20 -8.30 38.18 -12.06
N MET A 21 -7.38 38.68 -12.90
CA MET A 21 -7.41 38.69 -14.35
C MET A 21 -6.21 37.88 -14.85
N ASP A 22 -5.52 37.28 -13.88
CA ASP A 22 -4.37 36.46 -14.15
C ASP A 22 -4.80 35.09 -14.61
N VAL A 23 -4.05 34.51 -15.57
CA VAL A 23 -4.23 33.11 -15.95
C VAL A 23 -3.58 32.31 -14.78
N VAL A 24 -4.32 31.38 -14.19
CA VAL A 24 -3.82 30.57 -13.10
C VAL A 24 -3.29 29.25 -13.65
N ILE A 25 -1.97 29.02 -13.47
CA ILE A 25 -1.31 27.77 -13.93
C ILE A 25 -0.83 26.95 -12.71
N ALA A 26 -1.12 25.64 -12.69
CA ALA A 26 -0.73 24.82 -11.55
C ALA A 26 0.11 23.60 -11.94
N SER A 27 1.23 23.40 -11.22
CA SER A 27 2.05 22.20 -11.41
C SER A 27 2.33 21.59 -10.00
N SER A 28 3.37 20.75 -9.85
CA SER A 28 3.56 20.02 -8.61
C SER A 28 4.72 20.51 -7.71
N GLY A 29 5.12 21.78 -7.87
CA GLY A 29 6.12 22.45 -7.06
C GLY A 29 7.55 22.04 -7.26
N GLY A 30 8.43 22.60 -6.41
CA GLY A 30 9.85 22.28 -6.40
C GLY A 30 10.60 22.65 -7.67
N GLY A 31 11.68 21.93 -7.94
CA GLY A 31 12.56 22.16 -9.07
C GLY A 31 11.87 22.07 -10.42
N TRP A 32 10.87 21.18 -10.53
CA TRP A 32 10.10 20.97 -11.76
C TRP A 32 9.26 22.20 -12.08
N GLN A 33 8.52 22.74 -11.08
CA GLN A 33 7.70 23.93 -11.27
C GLN A 33 8.59 25.14 -11.58
N GLU A 34 9.74 25.25 -10.91
CA GLU A 34 10.70 26.35 -11.14
C GLU A 34 11.22 26.30 -12.58
N ALA A 35 11.56 25.12 -13.10
CA ALA A 35 12.04 24.95 -14.48
C ALA A 35 10.96 25.36 -15.51
N GLN A 36 9.69 24.96 -15.27
CA GLN A 36 8.58 25.33 -16.15
C GLN A 36 8.39 26.84 -16.10
N ASP A 37 8.42 27.44 -14.90
CA ASP A 37 8.23 28.87 -14.76
C ASP A 37 9.31 29.66 -15.49
N LYS A 38 10.58 29.28 -15.32
CA LYS A 38 11.72 30.00 -15.88
C LYS A 38 11.83 29.81 -17.39
N ALA A 39 11.68 28.59 -17.88
CA ALA A 39 11.81 28.30 -19.32
C ALA A 39 10.56 28.56 -20.15
N LEU A 40 9.37 28.34 -19.59
CA LEU A 40 8.11 28.42 -20.34
C LEU A 40 7.15 29.51 -19.95
N TRP A 41 6.72 29.58 -18.68
CA TRP A 41 5.66 30.49 -18.25
C TRP A 41 6.06 31.96 -18.29
N ALA A 42 7.16 32.35 -17.64
CA ALA A 42 7.64 33.74 -17.63
C ALA A 42 8.01 34.25 -19.05
N PRO A 43 8.80 33.53 -19.90
CA PRO A 43 9.07 34.06 -21.25
C PRO A 43 7.84 34.08 -22.16
N ALA A 44 6.92 33.08 -22.05
CA ALA A 44 5.71 33.07 -22.89
C ALA A 44 4.73 34.16 -22.50
N ALA A 45 4.57 34.44 -21.18
CA ALA A 45 3.68 35.52 -20.69
C ALA A 45 4.21 36.88 -21.13
N LYS A 46 5.54 37.08 -21.07
CA LYS A 46 6.22 38.29 -21.52
C LYS A 46 5.95 38.53 -23.02
N ALA A 47 6.06 37.46 -23.85
CA ALA A 47 5.85 37.57 -25.30
C ALA A 47 4.40 37.89 -25.67
N LEU A 48 3.43 37.42 -24.88
CA LEU A 48 2.00 37.67 -25.12
C LEU A 48 1.46 38.89 -24.37
N ASN A 49 2.29 39.57 -23.53
CA ASN A 49 1.91 40.70 -22.68
C ASN A 49 0.71 40.30 -21.79
N ILE A 50 0.83 39.12 -21.12
CA ILE A 50 -0.20 38.59 -20.22
C ILE A 50 0.36 38.36 -18.80
N THR A 51 -0.53 38.30 -17.80
CA THR A 51 -0.14 38.07 -16.42
C THR A 51 -0.67 36.72 -15.96
N TYR A 52 0.12 36.05 -15.14
CA TYR A 52 -0.25 34.74 -14.65
C TYR A 52 0.07 34.62 -13.16
N THR A 53 -0.59 33.66 -12.51
CA THR A 53 -0.44 33.30 -11.11
C THR A 53 -0.15 31.81 -11.08
N GLN A 54 0.76 31.40 -10.19
CA GLN A 54 1.12 30.00 -10.03
C GLN A 54 0.38 29.43 -8.85
N ASP A 55 0.11 28.14 -8.92
CA ASP A 55 -0.42 27.37 -7.81
C ASP A 55 0.25 26.01 -7.85
N THR A 56 0.13 25.23 -6.77
CA THR A 56 0.73 23.88 -6.73
C THR A 56 -0.32 22.86 -6.32
N PHE A 57 -0.19 21.63 -6.80
CA PHE A 57 -1.12 20.55 -6.45
C PHE A 57 -0.42 19.23 -6.71
N GLN A 58 -0.96 18.12 -6.20
CA GLN A 58 -0.30 16.83 -6.37
C GLN A 58 -1.15 15.77 -7.06
N ASN A 59 -2.46 15.99 -7.17
CA ASN A 59 -3.37 15.00 -7.78
C ASN A 59 -4.44 15.71 -8.60
N TRP A 60 -4.73 15.23 -9.82
CA TRP A 60 -5.79 15.82 -10.66
C TRP A 60 -7.16 15.79 -9.99
N ALA A 61 -7.35 14.92 -8.94
CA ALA A 61 -8.63 14.86 -8.19
C ALA A 61 -8.95 16.20 -7.53
N GLU A 62 -7.92 17.05 -7.31
CA GLU A 62 -8.10 18.38 -6.75
C GLU A 62 -8.77 19.29 -7.80
N ALA A 63 -8.42 19.10 -9.11
CA ALA A 63 -9.06 19.85 -10.17
C ALA A 63 -10.51 19.35 -10.32
N ARG A 64 -10.73 18.02 -10.16
CA ARG A 64 -12.06 17.39 -10.18
C ARG A 64 -12.96 18.01 -9.09
N ALA A 65 -12.41 18.24 -7.87
CA ALA A 65 -13.12 18.86 -6.74
C ALA A 65 -13.56 20.26 -7.10
N GLN A 66 -12.71 21.03 -7.85
CA GLN A 66 -13.04 22.39 -8.29
C GLN A 66 -14.27 22.38 -9.22
N VAL A 67 -14.24 21.52 -10.25
CA VAL A 67 -15.29 21.34 -11.25
C VAL A 67 -16.59 20.90 -10.61
N GLU A 68 -16.54 19.92 -9.70
CA GLU A 68 -17.71 19.39 -9.02
C GLU A 68 -18.34 20.39 -8.04
N SER A 69 -17.54 21.33 -7.51
CA SER A 69 -18.00 22.36 -6.56
C SER A 69 -18.59 23.59 -7.26
N GLY A 70 -18.33 23.73 -8.56
CA GLY A 70 -18.79 24.87 -9.33
C GLY A 70 -17.94 26.10 -9.16
N SER A 71 -16.89 26.03 -8.30
CA SER A 71 -15.97 27.14 -8.09
C SER A 71 -14.60 26.73 -8.62
N VAL A 72 -14.34 27.08 -9.90
CA VAL A 72 -13.09 26.76 -10.60
C VAL A 72 -12.20 28.00 -10.60
N THR A 73 -10.98 27.85 -10.07
CA THR A 73 -10.02 28.95 -9.98
C THR A 73 -8.80 28.70 -10.86
N TRP A 74 -8.50 27.43 -11.15
CA TRP A 74 -7.37 27.07 -12.02
C TRP A 74 -7.75 27.16 -13.49
N ASP A 75 -6.80 27.57 -14.34
CA ASP A 75 -6.98 27.65 -15.79
C ASP A 75 -6.22 26.49 -16.42
N ILE A 76 -4.90 26.46 -16.24
CA ILE A 76 -4.05 25.39 -16.77
C ILE A 76 -3.56 24.47 -15.64
N ILE A 77 -3.66 23.16 -15.86
CA ILE A 77 -3.16 22.16 -14.91
C ILE A 77 -2.13 21.31 -15.60
N GLN A 78 -1.00 21.05 -14.91
CA GLN A 78 0.04 20.20 -15.45
C GLN A 78 -0.24 18.81 -14.89
N ILE A 79 -0.56 17.86 -15.77
CA ILE A 79 -0.87 16.48 -15.36
C ILE A 79 -0.04 15.50 -16.17
N GLY A 80 -0.19 14.22 -15.87
CA GLY A 80 0.50 13.16 -16.57
C GLY A 80 -0.36 12.60 -17.69
N ILE A 81 0.29 12.01 -18.71
CA ILE A 81 -0.44 11.42 -19.84
C ILE A 81 -1.43 10.32 -19.40
N ALA A 82 -1.14 9.60 -18.29
CA ALA A 82 -2.02 8.51 -17.82
C ALA A 82 -3.16 9.04 -16.90
N ASP A 83 -3.10 10.33 -16.52
CA ASP A 83 -4.17 11.01 -15.77
C ASP A 83 -5.24 11.50 -16.75
N GLU A 84 -4.80 11.91 -17.96
CA GLU A 84 -5.64 12.49 -19.00
C GLU A 84 -6.91 11.69 -19.31
N PRO A 85 -6.88 10.35 -19.60
CA PRO A 85 -8.14 9.65 -19.91
C PRO A 85 -9.14 9.69 -18.76
N GLN A 86 -8.67 9.57 -17.53
CA GLN A 86 -9.51 9.60 -16.33
C GLN A 86 -10.13 10.98 -16.12
N ALA A 87 -9.30 12.04 -16.21
CA ALA A 87 -9.72 13.43 -16.04
C ALA A 87 -10.72 13.83 -17.13
N LYS A 88 -10.44 13.42 -18.39
CA LYS A 88 -11.31 13.70 -19.54
C LYS A 88 -12.68 13.04 -19.37
N ALA A 89 -12.70 11.75 -18.96
CA ALA A 89 -13.92 10.98 -18.74
C ALA A 89 -14.76 11.56 -17.61
N ALA A 90 -14.11 12.13 -16.57
CA ALA A 90 -14.79 12.75 -15.43
C ALA A 90 -15.31 14.18 -15.73
N GLY A 91 -15.06 14.68 -16.95
CA GLY A 91 -15.51 16.01 -17.37
C GLY A 91 -14.72 17.13 -16.71
N VAL A 92 -13.44 16.89 -16.45
CA VAL A 92 -12.56 17.85 -15.77
C VAL A 92 -11.81 18.75 -16.76
N LEU A 93 -11.66 18.29 -18.01
CA LEU A 93 -10.88 18.99 -19.02
C LEU A 93 -11.65 19.61 -20.16
N GLU A 94 -11.18 20.78 -20.63
CA GLU A 94 -11.73 21.49 -21.79
C GLU A 94 -11.12 20.84 -23.01
N LYS A 95 -11.87 20.80 -24.11
CA LYS A 95 -11.36 20.35 -25.40
C LYS A 95 -10.49 21.50 -25.91
N LEU A 96 -9.27 21.19 -26.32
CA LEU A 96 -8.36 22.22 -26.83
C LEU A 96 -8.65 22.60 -28.27
N ASP A 97 -8.31 23.85 -28.67
CA ASP A 97 -8.47 24.35 -30.03
C ASP A 97 -7.64 23.43 -30.95
N PRO A 98 -8.22 22.94 -32.08
CA PRO A 98 -7.54 21.88 -32.86
C PRO A 98 -6.10 22.12 -33.34
N ASP A 99 -5.70 23.38 -33.56
CA ASP A 99 -4.37 23.67 -34.06
C ASP A 99 -3.42 24.27 -32.98
N ILE A 100 -3.71 23.98 -31.68
CA ILE A 100 -2.91 24.45 -30.55
C ILE A 100 -1.40 24.16 -30.75
N VAL A 101 -1.07 22.96 -31.28
CA VAL A 101 0.29 22.57 -31.63
C VAL A 101 0.25 21.78 -32.96
N ASN A 102 1.43 21.56 -33.56
CA ASN A 102 1.53 20.68 -34.70
C ASN A 102 1.90 19.32 -34.08
N LYS A 103 0.94 18.35 -34.11
CA LYS A 103 1.12 17.00 -33.53
C LYS A 103 2.39 16.30 -34.01
N ALA A 104 2.84 16.58 -35.24
CA ALA A 104 4.07 16.02 -35.82
C ALA A 104 5.33 16.40 -35.05
N ASP A 105 5.30 17.52 -34.31
CA ASP A 105 6.44 18.00 -33.51
C ASP A 105 6.54 17.31 -32.15
N PHE A 106 5.54 16.49 -31.79
CA PHE A 106 5.49 15.85 -30.49
C PHE A 106 5.47 14.32 -30.59
N PRO A 107 5.94 13.54 -29.58
CA PRO A 107 5.88 12.08 -29.70
C PRO A 107 4.45 11.58 -30.02
N PRO A 108 4.26 10.53 -30.83
CA PRO A 108 2.89 10.08 -31.13
C PRO A 108 2.11 9.70 -29.87
N GLY A 109 0.87 10.17 -29.79
CA GLY A 109 -0.01 9.95 -28.63
C GLY A 109 0.19 10.92 -27.48
N SER A 110 1.25 11.77 -27.53
CA SER A 110 1.56 12.73 -26.45
C SER A 110 0.69 14.01 -26.53
N VAL A 111 -0.02 14.19 -27.63
CA VAL A 111 -0.93 15.35 -27.83
C VAL A 111 -2.30 14.75 -28.13
N THR A 112 -3.31 15.06 -27.31
CA THR A 112 -4.68 14.59 -27.52
C THR A 112 -5.57 15.80 -27.72
N ASP A 113 -6.90 15.58 -27.85
CA ASP A 113 -7.85 16.70 -27.98
C ASP A 113 -7.96 17.52 -26.68
N SER A 114 -7.37 17.02 -25.55
CA SER A 114 -7.47 17.69 -24.23
C SER A 114 -6.14 17.86 -23.49
N PHE A 115 -5.01 17.50 -24.13
CA PHE A 115 -3.72 17.52 -23.46
C PHE A 115 -2.61 17.78 -24.45
N VAL A 116 -1.65 18.63 -24.04
CA VAL A 116 -0.46 18.92 -24.82
C VAL A 116 0.76 18.59 -23.96
N ALA A 117 1.61 17.65 -24.40
CA ALA A 117 2.82 17.29 -23.67
C ALA A 117 3.79 18.45 -23.55
N ASN A 118 4.55 18.49 -22.45
CA ASN A 118 5.62 19.47 -22.27
C ASN A 118 6.96 18.77 -22.02
N SER A 119 6.92 17.48 -21.57
CA SER A 119 8.18 16.77 -21.32
C SER A 119 8.04 15.26 -21.18
N ASN A 120 9.17 14.58 -21.27
CA ASN A 120 9.27 13.16 -20.96
C ASN A 120 10.15 13.04 -19.71
N TYR A 121 9.83 12.07 -18.85
CA TYR A 121 10.54 11.83 -17.62
C TYR A 121 10.47 10.35 -17.28
N SER A 122 11.27 9.93 -16.31
CA SER A 122 11.28 8.53 -15.86
C SER A 122 10.89 8.40 -14.42
N THR A 123 10.15 7.36 -14.10
CA THR A 123 9.85 6.96 -12.71
C THR A 123 10.85 5.82 -12.49
N LEU A 124 11.93 6.09 -11.74
CA LEU A 124 13.04 5.18 -11.66
C LEU A 124 13.51 4.85 -10.24
N ILE A 125 14.46 3.88 -10.14
CA ILE A 125 15.05 3.43 -8.89
C ILE A 125 16.28 4.29 -8.57
N ALA A 126 16.31 4.85 -7.35
CA ALA A 126 17.48 5.56 -6.85
C ALA A 126 17.87 4.90 -5.53
N TRP A 127 19.18 4.83 -5.24
CA TRP A 127 19.58 4.21 -3.98
C TRP A 127 20.65 5.00 -3.27
N ASN A 128 20.72 4.81 -1.94
CA ASN A 128 21.64 5.46 -1.04
C ASN A 128 23.02 4.77 -1.15
N LYS A 129 24.02 5.49 -1.62
CA LYS A 129 25.39 4.96 -1.77
C LYS A 129 26.05 4.71 -0.43
N LYS A 130 25.60 5.43 0.63
CA LYS A 130 26.13 5.18 1.96
C LYS A 130 25.71 3.75 2.37
N THR A 131 24.47 3.39 2.04
CA THR A 131 23.94 2.08 2.38
C THR A 131 24.49 0.93 1.53
N TYR A 132 24.51 1.09 0.21
CA TYR A 132 24.87 0.00 -0.71
C TYR A 132 26.09 0.22 -1.58
N GLY A 133 26.68 1.40 -1.54
CA GLY A 133 27.81 1.74 -2.42
C GLY A 133 27.36 1.69 -3.87
N ASP A 134 28.21 1.18 -4.76
CA ASP A 134 27.87 1.02 -6.17
C ASP A 134 26.96 -0.18 -6.42
N ASN A 135 26.93 -1.15 -5.46
N ASN A 135 26.95 -1.20 -5.54
CA ASN A 135 26.15 -2.39 -5.49
CA ASN A 135 26.12 -2.38 -5.82
C ASN A 135 24.73 -2.13 -4.96
C ASN A 135 24.73 -2.27 -5.21
N GLY A 136 24.00 -1.26 -5.64
CA GLY A 136 22.62 -0.98 -5.25
C GLY A 136 21.64 -1.81 -6.07
N PRO A 137 20.32 -1.72 -5.77
CA PRO A 137 19.31 -2.40 -6.60
C PRO A 137 19.33 -1.87 -8.05
N LYS A 138 19.53 -2.73 -9.02
CA LYS A 138 19.57 -2.26 -10.39
C LYS A 138 18.38 -2.76 -11.25
N SER A 139 17.32 -3.25 -10.59
CA SER A 139 16.10 -3.77 -11.21
C SER A 139 15.00 -3.73 -10.17
N MET A 140 13.73 -3.83 -10.61
CA MET A 140 12.60 -3.85 -9.67
C MET A 140 12.65 -5.11 -8.82
N ALA A 141 13.12 -6.24 -9.38
CA ALA A 141 13.28 -7.49 -8.60
C ALA A 141 14.21 -7.21 -7.38
N ASP A 142 15.31 -6.46 -7.58
CA ASP A 142 16.27 -6.09 -6.55
C ASP A 142 15.63 -5.13 -5.55
N PHE A 143 14.88 -4.12 -6.05
CA PHE A 143 14.21 -3.13 -5.21
C PHE A 143 13.27 -3.83 -4.21
N PHE A 144 12.56 -4.86 -4.67
CA PHE A 144 11.62 -5.65 -3.85
C PHE A 144 12.29 -6.73 -2.99
N ASP A 145 13.61 -6.99 -3.18
CA ASP A 145 14.37 -8.05 -2.48
C ASP A 145 14.97 -7.54 -1.16
N VAL A 146 14.20 -7.66 -0.06
CA VAL A 146 14.64 -7.18 1.26
C VAL A 146 15.77 -8.03 1.85
N LYS A 147 15.92 -9.28 1.37
CA LYS A 147 16.98 -10.14 1.83
C LYS A 147 18.32 -9.75 1.21
N LYS A 148 18.35 -9.52 -0.11
CA LYS A 148 19.57 -9.14 -0.80
C LYS A 148 19.94 -7.69 -0.51
N PHE A 149 18.92 -6.81 -0.38
CA PHE A 149 19.15 -5.40 -0.09
C PHE A 149 18.31 -5.00 1.09
N PRO A 150 18.75 -5.27 2.33
CA PRO A 150 17.96 -4.83 3.49
C PRO A 150 17.94 -3.31 3.55
N GLY A 151 16.85 -2.74 4.03
CA GLY A 151 16.77 -1.30 4.20
C GLY A 151 15.40 -0.69 3.95
N LYS A 152 15.31 0.60 4.21
CA LYS A 152 14.09 1.40 4.13
C LYS A 152 13.80 1.80 2.69
N ARG A 153 12.61 1.44 2.24
CA ARG A 153 12.14 1.84 0.90
C ARG A 153 11.21 3.06 1.01
N ALA A 154 11.13 3.86 -0.07
CA ALA A 154 10.15 4.95 -0.18
C ALA A 154 9.46 4.80 -1.56
N LEU A 155 8.13 4.88 -1.56
CA LEU A 155 7.29 4.76 -2.77
C LEU A 155 6.32 5.92 -2.80
N TRP A 156 5.77 6.23 -3.98
CA TRP A 156 4.82 7.31 -4.12
C TRP A 156 3.52 6.89 -3.44
N ASN A 157 2.79 7.87 -2.87
CA ASN A 157 1.48 7.54 -2.29
C ASN A 157 0.36 7.46 -3.40
N GLN A 158 0.73 7.53 -4.70
CA GLN A 158 -0.20 7.36 -5.83
C GLN A 158 0.24 6.15 -6.65
N PRO A 159 -0.68 5.43 -7.34
CA PRO A 159 -0.28 4.12 -7.90
C PRO A 159 0.45 4.06 -9.24
N ILE A 160 0.43 5.14 -10.05
CA ILE A 160 1.05 5.08 -11.38
C ILE A 160 2.56 4.91 -11.29
N GLY A 161 3.06 3.84 -11.88
CA GLY A 161 4.48 3.49 -11.80
C GLY A 161 4.74 2.51 -10.67
N MET A 162 3.87 2.46 -9.65
CA MET A 162 4.07 1.59 -8.47
C MET A 162 3.49 0.21 -8.70
N ILE A 163 2.28 0.13 -9.25
CA ILE A 163 1.64 -1.16 -9.58
C ILE A 163 2.52 -1.89 -10.62
N GLU A 164 2.99 -1.15 -11.64
CA GLU A 164 3.80 -1.73 -12.71
C GLU A 164 5.15 -2.19 -12.18
N ALA A 165 5.78 -1.42 -11.24
CA ALA A 165 7.05 -1.79 -10.56
C ALA A 165 6.89 -3.19 -9.92
N ALA A 166 5.76 -3.41 -9.18
CA ALA A 166 5.42 -4.70 -8.58
C ALA A 166 5.34 -5.82 -9.62
N ALA A 167 4.69 -5.56 -10.80
CA ALA A 167 4.59 -6.54 -11.89
C ALA A 167 6.00 -6.90 -12.39
N LEU A 168 6.88 -5.89 -12.59
CA LEU A 168 8.28 -6.11 -12.99
C LEU A 168 9.07 -6.90 -11.93
N ALA A 169 8.81 -6.64 -10.62
CA ALA A 169 9.48 -7.34 -9.53
C ALA A 169 9.09 -8.82 -9.51
N LEU A 170 7.87 -9.16 -10.02
CA LEU A 170 7.41 -10.54 -10.09
C LEU A 170 8.04 -11.29 -11.27
N GLY A 171 8.90 -10.62 -12.04
CA GLY A 171 9.59 -11.20 -13.19
C GLY A 171 8.92 -11.02 -14.53
N THR A 172 7.92 -10.10 -14.63
CA THR A 172 7.24 -9.83 -15.88
C THR A 172 8.21 -9.10 -16.82
N PRO A 173 8.38 -9.54 -18.10
CA PRO A 173 9.25 -8.79 -19.02
C PRO A 173 8.70 -7.38 -19.22
N ARG A 174 9.60 -6.38 -19.39
CA ARG A 174 9.25 -4.97 -19.56
C ARG A 174 8.19 -4.75 -20.65
N ASP A 175 8.26 -5.51 -21.79
CA ASP A 175 7.31 -5.38 -22.89
C ASP A 175 5.95 -6.07 -22.62
N LYS A 176 5.81 -6.76 -21.46
CA LYS A 176 4.58 -7.49 -21.11
C LYS A 176 3.88 -6.99 -19.85
N VAL A 177 4.38 -5.90 -19.26
CA VAL A 177 3.84 -5.27 -18.03
C VAL A 177 2.31 -5.21 -18.05
N TYR A 178 1.76 -4.56 -19.07
CA TYR A 178 0.34 -4.29 -19.18
C TYR A 178 -0.45 -5.50 -19.64
N GLU A 179 0.19 -6.45 -20.33
CA GLU A 179 -0.44 -7.70 -20.71
C GLU A 179 -0.68 -8.51 -19.42
N PHE A 180 0.32 -8.59 -18.51
CA PHE A 180 0.23 -9.23 -17.20
C PHE A 180 -0.83 -8.54 -16.29
N LEU A 181 -0.86 -7.20 -16.28
CA LEU A 181 -1.86 -6.46 -15.51
C LEU A 181 -3.28 -6.46 -16.16
N SER A 182 -3.47 -7.07 -17.35
CA SER A 182 -4.78 -7.09 -18.01
C SER A 182 -5.74 -8.12 -17.37
N THR A 183 -5.22 -8.98 -16.50
CA THR A 183 -5.97 -10.03 -15.83
C THR A 183 -6.18 -9.74 -14.36
N GLU A 184 -7.29 -10.24 -13.79
CA GLU A 184 -7.57 -10.09 -12.36
C GLU A 184 -6.48 -10.76 -11.53
N GLU A 185 -5.97 -11.93 -12.02
CA GLU A 185 -4.90 -12.69 -11.38
C GLU A 185 -3.60 -11.85 -11.29
N GLY A 186 -3.22 -11.22 -12.40
CA GLY A 186 -2.01 -10.40 -12.47
C GLY A 186 -2.08 -9.16 -11.62
N ARG A 187 -3.27 -8.50 -11.58
CA ARG A 187 -3.51 -7.29 -10.78
C ARG A 187 -3.45 -7.62 -9.28
N LYS A 188 -4.07 -8.74 -8.88
CA LYS A 188 -4.04 -9.19 -7.49
C LYS A 188 -2.64 -9.60 -7.06
N ALA A 189 -1.86 -10.24 -7.97
CA ALA A 189 -0.46 -10.64 -7.70
C ALA A 189 0.45 -9.41 -7.52
N ALA A 190 0.26 -8.34 -8.35
CA ALA A 190 1.05 -7.10 -8.21
C ALA A 190 0.74 -6.46 -6.84
N ILE A 191 -0.55 -6.44 -6.41
CA ILE A 191 -0.96 -5.87 -5.12
C ILE A 191 -0.35 -6.69 -3.97
N ALA A 192 -0.39 -8.03 -4.08
CA ALA A 192 0.21 -8.97 -3.09
C ALA A 192 1.72 -8.69 -2.96
N LYS A 193 2.40 -8.43 -4.08
CA LYS A 193 3.82 -8.13 -4.11
C LYS A 193 4.10 -6.80 -3.39
N LEU A 194 3.25 -5.78 -3.58
CA LEU A 194 3.39 -4.50 -2.85
C LEU A 194 3.11 -4.68 -1.35
N THR A 195 2.10 -5.51 -1.00
CA THR A 195 1.75 -5.82 0.39
C THR A 195 2.93 -6.49 1.11
N GLU A 196 3.65 -7.38 0.38
CA GLU A 196 4.82 -8.11 0.91
C GLU A 196 5.95 -7.10 1.22
N LEU A 197 6.13 -6.09 0.37
CA LEU A 197 7.17 -5.06 0.56
C LEU A 197 6.80 -4.00 1.59
N ALA A 198 5.49 -3.69 1.75
CA ALA A 198 4.95 -2.63 2.61
C ALA A 198 5.64 -2.49 4.00
N PRO A 199 5.91 -3.57 4.80
CA PRO A 199 6.60 -3.36 6.10
C PRO A 199 7.99 -2.72 6.01
N SER A 200 8.65 -2.83 4.83
CA SER A 200 9.97 -2.23 4.61
C SER A 200 9.89 -0.81 4.02
N VAL A 201 8.67 -0.31 3.81
CA VAL A 201 8.44 1.01 3.25
C VAL A 201 8.31 1.98 4.42
N SER A 202 9.31 2.85 4.63
CA SER A 202 9.29 3.77 5.77
C SER A 202 8.54 5.05 5.46
N VAL A 203 8.45 5.42 4.18
CA VAL A 203 7.74 6.65 3.77
C VAL A 203 7.01 6.45 2.45
N TRP A 204 5.77 6.91 2.40
CA TRP A 204 4.99 6.95 1.16
C TRP A 204 5.04 8.43 0.78
N TRP A 205 6.04 8.80 -0.04
CA TRP A 205 6.26 10.21 -0.41
C TRP A 205 5.10 10.77 -1.26
N GLU A 206 4.81 12.07 -1.09
CA GLU A 206 3.66 12.74 -1.73
C GLU A 206 4.04 13.71 -2.86
N SER A 207 5.20 14.36 -2.75
CA SER A 207 5.59 15.34 -3.78
C SER A 207 7.01 15.09 -4.18
N GLY A 208 7.37 15.55 -5.38
CA GLY A 208 8.73 15.41 -5.88
C GLY A 208 9.77 16.09 -5.00
N ALA A 209 9.42 17.26 -4.41
CA ALA A 209 10.36 17.98 -3.53
C ALA A 209 10.56 17.19 -2.23
N GLN A 210 9.49 16.55 -1.72
CA GLN A 210 9.62 15.71 -0.51
C GLN A 210 10.53 14.51 -0.83
N ALA A 211 10.38 13.92 -1.99
CA ALA A 211 11.23 12.78 -2.42
C ALA A 211 12.69 13.28 -2.51
N ALA A 212 12.94 14.43 -3.17
CA ALA A 212 14.30 14.99 -3.26
C ALA A 212 14.91 15.23 -1.87
N GLN A 213 14.09 15.72 -0.91
CA GLN A 213 14.58 16.01 0.45
C GLN A 213 14.97 14.71 1.20
N LEU A 214 14.18 13.62 1.03
CA LEU A 214 14.50 12.31 1.64
C LEU A 214 15.86 11.85 1.11
N ILE A 215 16.12 12.07 -0.17
CA ILE A 215 17.38 11.70 -0.83
C ILE A 215 18.53 12.56 -0.26
N LYS A 216 18.35 13.91 -0.23
CA LYS A 216 19.41 14.78 0.30
C LYS A 216 19.72 14.46 1.76
N ASP A 217 18.69 14.15 2.56
CA ASP A 217 18.91 13.82 3.96
C ASP A 217 19.41 12.37 4.22
N GLY A 218 19.36 11.50 3.21
CA GLY A 218 19.73 10.10 3.38
C GLY A 218 18.78 9.40 4.33
N GLU A 219 17.50 9.81 4.34
CA GLU A 219 16.46 9.26 5.24
C GLU A 219 15.92 7.91 4.77
N VAL A 220 16.16 7.56 3.51
CA VAL A 220 15.69 6.29 2.93
C VAL A 220 16.92 5.60 2.33
N ASP A 221 16.84 4.28 2.15
CA ASP A 221 17.94 3.51 1.55
C ASP A 221 17.75 3.38 0.04
N MET A 222 16.48 3.37 -0.39
CA MET A 222 16.15 3.32 -1.80
C MET A 222 14.77 3.87 -2.01
N ILE A 223 14.53 4.38 -3.22
CA ILE A 223 13.28 5.07 -3.54
C ILE A 223 12.94 4.92 -5.00
N ILE A 224 11.65 4.87 -5.29
CA ILE A 224 11.15 4.93 -6.68
C ILE A 224 10.54 6.34 -6.78
N THR A 225 11.14 7.18 -7.62
CA THR A 225 10.70 8.57 -7.82
C THR A 225 11.13 9.05 -9.20
N TRP A 226 10.90 10.33 -9.48
CA TRP A 226 11.13 10.91 -10.81
C TRP A 226 12.55 11.36 -11.00
N GLY A 227 13.12 11.01 -12.16
CA GLY A 227 14.52 11.24 -12.48
C GLY A 227 15.08 12.63 -12.27
N GLY A 228 14.30 13.66 -12.62
CA GLY A 228 14.71 15.05 -12.44
C GLY A 228 14.84 15.43 -10.98
N ARG A 229 13.92 14.93 -10.14
CA ARG A 229 14.00 15.13 -8.67
C ARG A 229 15.27 14.49 -8.09
N VAL A 230 15.62 13.27 -8.56
CA VAL A 230 16.80 12.52 -8.11
C VAL A 230 18.05 13.25 -8.54
N GLN A 231 18.17 13.58 -9.83
CA GLN A 231 19.38 14.28 -10.33
C GLN A 231 19.59 15.63 -9.64
N GLY A 232 18.49 16.31 -9.31
CA GLY A 232 18.57 17.60 -8.62
C GLY A 232 19.09 17.43 -7.20
N ALA A 233 18.62 16.35 -6.53
CA ALA A 233 19.09 16.04 -5.17
C ALA A 233 20.60 15.70 -5.20
N ILE A 234 21.06 14.92 -6.21
CA ILE A 234 22.47 14.57 -6.36
C ILE A 234 23.30 15.82 -6.65
N ASN A 235 22.77 16.73 -7.51
CA ASN A 235 23.44 18.00 -7.79
C ASN A 235 23.58 18.82 -6.50
N ASP A 236 22.60 18.69 -5.58
CA ASP A 236 22.62 19.42 -4.30
C ASP A 236 23.45 18.73 -3.21
N GLY A 237 24.17 17.66 -3.58
CA GLY A 237 25.09 16.95 -2.70
C GLY A 237 24.67 15.57 -2.21
N ALA A 238 23.45 15.08 -2.54
CA ALA A 238 23.01 13.76 -2.10
C ALA A 238 23.92 12.64 -2.52
N ASN A 239 24.25 11.74 -1.59
CA ASN A 239 25.14 10.61 -1.88
C ASN A 239 24.29 9.42 -2.38
N PHE A 240 23.63 9.63 -3.53
CA PHE A 240 22.74 8.63 -4.15
C PHE A 240 23.17 8.32 -5.56
N ALA A 241 22.76 7.18 -6.07
CA ALA A 241 22.97 6.80 -7.48
C ALA A 241 21.59 6.34 -8.01
N TYR A 242 21.44 6.21 -9.32
CA TYR A 242 20.17 5.78 -9.91
C TYR A 242 20.44 5.05 -11.21
N THR A 243 19.40 4.41 -11.74
CA THR A 243 19.48 3.66 -13.00
C THR A 243 18.17 3.87 -13.74
N PHE A 244 18.22 3.79 -15.07
CA PHE A 244 17.02 3.86 -15.91
C PHE A 244 16.47 2.45 -16.11
N ASN A 245 17.20 1.40 -15.66
CA ASN A 245 16.76 0.02 -15.88
C ASN A 245 15.45 -0.22 -15.15
N ASP A 246 14.43 -0.75 -15.85
CA ASP A 246 13.06 -1.00 -15.33
C ASP A 246 12.29 0.27 -15.01
N ALA A 247 12.79 1.45 -15.41
CA ALA A 247 12.09 2.71 -15.16
C ALA A 247 10.89 2.85 -16.11
N GLN A 248 9.87 3.57 -15.67
CA GLN A 248 8.70 3.83 -16.51
C GLN A 248 8.93 5.17 -17.22
N LEU A 249 8.84 5.15 -18.55
CA LEU A 249 8.92 6.37 -19.38
C LEU A 249 7.54 7.06 -19.38
N GLY A 250 7.48 8.19 -18.72
CA GLY A 250 6.25 8.97 -18.58
C GLY A 250 6.27 10.21 -19.46
N THR A 251 5.10 10.84 -19.57
CA THR A 251 4.92 12.06 -20.32
C THR A 251 4.10 13.01 -19.48
N ASP A 252 4.63 14.20 -19.27
CA ASP A 252 3.93 15.24 -18.55
C ASP A 252 3.40 16.24 -19.59
N GLY A 253 2.34 16.95 -19.24
CA GLY A 253 1.78 17.96 -20.13
C GLY A 253 0.74 18.82 -19.47
N TYR A 254 0.07 19.62 -20.28
CA TYR A 254 -0.91 20.59 -19.83
C TYR A 254 -2.28 20.32 -20.37
N ALA A 255 -3.29 20.69 -19.57
CA ALA A 255 -4.69 20.59 -19.93
C ALA A 255 -5.34 21.85 -19.33
N ILE A 256 -6.51 22.21 -19.86
CA ILE A 256 -7.25 23.36 -19.39
C ILE A 256 -8.46 22.83 -18.65
N VAL A 257 -8.68 23.34 -17.45
CA VAL A 257 -9.77 22.90 -16.57
C VAL A 257 -11.12 23.30 -17.16
N LYS A 258 -12.10 22.36 -17.16
CA LYS A 258 -13.45 22.62 -17.65
C LYS A 258 -14.05 23.76 -16.85
N GLY A 259 -14.45 24.82 -17.55
CA GLY A 259 -15.04 26.02 -16.95
C GLY A 259 -14.01 26.99 -16.41
N ALA A 260 -12.74 26.89 -16.90
CA ALA A 260 -11.62 27.77 -16.50
C ALA A 260 -12.04 29.25 -16.62
N PRO A 261 -11.82 30.11 -15.61
CA PRO A 261 -12.27 31.51 -15.72
C PRO A 261 -11.60 32.30 -16.86
N HIS A 262 -10.40 31.89 -17.29
CA HIS A 262 -9.67 32.57 -18.37
C HIS A 262 -9.34 31.61 -19.48
N ARG A 263 -10.32 30.79 -19.86
CA ARG A 263 -10.21 29.74 -20.88
C ARG A 263 -9.48 30.17 -22.16
N ASP A 264 -9.94 31.25 -22.81
CA ASP A 264 -9.37 31.71 -24.08
C ASP A 264 -7.94 32.24 -23.95
N ALA A 265 -7.66 33.00 -22.88
CA ALA A 265 -6.31 33.49 -22.56
C ALA A 265 -5.38 32.28 -22.27
N ALA A 266 -5.88 31.27 -21.53
CA ALA A 266 -5.14 30.05 -21.18
C ALA A 266 -4.76 29.27 -22.44
N MET A 267 -5.69 29.20 -23.42
CA MET A 267 -5.50 28.54 -24.71
C MET A 267 -4.33 29.18 -25.46
N ARG A 268 -4.30 30.53 -25.54
CA ARG A 268 -3.24 31.32 -26.19
C ARG A 268 -1.90 31.13 -25.44
N PHE A 269 -1.94 31.12 -24.10
CA PHE A 269 -0.77 30.93 -23.24
C PHE A 269 -0.17 29.53 -23.47
N LEU A 270 -1.04 28.49 -23.54
CA LEU A 270 -0.61 27.12 -23.78
C LEU A 270 0.01 26.97 -25.17
N LYS A 271 -0.60 27.62 -26.20
CA LYS A 271 -0.10 27.59 -27.58
C LYS A 271 1.33 28.15 -27.60
N GLU A 272 1.53 29.31 -26.98
CA GLU A 272 2.83 29.97 -26.90
C GLU A 272 3.91 29.16 -26.17
N MET A 273 3.66 28.72 -24.93
CA MET A 273 4.64 27.98 -24.11
C MET A 273 5.03 26.62 -24.69
N SER A 274 4.20 26.06 -25.61
CA SER A 274 4.47 24.77 -26.24
C SER A 274 5.49 24.89 -27.38
N LYS A 275 5.82 26.14 -27.78
CA LYS A 275 6.77 26.41 -28.87
C LYS A 275 8.20 25.99 -28.55
N ALA A 276 8.93 25.56 -29.61
CA ALA A 276 10.31 25.10 -29.55
C ALA A 276 11.27 26.12 -28.91
N GLU A 277 11.07 27.43 -29.18
CA GLU A 277 11.90 28.51 -28.62
C GLU A 277 11.90 28.57 -27.07
N TYR A 278 10.85 28.03 -26.42
CA TYR A 278 10.76 27.98 -24.94
C TYR A 278 11.15 26.60 -24.45
N GLN A 279 10.66 25.54 -25.11
CA GLN A 279 10.95 24.14 -24.77
C GLN A 279 12.46 23.84 -24.71
N LYS A 280 13.26 24.52 -25.58
CA LYS A 280 14.71 24.33 -25.63
C LYS A 280 15.37 24.63 -24.27
N ASP A 281 14.80 25.60 -23.52
CA ASP A 281 15.30 26.04 -22.22
C ASP A 281 14.81 25.20 -21.04
N LEU A 282 13.83 24.32 -21.27
CA LEU A 282 13.29 23.49 -20.19
C LEU A 282 14.38 22.66 -19.43
N PRO A 283 15.36 22.01 -20.08
CA PRO A 283 16.34 21.24 -19.31
C PRO A 283 17.56 22.03 -18.81
N ASN A 284 17.53 23.38 -18.86
CA ASN A 284 18.67 24.21 -18.45
C ASN A 284 19.12 24.03 -16.99
N SER A 285 18.16 24.01 -16.04
CA SER A 285 18.41 23.88 -14.59
C SER A 285 17.63 22.72 -13.92
N PHE A 286 17.04 21.83 -14.74
CA PHE A 286 16.32 20.67 -14.24
C PHE A 286 16.48 19.53 -15.25
N ALA A 287 16.80 18.32 -14.76
CA ALA A 287 17.01 17.19 -15.63
C ALA A 287 15.68 16.62 -16.15
N THR A 288 15.23 17.16 -17.29
CA THR A 288 14.01 16.71 -17.95
C THR A 288 14.27 16.67 -19.45
N ALA A 289 13.33 16.14 -20.23
CA ALA A 289 13.50 16.05 -21.69
C ALA A 289 12.34 16.77 -22.37
N PRO A 290 12.58 17.86 -23.13
CA PRO A 290 11.46 18.55 -23.80
C PRO A 290 10.68 17.61 -24.74
N ALA A 291 9.36 17.76 -24.78
CA ALA A 291 8.45 16.99 -25.64
C ALA A 291 8.47 17.48 -27.10
N ASN A 292 8.68 18.80 -27.30
CA ASN A 292 8.73 19.36 -28.65
C ASN A 292 10.05 18.96 -29.32
N MET A 293 9.98 18.03 -30.29
CA MET A 293 11.12 17.47 -31.03
C MET A 293 11.99 18.58 -31.69
N LYS A 294 11.38 19.73 -32.05
CA LYS A 294 12.07 20.87 -32.68
C LYS A 294 13.05 21.60 -31.75
N ALA A 295 12.84 21.46 -30.42
CA ALA A 295 13.70 22.02 -29.38
C ALA A 295 15.14 21.49 -29.50
N TYR A 296 15.29 20.19 -29.86
CA TYR A 296 16.57 19.50 -29.95
C TYR A 296 17.48 20.09 -31.02
N ASP A 297 16.90 20.54 -32.13
CA ASP A 297 17.63 21.19 -33.21
C ASP A 297 18.11 22.61 -32.79
N LEU A 298 17.29 23.31 -31.98
CA LEU A 298 17.63 24.66 -31.52
C LEU A 298 18.71 24.67 -30.42
N ALA A 299 18.53 23.83 -29.40
CA ALA A 299 19.40 23.77 -28.24
C ALA A 299 20.73 23.06 -28.47
N LYS A 300 20.74 22.03 -29.37
CA LYS A 300 21.90 21.20 -29.70
C LYS A 300 22.59 20.72 -28.40
N TYR A 301 21.84 19.94 -27.60
CA TYR A 301 22.30 19.40 -26.31
C TYR A 301 23.56 18.56 -26.44
N THR A 302 24.44 18.63 -25.43
CA THR A 302 25.69 17.88 -25.38
C THR A 302 25.35 16.41 -25.08
N PRO A 303 26.18 15.41 -25.45
CA PRO A 303 25.84 14.01 -25.12
C PRO A 303 25.72 13.79 -23.60
N GLU A 304 26.46 14.61 -22.80
CA GLU A 304 26.41 14.59 -21.34
C GLU A 304 25.01 14.98 -20.89
N LYS A 305 24.47 16.08 -21.46
CA LYS A 305 23.11 16.55 -21.16
C LYS A 305 22.08 15.50 -21.63
N MET A 306 22.30 14.90 -22.83
CA MET A 306 21.42 13.86 -23.39
C MET A 306 21.29 12.64 -22.49
N ALA A 307 22.41 12.21 -21.86
CA ALA A 307 22.46 11.06 -20.96
C ALA A 307 21.52 11.16 -19.79
N THR A 308 21.19 12.38 -19.36
CA THR A 308 20.29 12.59 -18.21
C THR A 308 18.80 12.51 -18.59
N MET A 309 18.51 12.52 -19.91
CA MET A 309 17.14 12.58 -20.44
C MET A 309 16.45 11.25 -20.56
N ALA A 310 15.25 11.20 -20.00
CA ALA A 310 14.46 9.98 -20.00
C ALA A 310 14.24 9.39 -21.39
N SER A 311 13.99 10.28 -22.38
CA SER A 311 13.70 9.91 -23.76
C SER A 311 14.94 9.71 -24.65
N ALA A 312 16.18 9.85 -24.11
CA ALA A 312 17.39 9.59 -24.93
C ALA A 312 17.43 8.08 -25.35
N PRO A 313 17.81 7.77 -26.62
CA PRO A 313 17.83 6.36 -27.07
C PRO A 313 18.48 5.32 -26.13
N GLU A 314 19.65 5.63 -25.54
CA GLU A 314 20.38 4.77 -24.59
C GLU A 314 19.52 4.45 -23.34
N ASN A 315 18.74 5.44 -22.89
CA ASN A 315 17.91 5.30 -21.72
C ASN A 315 16.58 4.62 -22.01
N VAL A 316 16.01 4.87 -23.20
CA VAL A 316 14.73 4.32 -23.62
C VAL A 316 14.78 2.78 -23.72
N ALA A 317 15.90 2.25 -24.23
CA ALA A 317 16.10 0.82 -24.41
C ALA A 317 15.84 -0.03 -23.16
N VAL A 318 16.10 0.51 -21.95
CA VAL A 318 15.95 -0.22 -20.68
C VAL A 318 14.66 0.13 -19.91
N GLN A 319 13.79 0.94 -20.52
CA GLN A 319 12.52 1.35 -19.92
C GLN A 319 11.34 0.74 -20.65
N TYR A 320 10.14 1.02 -20.16
CA TYR A 320 8.88 0.67 -20.83
C TYR A 320 8.03 1.96 -20.69
N SER A 321 7.15 2.23 -21.68
CA SER A 321 6.32 3.44 -21.61
C SER A 321 5.07 3.20 -20.77
N VAL A 322 4.61 4.23 -20.03
CA VAL A 322 3.34 4.15 -19.31
C VAL A 322 2.20 3.92 -20.36
N ASP A 323 1.19 3.13 -20.01
CA ASP A 323 0.05 2.87 -20.91
C ASP A 323 -1.19 3.59 -20.37
N PRO A 324 -1.58 4.74 -20.98
CA PRO A 324 -2.78 5.47 -20.50
C PRO A 324 -4.08 4.64 -20.59
N ASN A 325 -4.15 3.67 -21.53
CA ASN A 325 -5.30 2.78 -21.71
C ASN A 325 -5.47 1.89 -20.48
N PHE A 326 -4.38 1.42 -19.84
CA PHE A 326 -4.52 0.60 -18.62
C PHE A 326 -5.18 1.44 -17.52
N TRP A 327 -4.68 2.67 -17.33
CA TRP A 327 -5.15 3.59 -16.31
C TRP A 327 -6.57 4.12 -16.59
N ALA A 328 -6.95 4.21 -17.87
CA ALA A 328 -8.33 4.59 -18.24
C ALA A 328 -9.31 3.53 -17.72
N LYS A 329 -8.90 2.25 -17.72
CA LYS A 329 -9.75 1.12 -17.31
C LYS A 329 -9.69 0.78 -15.83
N HIS A 330 -8.49 0.85 -15.23
CA HIS A 330 -8.29 0.31 -13.88
C HIS A 330 -7.81 1.30 -12.82
N ALA A 331 -7.86 2.62 -13.09
CA ALA A 331 -7.39 3.58 -12.08
C ALA A 331 -8.17 3.55 -10.76
N LYS A 332 -9.51 3.39 -10.80
CA LYS A 332 -10.35 3.35 -9.60
C LYS A 332 -9.98 2.15 -8.70
N TRP A 333 -9.84 0.95 -9.30
CA TRP A 333 -9.46 -0.28 -8.61
C TRP A 333 -8.06 -0.08 -8.01
N ALA A 334 -7.12 0.44 -8.81
CA ALA A 334 -5.73 0.62 -8.40
C ALA A 334 -5.55 1.60 -7.26
N SER A 335 -6.30 2.73 -7.28
CA SER A 335 -6.21 3.73 -6.21
C SER A 335 -6.73 3.15 -4.90
N GLU A 336 -7.84 2.42 -4.94
CA GLU A 336 -8.40 1.80 -3.74
C GLU A 336 -7.51 0.66 -3.21
N ALA A 337 -7.04 -0.26 -4.06
CA ALA A 337 -6.16 -1.37 -3.62
C ALA A 337 -4.79 -0.84 -3.09
N TYR A 338 -4.24 0.19 -3.75
CA TYR A 338 -2.96 0.80 -3.32
C TYR A 338 -3.11 1.60 -2.02
N ASP A 339 -4.24 2.33 -1.82
CA ASP A 339 -4.54 3.03 -0.56
C ASP A 339 -4.53 2.00 0.58
N ASN A 340 -5.15 0.83 0.35
CA ASN A 340 -5.20 -0.24 1.35
C ASN A 340 -3.78 -0.79 1.71
N VAL A 341 -2.86 -0.86 0.74
CA VAL A 341 -1.48 -1.31 0.93
C VAL A 341 -0.75 -0.35 1.89
N ARG A 342 -0.86 0.97 1.61
CA ARG A 342 -0.16 2.02 2.36
C ARG A 342 -0.68 2.27 3.75
N LEU A 343 -1.83 1.72 4.09
CA LEU A 343 -2.41 1.95 5.40
C LEU A 343 -1.65 1.20 6.50
N SER A 344 -1.00 0.07 6.14
CA SER A 344 -0.12 -0.81 6.92
C SER A 344 0.78 -0.02 7.89
N HIS B 20 -28.32 -24.08 16.23
CA HIS B 20 -27.16 -23.53 16.95
C HIS B 20 -26.85 -22.07 16.50
N MET B 21 -26.99 -21.11 17.44
CA MET B 21 -26.86 -19.66 17.19
C MET B 21 -25.64 -18.94 17.81
N ASP B 22 -24.82 -19.64 18.63
CA ASP B 22 -23.65 -19.02 19.22
C ASP B 22 -22.53 -18.92 18.19
N VAL B 23 -21.78 -17.82 18.22
CA VAL B 23 -20.55 -17.66 17.43
C VAL B 23 -19.51 -18.55 18.18
N VAL B 24 -18.85 -19.46 17.47
CA VAL B 24 -17.85 -20.33 18.06
C VAL B 24 -16.46 -19.71 17.83
N ILE B 25 -15.74 -19.39 18.94
CA ILE B 25 -14.39 -18.81 18.89
C ILE B 25 -13.37 -19.78 19.51
N ALA B 26 -12.24 -20.03 18.84
CA ALA B 26 -11.26 -20.98 19.32
C ALA B 26 -9.88 -20.41 19.44
N SER B 27 -9.23 -20.62 20.61
CA SER B 27 -7.82 -20.24 20.81
C SER B 27 -7.08 -21.46 21.42
N SER B 28 -5.90 -21.27 22.02
CA SER B 28 -5.09 -22.39 22.45
C SER B 28 -5.09 -22.72 23.97
N GLY B 29 -6.13 -22.27 24.68
CA GLY B 29 -6.35 -22.55 26.11
C GLY B 29 -5.45 -21.83 27.09
N GLY B 30 -5.58 -22.20 28.37
CA GLY B 30 -4.78 -21.69 29.48
C GLY B 30 -4.95 -20.21 29.73
N GLY B 31 -3.89 -19.60 30.29
CA GLY B 31 -3.88 -18.18 30.66
C GLY B 31 -4.12 -17.24 29.49
N TRP B 32 -3.64 -17.63 28.30
CA TRP B 32 -3.79 -16.83 27.07
C TRP B 32 -5.27 -16.77 26.65
N GLN B 33 -5.97 -17.93 26.64
CA GLN B 33 -7.40 -17.97 26.28
C GLN B 33 -8.22 -17.23 27.31
N GLU B 34 -7.84 -17.36 28.60
CA GLU B 34 -8.56 -16.68 29.69
C GLU B 34 -8.45 -15.16 29.53
N ALA B 35 -7.25 -14.65 29.18
CA ALA B 35 -7.03 -13.21 28.97
C ALA B 35 -7.88 -12.69 27.79
N GLN B 36 -7.92 -13.45 26.66
CA GLN B 36 -8.72 -13.05 25.51
C GLN B 36 -10.19 -13.05 25.88
N ASP B 37 -10.64 -14.07 26.61
CA ASP B 37 -12.05 -14.15 26.99
C ASP B 37 -12.48 -12.98 27.87
N LYS B 38 -11.66 -12.65 28.87
CA LYS B 38 -11.99 -11.61 29.84
C LYS B 38 -11.87 -10.21 29.27
N ALA B 39 -10.80 -9.95 28.52
CA ALA B 39 -10.56 -8.62 27.95
C ALA B 39 -11.31 -8.33 26.65
N LEU B 40 -11.47 -9.35 25.79
CA LEU B 40 -12.03 -9.14 24.45
C LEU B 40 -13.38 -9.79 24.19
N TRP B 41 -13.50 -11.12 24.35
CA TRP B 41 -14.70 -11.87 23.95
C TRP B 41 -15.93 -11.53 24.77
N ALA B 42 -15.87 -11.64 26.11
CA ALA B 42 -17.03 -11.33 26.97
C ALA B 42 -17.48 -9.85 26.87
N PRO B 43 -16.59 -8.81 26.92
CA PRO B 43 -17.09 -7.43 26.80
C PRO B 43 -17.59 -7.09 25.39
N ALA B 44 -16.98 -7.64 24.30
CA ALA B 44 -17.48 -7.33 22.94
C ALA B 44 -18.78 -8.05 22.62
N ALA B 45 -18.98 -9.27 23.16
CA ALA B 45 -20.22 -10.01 22.92
C ALA B 45 -21.37 -9.28 23.60
N LYS B 46 -21.09 -8.75 24.81
CA LYS B 46 -22.05 -7.99 25.62
C LYS B 46 -22.47 -6.71 24.88
N ALA B 47 -21.50 -5.97 24.31
CA ALA B 47 -21.74 -4.71 23.61
C ALA B 47 -22.56 -4.89 22.31
N LEU B 48 -22.42 -6.05 21.64
CA LEU B 48 -23.13 -6.37 20.40
C LEU B 48 -24.39 -7.20 20.62
N ASN B 49 -24.73 -7.52 21.88
CA ASN B 49 -25.90 -8.35 22.22
C ASN B 49 -25.85 -9.69 21.47
N ILE B 50 -24.66 -10.35 21.49
CA ILE B 50 -24.41 -11.64 20.85
C ILE B 50 -23.91 -12.70 21.84
N THR B 51 -24.15 -13.97 21.53
CA THR B 51 -23.72 -15.08 22.39
C THR B 51 -22.63 -15.85 21.67
N TYR B 52 -21.68 -16.36 22.44
CA TYR B 52 -20.56 -17.10 21.89
C TYR B 52 -20.24 -18.33 22.73
N THR B 53 -19.55 -19.29 22.10
CA THR B 53 -19.07 -20.53 22.69
C THR B 53 -17.58 -20.59 22.41
N GLN B 54 -16.81 -21.06 23.40
CA GLN B 54 -15.37 -21.20 23.29
C GLN B 54 -15.02 -22.61 22.94
N ASP B 55 -13.92 -22.77 22.22
CA ASP B 55 -13.33 -24.06 21.96
C ASP B 55 -11.80 -23.87 22.06
N THR B 56 -11.04 -24.98 22.15
CA THR B 56 -9.59 -24.89 22.19
C THR B 56 -8.99 -25.78 21.12
N PHE B 57 -7.84 -25.40 20.59
CA PHE B 57 -7.15 -26.20 19.57
C PHE B 57 -5.68 -25.79 19.57
N GLN B 58 -4.81 -26.58 18.93
CA GLN B 58 -3.38 -26.27 18.96
C GLN B 58 -2.74 -26.10 17.60
N ASN B 59 -3.44 -26.48 16.50
CA ASN B 59 -2.86 -26.34 15.16
C ASN B 59 -3.95 -25.94 14.16
N TRP B 60 -3.67 -24.97 13.25
CA TRP B 60 -4.65 -24.56 12.24
C TRP B 60 -5.08 -25.74 11.31
N ALA B 61 -4.27 -26.82 11.27
CA ALA B 61 -4.58 -28.03 10.47
C ALA B 61 -5.92 -28.63 10.94
N GLU B 62 -6.34 -28.33 12.18
CA GLU B 62 -7.63 -28.81 12.71
C GLU B 62 -8.77 -28.02 12.02
N ALA B 63 -8.57 -26.71 11.73
CA ALA B 63 -9.57 -25.92 11.02
C ALA B 63 -9.61 -26.41 9.56
N ARG B 64 -8.43 -26.73 8.97
CA ARG B 64 -8.31 -27.29 7.61
C ARG B 64 -9.14 -28.58 7.49
N ALA B 65 -9.10 -29.44 8.52
CA ALA B 65 -9.85 -30.70 8.56
C ALA B 65 -11.34 -30.45 8.50
N GLN B 66 -11.85 -29.38 9.18
CA GLN B 66 -13.30 -29.08 9.14
C GLN B 66 -13.72 -28.65 7.74
N VAL B 67 -12.94 -27.75 7.13
CA VAL B 67 -13.20 -27.22 5.79
C VAL B 67 -13.18 -28.35 4.76
N GLU B 68 -12.18 -29.24 4.84
CA GLU B 68 -12.06 -30.35 3.90
C GLU B 68 -13.16 -31.40 4.06
N SER B 69 -13.72 -31.54 5.28
CA SER B 69 -14.79 -32.50 5.59
C SER B 69 -16.18 -31.96 5.29
N GLY B 70 -16.30 -30.63 5.16
CA GLY B 70 -17.58 -29.99 4.91
C GLY B 70 -18.45 -29.88 6.15
N SER B 71 -17.81 -29.89 7.32
CA SER B 71 -18.52 -29.77 8.58
C SER B 71 -17.79 -28.76 9.44
N VAL B 72 -17.94 -27.48 9.06
CA VAL B 72 -17.33 -26.36 9.74
C VAL B 72 -18.18 -25.98 10.95
N THR B 73 -17.63 -26.08 12.15
CA THR B 73 -18.31 -25.72 13.40
C THR B 73 -17.71 -24.46 14.02
N TRP B 74 -16.43 -24.17 13.72
CA TRP B 74 -15.77 -22.98 14.25
C TRP B 74 -16.07 -21.78 13.38
N ASP B 75 -16.16 -20.59 14.00
CA ASP B 75 -16.41 -19.34 13.30
C ASP B 75 -15.09 -18.55 13.28
N ILE B 76 -14.58 -18.21 14.47
CA ILE B 76 -13.32 -17.48 14.61
C ILE B 76 -12.22 -18.41 15.14
N ILE B 77 -11.03 -18.34 14.53
CA ILE B 77 -9.89 -19.09 15.00
C ILE B 77 -8.76 -18.12 15.29
N GLN B 78 -8.08 -18.35 16.43
CA GLN B 78 -6.91 -17.53 16.78
C GLN B 78 -5.69 -18.27 16.28
N ILE B 79 -4.96 -17.68 15.34
CA ILE B 79 -3.77 -18.29 14.75
C ILE B 79 -2.61 -17.34 14.79
N GLY B 80 -1.46 -17.79 14.30
CA GLY B 80 -0.26 -16.96 14.26
C GLY B 80 -0.10 -16.34 12.89
N ILE B 81 0.63 -15.22 12.83
CA ILE B 81 0.86 -14.52 11.55
C ILE B 81 1.54 -15.42 10.49
N ALA B 82 2.38 -16.39 10.93
CA ALA B 82 3.09 -17.27 9.99
C ALA B 82 2.22 -18.49 9.57
N ASP B 83 1.05 -18.68 10.24
CA ASP B 83 0.08 -19.71 9.86
C ASP B 83 -0.83 -19.17 8.73
N GLU B 84 -1.15 -17.85 8.79
CA GLU B 84 -2.05 -17.13 7.88
C GLU B 84 -1.77 -17.42 6.40
N PRO B 85 -0.55 -17.25 5.83
CA PRO B 85 -0.36 -17.55 4.40
C PRO B 85 -0.68 -18.99 4.02
N GLN B 86 -0.30 -19.96 4.86
CA GLN B 86 -0.55 -21.37 4.60
C GLN B 86 -2.05 -21.66 4.64
N ALA B 87 -2.74 -21.17 5.69
CA ALA B 87 -4.18 -21.36 5.87
C ALA B 87 -4.97 -20.71 4.72
N LYS B 88 -4.57 -19.48 4.31
CA LYS B 88 -5.20 -18.74 3.21
C LYS B 88 -5.05 -19.50 1.88
N ALA B 89 -3.82 -20.00 1.59
CA ALA B 89 -3.53 -20.73 0.36
C ALA B 89 -4.30 -22.06 0.30
N ALA B 90 -4.53 -22.69 1.45
CA ALA B 90 -5.28 -23.95 1.55
C ALA B 90 -6.83 -23.75 1.47
N GLY B 91 -7.28 -22.49 1.38
CA GLY B 91 -8.70 -22.15 1.31
C GLY B 91 -9.44 -22.35 2.64
N VAL B 92 -8.74 -22.13 3.74
CA VAL B 92 -9.29 -22.33 5.08
C VAL B 92 -9.91 -21.05 5.64
N LEU B 93 -9.51 -19.89 5.11
CA LEU B 93 -9.94 -18.60 5.65
C LEU B 93 -10.89 -17.79 4.76
N GLU B 94 -11.84 -17.09 5.40
CA GLU B 94 -12.76 -16.18 4.74
C GLU B 94 -12.02 -14.87 4.54
N LYS B 95 -12.32 -14.18 3.44
CA LYS B 95 -11.79 -12.84 3.21
C LYS B 95 -12.58 -11.94 4.15
N LEU B 96 -11.90 -11.09 4.90
CA LEU B 96 -12.56 -10.19 5.84
C LEU B 96 -13.09 -8.96 5.13
N ASP B 97 -14.21 -8.41 5.66
CA ASP B 97 -14.84 -7.22 5.10
C ASP B 97 -13.88 -6.06 5.16
N PRO B 98 -13.88 -5.20 4.14
CA PRO B 98 -13.14 -3.94 4.26
C PRO B 98 -14.18 -2.97 4.91
N ASP B 99 -13.87 -2.24 5.99
CA ASP B 99 -12.60 -2.10 6.69
C ASP B 99 -12.85 -2.56 8.13
N ILE B 100 -12.66 -3.88 8.34
CA ILE B 100 -12.80 -4.60 9.62
C ILE B 100 -12.11 -3.84 10.79
N VAL B 101 -10.96 -3.19 10.53
CA VAL B 101 -10.22 -2.36 11.47
C VAL B 101 -9.60 -1.25 10.67
N ASN B 102 -8.98 -0.29 11.34
CA ASN B 102 -8.23 0.71 10.63
C ASN B 102 -6.78 0.19 10.66
N LYS B 103 -6.26 -0.26 9.49
CA LYS B 103 -4.90 -0.82 9.34
C LYS B 103 -3.80 0.11 9.87
N ALA B 104 -4.04 1.44 9.85
CA ALA B 104 -3.09 2.45 10.35
C ALA B 104 -2.85 2.33 11.85
N ASP B 105 -3.79 1.71 12.59
CA ASP B 105 -3.69 1.51 14.04
C ASP B 105 -2.88 0.28 14.39
N PHE B 106 -2.41 -0.47 13.38
CA PHE B 106 -1.72 -1.74 13.61
C PHE B 106 -0.33 -1.79 12.97
N PRO B 107 0.64 -2.60 13.50
CA PRO B 107 1.93 -2.67 12.80
C PRO B 107 1.80 -3.12 11.33
N PRO B 108 2.65 -2.62 10.41
CA PRO B 108 2.55 -3.06 9.01
C PRO B 108 2.72 -4.56 8.87
N GLY B 109 1.82 -5.17 8.11
CA GLY B 109 1.81 -6.62 7.87
C GLY B 109 1.03 -7.41 8.92
N SER B 110 0.64 -6.77 10.04
CA SER B 110 -0.09 -7.47 11.10
C SER B 110 -1.60 -7.65 10.81
N VAL B 111 -2.11 -6.93 9.81
CA VAL B 111 -3.51 -7.01 9.35
C VAL B 111 -3.46 -7.32 7.87
N THR B 112 -4.08 -8.44 7.46
CA THR B 112 -4.14 -8.84 6.05
C THR B 112 -5.64 -8.88 5.64
N ASP B 113 -5.92 -9.30 4.40
CA ASP B 113 -7.29 -9.45 3.90
C ASP B 113 -8.02 -10.60 4.59
N SER B 114 -7.30 -11.44 5.38
CA SER B 114 -7.85 -12.63 6.06
C SER B 114 -7.48 -12.78 7.54
N PHE B 115 -6.79 -11.79 8.11
CA PHE B 115 -6.28 -11.90 9.49
C PHE B 115 -6.17 -10.55 10.14
N VAL B 116 -6.55 -10.46 11.42
CA VAL B 116 -6.46 -9.25 12.23
C VAL B 116 -5.67 -9.59 13.47
N ALA B 117 -4.51 -8.95 13.66
CA ALA B 117 -3.66 -9.17 14.85
C ALA B 117 -4.38 -8.79 16.14
N ASN B 118 -4.09 -9.52 17.22
CA ASN B 118 -4.58 -9.17 18.55
C ASN B 118 -3.42 -8.95 19.50
N SER B 119 -2.23 -9.51 19.23
CA SER B 119 -1.09 -9.31 20.15
C SER B 119 0.27 -9.66 19.56
N ASN B 120 1.33 -9.20 20.24
CA ASN B 120 2.70 -9.57 19.96
C ASN B 120 3.20 -10.38 21.17
N TYR B 121 4.04 -11.37 20.90
CA TYR B 121 4.59 -12.27 21.90
C TYR B 121 5.97 -12.75 21.45
N SER B 122 6.70 -13.40 22.36
CA SER B 122 8.04 -13.92 22.05
C SER B 122 8.10 -15.40 22.26
N THR B 123 8.84 -16.11 21.40
CA THR B 123 9.14 -17.54 21.58
C THR B 123 10.57 -17.48 22.12
N LEU B 124 10.74 -17.74 23.42
CA LEU B 124 12.02 -17.48 24.08
C LEU B 124 12.57 -18.61 24.98
N ILE B 125 13.81 -18.44 25.45
CA ILE B 125 14.52 -19.39 26.33
C ILE B 125 14.18 -19.12 27.78
N ALA B 126 13.75 -20.14 28.51
CA ALA B 126 13.57 -20.04 29.97
C ALA B 126 14.39 -21.19 30.59
N TRP B 127 14.99 -20.96 31.78
CA TRP B 127 15.76 -22.03 32.43
C TRP B 127 15.43 -22.16 33.91
N ASN B 128 15.70 -23.35 34.43
CA ASN B 128 15.43 -23.74 35.80
C ASN B 128 16.57 -23.20 36.70
N LYS B 129 16.24 -22.26 37.60
CA LYS B 129 17.23 -21.68 38.53
C LYS B 129 17.70 -22.71 39.58
N LYS B 130 16.88 -23.73 39.88
CA LYS B 130 17.34 -24.79 40.78
C LYS B 130 18.51 -25.52 40.12
N THR B 131 18.41 -25.74 38.81
CA THR B 131 19.46 -26.43 38.06
C THR B 131 20.72 -25.60 37.83
N TYR B 132 20.57 -24.38 37.34
CA TYR B 132 21.72 -23.55 36.94
C TYR B 132 21.92 -22.28 37.70
N GLY B 133 21.00 -21.92 38.60
CA GLY B 133 21.06 -20.64 39.27
C GLY B 133 20.95 -19.49 38.26
N ASP B 134 21.73 -18.43 38.45
CA ASP B 134 21.72 -17.28 37.51
C ASP B 134 22.51 -17.59 36.23
N ASN B 135 23.40 -18.60 36.29
CA ASN B 135 24.27 -19.01 35.19
C ASN B 135 23.62 -20.04 34.25
N GLY B 136 22.45 -19.67 33.73
CA GLY B 136 21.71 -20.52 32.79
C GLY B 136 22.01 -20.16 31.34
N PRO B 137 21.37 -20.90 30.38
CA PRO B 137 21.57 -20.58 28.95
C PRO B 137 21.04 -19.18 28.58
N LYS B 138 21.85 -18.33 27.92
CA LYS B 138 21.40 -16.97 27.58
C LYS B 138 21.39 -16.69 26.06
N SER B 139 21.50 -17.76 25.24
CA SER B 139 21.50 -17.71 23.78
C SER B 139 21.09 -19.08 23.27
N MET B 140 20.72 -19.17 21.99
CA MET B 140 20.36 -20.46 21.38
C MET B 140 21.56 -21.39 21.33
N ALA B 141 22.76 -20.83 21.11
CA ALA B 141 24.00 -21.62 21.13
C ALA B 141 24.15 -22.34 22.50
N ASP B 142 23.84 -21.63 23.61
CA ASP B 142 23.87 -22.19 24.97
C ASP B 142 22.78 -23.24 25.17
N PHE B 143 21.56 -22.95 24.67
CA PHE B 143 20.42 -23.86 24.77
C PHE B 143 20.75 -25.22 24.12
N PHE B 144 21.44 -25.19 22.98
CA PHE B 144 21.84 -26.40 22.25
C PHE B 144 23.15 -27.03 22.76
N ASP B 145 23.85 -26.39 23.71
CA ASP B 145 25.13 -26.87 24.26
C ASP B 145 24.93 -27.79 25.48
N VAL B 146 24.79 -29.10 25.23
CA VAL B 146 24.55 -30.11 26.28
C VAL B 146 25.80 -30.33 27.15
N LYS B 147 26.98 -29.96 26.64
CA LYS B 147 28.22 -30.08 27.39
C LYS B 147 28.33 -28.98 28.42
N LYS B 148 28.10 -27.72 28.01
CA LYS B 148 28.19 -26.58 28.91
C LYS B 148 26.99 -26.53 29.86
N PHE B 149 25.81 -26.89 29.36
CA PHE B 149 24.57 -26.87 30.14
C PHE B 149 23.91 -28.27 30.09
N PRO B 150 24.39 -29.27 30.85
CA PRO B 150 23.72 -30.58 30.81
C PRO B 150 22.32 -30.44 31.40
N GLY B 151 21.38 -31.17 30.84
CA GLY B 151 20.02 -31.16 31.37
C GLY B 151 18.95 -31.46 30.36
N LYS B 152 17.73 -31.60 30.86
CA LYS B 152 16.52 -31.88 30.10
C LYS B 152 15.98 -30.64 29.41
N ARG B 153 15.83 -30.73 28.09
CA ARG B 153 15.25 -29.65 27.29
C ARG B 153 13.79 -29.97 26.98
N ALA B 154 13.00 -28.92 26.75
CA ALA B 154 11.62 -29.07 26.25
C ALA B 154 11.46 -28.11 25.05
N LEU B 155 10.89 -28.61 23.94
CA LEU B 155 10.68 -27.85 22.72
C LEU B 155 9.24 -28.08 22.27
N TRP B 156 8.71 -27.17 21.46
CA TRP B 156 7.34 -27.29 20.94
C TRP B 156 7.28 -28.47 19.98
N ASN B 157 6.11 -29.11 19.87
CA ASN B 157 5.97 -30.20 18.89
C ASN B 157 5.62 -29.68 17.45
N GLN B 158 5.70 -28.35 17.23
CA GLN B 158 5.45 -27.69 15.95
C GLN B 158 6.68 -26.89 15.60
N PRO B 159 7.01 -26.72 14.32
CA PRO B 159 8.34 -26.19 13.99
C PRO B 159 8.58 -24.69 14.03
N ILE B 160 7.55 -23.84 14.06
CA ILE B 160 7.75 -22.38 14.04
C ILE B 160 8.45 -21.89 15.31
N GLY B 161 9.63 -21.28 15.12
CA GLY B 161 10.46 -20.84 16.23
C GLY B 161 11.51 -21.88 16.58
N MET B 162 11.27 -23.18 16.23
CA MET B 162 12.19 -24.26 16.57
C MET B 162 13.25 -24.43 15.51
N ILE B 163 12.83 -24.41 14.22
CA ILE B 163 13.80 -24.49 13.12
C ILE B 163 14.75 -23.28 13.17
N GLU B 164 14.21 -22.08 13.43
CA GLU B 164 15.00 -20.84 13.50
C GLU B 164 15.98 -20.87 14.69
N ALA B 165 15.52 -21.45 15.85
CA ALA B 165 16.36 -21.61 17.06
C ALA B 165 17.62 -22.42 16.70
N ALA B 166 17.45 -23.51 15.94
CA ALA B 166 18.57 -24.33 15.46
C ALA B 166 19.50 -23.52 14.56
N ALA B 167 18.94 -22.69 13.65
CA ALA B 167 19.77 -21.85 12.74
C ALA B 167 20.64 -20.87 13.56
N LEU B 168 20.09 -20.35 14.67
CA LEU B 168 20.77 -19.43 15.59
C LEU B 168 21.83 -20.16 16.37
N ALA B 169 21.52 -21.39 16.83
CA ALA B 169 22.46 -22.21 17.57
C ALA B 169 23.69 -22.52 16.71
N LEU B 170 23.50 -22.57 15.37
CA LEU B 170 24.60 -22.82 14.42
C LEU B 170 25.46 -21.57 14.20
N GLY B 171 25.10 -20.45 14.82
CA GLY B 171 25.87 -19.21 14.74
C GLY B 171 25.42 -18.23 13.68
N THR B 172 24.21 -18.42 13.11
CA THR B 172 23.66 -17.51 12.11
C THR B 172 23.30 -16.18 12.82
N PRO B 173 23.69 -15.01 12.29
CA PRO B 173 23.26 -13.74 12.92
C PRO B 173 21.75 -13.62 12.93
N ARG B 174 21.16 -13.00 13.97
CA ARG B 174 19.69 -12.84 14.09
C ARG B 174 19.02 -12.24 12.87
N ASP B 175 19.68 -11.28 12.19
CA ASP B 175 19.12 -10.64 11.01
C ASP B 175 19.27 -11.47 9.72
N LYS B 176 19.93 -12.62 9.79
CA LYS B 176 20.17 -13.49 8.62
C LYS B 176 19.52 -14.88 8.74
N VAL B 177 18.66 -15.09 9.74
CA VAL B 177 18.00 -16.39 10.01
C VAL B 177 17.30 -16.94 8.76
N TYR B 178 16.51 -16.08 8.14
CA TYR B 178 15.75 -16.51 6.99
C TYR B 178 16.54 -16.52 5.72
N GLU B 179 17.67 -15.77 5.69
CA GLU B 179 18.57 -15.81 4.55
C GLU B 179 19.28 -17.18 4.57
N PHE B 180 19.73 -17.63 5.76
CA PHE B 180 20.36 -18.95 5.97
C PHE B 180 19.35 -20.09 5.68
N LEU B 181 18.11 -19.93 6.13
CA LEU B 181 17.05 -20.92 5.91
C LEU B 181 16.50 -20.91 4.46
N SER B 182 16.91 -19.94 3.59
CA SER B 182 16.43 -19.86 2.21
C SER B 182 17.04 -20.95 1.29
N THR B 183 18.11 -21.62 1.75
CA THR B 183 18.78 -22.67 0.98
C THR B 183 18.48 -24.05 1.56
N GLU B 184 18.57 -25.09 0.71
CA GLU B 184 18.38 -26.50 1.08
C GLU B 184 19.44 -26.92 2.09
N GLU B 185 20.69 -26.44 1.90
CA GLU B 185 21.84 -26.71 2.79
C GLU B 185 21.56 -26.19 4.21
N GLY B 186 21.09 -24.94 4.32
CA GLY B 186 20.76 -24.29 5.58
C GLY B 186 19.62 -24.98 6.31
N ARG B 187 18.60 -25.40 5.55
CA ARG B 187 17.42 -26.10 6.06
C ARG B 187 17.81 -27.49 6.59
N LYS B 188 18.63 -28.24 5.86
CA LYS B 188 19.09 -29.56 6.29
C LYS B 188 20.04 -29.48 7.51
N ALA B 189 20.90 -28.42 7.61
CA ALA B 189 21.82 -28.20 8.73
C ALA B 189 21.03 -27.87 10.01
N ALA B 190 19.94 -27.10 9.87
CA ALA B 190 19.06 -26.75 10.99
C ALA B 190 18.42 -28.02 11.55
N ILE B 191 17.93 -28.93 10.66
CA ILE B 191 17.31 -30.21 11.04
C ILE B 191 18.34 -31.13 11.71
N ALA B 192 19.54 -31.22 11.12
CA ALA B 192 20.65 -31.99 11.69
C ALA B 192 21.05 -31.46 13.10
N LYS B 193 20.95 -30.13 13.34
CA LYS B 193 21.24 -29.51 14.64
C LYS B 193 20.16 -29.93 15.65
N LEU B 194 18.89 -29.96 15.22
CA LEU B 194 17.79 -30.40 16.09
C LEU B 194 17.91 -31.90 16.41
N THR B 195 18.31 -32.72 15.44
CA THR B 195 18.50 -34.16 15.61
C THR B 195 19.60 -34.42 16.63
N GLU B 196 20.68 -33.61 16.62
CA GLU B 196 21.80 -33.70 17.56
C GLU B 196 21.30 -33.42 19.00
N LEU B 197 20.40 -32.44 19.16
CA LEU B 197 19.84 -32.06 20.46
C LEU B 197 18.74 -33.03 20.96
N ALA B 198 17.97 -33.64 20.03
CA ALA B 198 16.82 -34.51 20.30
C ALA B 198 16.99 -35.49 21.50
N PRO B 199 18.12 -36.24 21.68
CA PRO B 199 18.21 -37.15 22.85
C PRO B 199 18.12 -36.45 24.21
N SER B 200 18.44 -35.14 24.26
CA SER B 200 18.36 -34.34 25.49
C SER B 200 17.00 -33.68 25.69
N VAL B 201 16.08 -33.87 24.73
CA VAL B 201 14.74 -33.31 24.79
C VAL B 201 13.84 -34.34 25.50
N SER B 202 13.43 -34.06 26.76
CA SER B 202 12.61 -34.99 27.54
C SER B 202 11.12 -34.85 27.22
N VAL B 203 10.70 -33.68 26.74
CA VAL B 203 9.30 -33.43 26.41
C VAL B 203 9.16 -32.53 25.19
N TRP B 204 8.26 -32.91 24.26
CA TRP B 204 7.92 -32.08 23.12
C TRP B 204 6.56 -31.55 23.51
N TRP B 205 6.53 -30.37 24.14
CA TRP B 205 5.30 -29.80 24.66
C TRP B 205 4.34 -29.42 23.54
N GLU B 206 3.04 -29.58 23.82
CA GLU B 206 1.97 -29.36 22.83
C GLU B 206 1.18 -28.08 23.02
N SER B 207 0.97 -27.64 24.28
CA SER B 207 0.19 -26.44 24.53
C SER B 207 0.95 -25.56 25.49
N GLY B 208 0.63 -24.26 25.46
CA GLY B 208 1.24 -23.29 26.35
C GLY B 208 1.03 -23.60 27.82
N ALA B 209 -0.16 -24.14 28.20
CA ALA B 209 -0.45 -24.48 29.59
C ALA B 209 0.42 -25.66 30.01
N GLN B 210 0.67 -26.63 29.08
CA GLN B 210 1.52 -27.78 29.40
C GLN B 210 2.95 -27.28 29.63
N ALA B 211 3.40 -26.33 28.81
CA ALA B 211 4.73 -25.72 28.97
C ALA B 211 4.82 -25.00 30.32
N ALA B 212 3.81 -24.18 30.69
CA ALA B 212 3.75 -23.50 32.00
C ALA B 212 3.80 -24.51 33.16
N GLN B 213 3.11 -25.66 33.02
CA GLN B 213 3.10 -26.69 34.06
C GLN B 213 4.49 -27.36 34.24
N LEU B 214 5.21 -27.63 33.14
CA LEU B 214 6.56 -28.18 33.20
C LEU B 214 7.47 -27.21 33.96
N ILE B 215 7.28 -25.91 33.74
CA ILE B 215 8.04 -24.86 34.41
C ILE B 215 7.68 -24.82 35.91
N LYS B 216 6.38 -24.78 36.24
CA LYS B 216 5.98 -24.77 37.66
C LYS B 216 6.46 -26.01 38.40
N ASP B 217 6.42 -27.18 37.74
CA ASP B 217 6.85 -28.41 38.40
C ASP B 217 8.39 -28.61 38.42
N GLY B 218 9.15 -27.78 37.71
CA GLY B 218 10.58 -27.95 37.56
C GLY B 218 10.92 -29.28 36.89
N GLU B 219 10.05 -29.73 35.94
CA GLU B 219 10.20 -31.07 35.29
C GLU B 219 11.27 -31.05 34.22
N VAL B 220 11.64 -29.84 33.76
CA VAL B 220 12.68 -29.67 32.75
C VAL B 220 13.73 -28.71 33.29
N ASP B 221 14.90 -28.67 32.66
CA ASP B 221 15.98 -27.76 33.04
C ASP B 221 15.97 -26.50 32.23
N MET B 222 15.47 -26.60 30.98
CA MET B 222 15.32 -25.44 30.11
C MET B 222 14.27 -25.73 29.06
N ILE B 223 13.68 -24.66 28.53
CA ILE B 223 12.56 -24.78 27.59
C ILE B 223 12.51 -23.58 26.66
N ILE B 224 12.08 -23.83 25.42
CA ILE B 224 11.78 -22.78 24.46
C ILE B 224 10.24 -22.75 24.40
N THR B 225 9.64 -21.65 24.89
CA THR B 225 8.18 -21.48 24.86
C THR B 225 7.83 -20.01 24.82
N TRP B 226 6.53 -19.70 24.94
CA TRP B 226 6.01 -18.35 24.80
C TRP B 226 6.12 -17.56 26.10
N GLY B 227 6.60 -16.32 25.98
CA GLY B 227 6.89 -15.43 27.11
C GLY B 227 5.79 -15.26 28.15
N GLY B 228 4.53 -15.14 27.71
CA GLY B 228 3.38 -15.00 28.60
C GLY B 228 3.17 -16.25 29.45
N ARG B 229 3.39 -17.43 28.86
CA ARG B 229 3.27 -18.72 29.59
C ARG B 229 4.35 -18.80 30.68
N VAL B 230 5.59 -18.38 30.34
CA VAL B 230 6.75 -18.37 31.25
C VAL B 230 6.49 -17.41 32.41
N GLN B 231 6.15 -16.17 32.09
CA GLN B 231 5.91 -15.16 33.13
C GLN B 231 4.76 -15.56 34.07
N GLY B 232 3.74 -16.20 33.52
CA GLY B 232 2.60 -16.67 34.32
C GLY B 232 3.01 -17.78 35.26
N ALA B 233 3.89 -18.67 34.79
CA ALA B 233 4.41 -19.79 35.64
C ALA B 233 5.28 -19.20 36.77
N ILE B 234 6.13 -18.18 36.46
CA ILE B 234 6.95 -17.51 37.47
C ILE B 234 6.06 -16.78 38.48
N ASN B 235 4.99 -16.11 37.99
CA ASN B 235 4.04 -15.43 38.89
C ASN B 235 3.36 -16.46 39.81
N ASP B 236 3.19 -17.71 39.33
CA ASP B 236 2.58 -18.79 40.11
C ASP B 236 3.59 -19.52 41.04
N GLY B 237 4.83 -19.01 41.13
CA GLY B 237 5.88 -19.52 42.00
C GLY B 237 7.04 -20.29 41.37
N ALA B 238 7.03 -20.50 40.04
CA ALA B 238 8.11 -21.26 39.39
C ALA B 238 9.49 -20.63 39.60
N ASN B 239 10.50 -21.45 39.94
CA ASN B 239 11.85 -20.99 40.17
C ASN B 239 12.64 -21.00 38.84
N PHE B 240 12.17 -20.19 37.88
CA PHE B 240 12.77 -20.10 36.55
C PHE B 240 13.14 -18.68 36.21
N ALA B 241 14.05 -18.52 35.26
CA ALA B 241 14.43 -17.20 34.73
C ALA B 241 14.30 -17.32 33.21
N TYR B 242 14.30 -16.18 32.51
CA TYR B 242 14.21 -16.21 31.05
C TYR B 242 14.90 -15.00 30.47
N THR B 243 15.10 -15.02 29.16
CA THR B 243 15.73 -13.94 28.45
C THR B 243 15.00 -13.70 27.11
N PHE B 244 15.04 -12.47 26.61
CA PHE B 244 14.49 -12.18 25.28
C PHE B 244 15.62 -12.35 24.24
N ASN B 245 16.89 -12.61 24.68
CA ASN B 245 18.00 -12.77 23.74
C ASN B 245 17.78 -13.98 22.84
N ASP B 246 17.89 -13.78 21.49
CA ASP B 246 17.64 -14.81 20.47
C ASP B 246 16.18 -15.25 20.42
N ALA B 247 15.24 -14.51 21.06
CA ALA B 247 13.81 -14.87 21.02
C ALA B 247 13.21 -14.45 19.66
N GLN B 248 12.16 -15.16 19.23
CA GLN B 248 11.45 -14.82 18.00
C GLN B 248 10.25 -13.95 18.36
N LEU B 249 10.18 -12.76 17.75
CA LEU B 249 9.04 -11.85 17.92
C LEU B 249 7.87 -12.34 16.99
N GLY B 250 6.81 -12.80 17.61
CA GLY B 250 5.64 -13.32 16.89
C GLY B 250 4.45 -12.39 16.97
N THR B 251 3.43 -12.69 16.16
CA THR B 251 2.16 -11.94 16.13
C THR B 251 1.03 -12.95 16.10
N ASP B 252 0.12 -12.80 17.04
CA ASP B 252 -1.08 -13.64 17.09
C ASP B 252 -2.25 -12.78 16.59
N GLY B 253 -3.28 -13.45 16.09
CA GLY B 253 -4.48 -12.77 15.61
C GLY B 253 -5.63 -13.70 15.32
N TYR B 254 -6.68 -13.14 14.70
CA TYR B 254 -7.91 -13.84 14.36
C TYR B 254 -8.17 -13.92 12.91
N ALA B 255 -8.82 -15.00 12.50
CA ALA B 255 -9.27 -15.23 11.14
C ALA B 255 -10.64 -15.91 11.25
N ILE B 256 -11.43 -15.85 10.18
CA ILE B 256 -12.74 -16.49 10.15
C ILE B 256 -12.62 -17.68 9.21
N VAL B 257 -13.10 -18.83 9.67
CA VAL B 257 -13.02 -20.08 8.94
C VAL B 257 -13.92 -20.04 7.72
N LYS B 258 -13.40 -20.48 6.54
CA LYS B 258 -14.16 -20.54 5.29
C LYS B 258 -15.38 -21.40 5.51
N GLY B 259 -16.56 -20.84 5.25
CA GLY B 259 -17.83 -21.54 5.42
C GLY B 259 -18.31 -21.57 6.86
N ALA B 260 -17.84 -20.60 7.69
CA ALA B 260 -18.21 -20.47 9.11
C ALA B 260 -19.74 -20.42 9.24
N PRO B 261 -20.40 -21.21 10.12
CA PRO B 261 -21.88 -21.17 10.17
C PRO B 261 -22.47 -19.79 10.58
N HIS B 262 -21.69 -18.94 11.26
CA HIS B 262 -22.16 -17.62 11.70
C HIS B 262 -21.18 -16.56 11.22
N ARG B 263 -20.82 -16.64 9.92
CA ARG B 263 -19.86 -15.77 9.26
C ARG B 263 -20.10 -14.29 9.52
N ASP B 264 -21.32 -13.78 9.25
CA ASP B 264 -21.64 -12.37 9.39
C ASP B 264 -21.58 -11.89 10.85
N ALA B 265 -22.10 -12.70 11.80
CA ALA B 265 -22.04 -12.39 13.23
C ALA B 265 -20.56 -12.39 13.69
N ALA B 266 -19.77 -13.35 13.20
CA ALA B 266 -18.34 -13.48 13.53
C ALA B 266 -17.55 -12.25 13.05
N MET B 267 -17.90 -11.73 11.85
CA MET B 267 -17.30 -10.54 11.25
C MET B 267 -17.50 -9.33 12.16
N ARG B 268 -18.75 -9.16 12.64
CA ARG B 268 -19.12 -8.04 13.54
C ARG B 268 -18.41 -8.18 14.89
N PHE B 269 -18.32 -9.42 15.40
CA PHE B 269 -17.65 -9.77 16.66
C PHE B 269 -16.17 -9.43 16.58
N LEU B 270 -15.54 -9.81 15.45
CA LEU B 270 -14.12 -9.54 15.24
C LEU B 270 -13.84 -8.04 15.14
N LYS B 271 -14.70 -7.29 14.42
CA LYS B 271 -14.56 -5.82 14.27
C LYS B 271 -14.58 -5.17 15.66
N GLU B 272 -15.58 -5.55 16.50
CA GLU B 272 -15.73 -5.04 17.88
C GLU B 272 -14.54 -5.37 18.80
N MET B 273 -14.17 -6.64 18.94
CA MET B 273 -13.09 -7.08 19.84
C MET B 273 -11.71 -6.54 19.45
N SER B 274 -11.53 -6.07 18.20
CA SER B 274 -10.25 -5.54 17.74
C SER B 274 -10.05 -4.08 18.19
N LYS B 275 -11.11 -3.46 18.72
CA LYS B 275 -11.08 -2.06 19.18
C LYS B 275 -10.17 -1.84 20.36
N ALA B 276 -9.56 -0.64 20.41
CA ALA B 276 -8.64 -0.21 21.44
C ALA B 276 -9.21 -0.32 22.87
N GLU B 277 -10.52 -0.03 23.05
CA GLU B 277 -11.20 -0.11 24.36
C GLU B 277 -11.17 -1.51 25.00
N TYR B 278 -11.02 -2.57 24.17
CA TYR B 278 -10.94 -3.95 24.68
C TYR B 278 -9.48 -4.38 24.71
N GLN B 279 -8.73 -4.09 23.61
CA GLN B 279 -7.30 -4.41 23.49
C GLN B 279 -6.47 -3.88 24.66
N LYS B 280 -6.88 -2.74 25.24
CA LYS B 280 -6.19 -2.13 26.39
C LYS B 280 -6.14 -3.04 27.64
N ASP B 281 -7.18 -3.89 27.81
CA ASP B 281 -7.33 -4.83 28.93
C ASP B 281 -6.66 -6.18 28.72
N LEU B 282 -6.18 -6.45 27.50
CA LEU B 282 -5.53 -7.72 27.18
C LEU B 282 -4.32 -8.06 28.11
N PRO B 283 -3.40 -7.13 28.47
CA PRO B 283 -2.29 -7.52 29.36
C PRO B 283 -2.58 -7.41 30.86
N ASN B 284 -3.87 -7.27 31.27
CA ASN B 284 -4.23 -7.12 32.70
C ASN B 284 -3.85 -8.31 33.59
N SER B 285 -4.10 -9.55 33.12
CA SER B 285 -3.79 -10.78 33.89
C SER B 285 -2.90 -11.79 33.11
N PHE B 286 -2.25 -11.33 32.03
CA PHE B 286 -1.39 -12.17 31.21
C PHE B 286 -0.33 -11.29 30.56
N ALA B 287 0.93 -11.73 30.57
CA ALA B 287 2.03 -10.94 29.99
C ALA B 287 2.04 -11.07 28.48
N THR B 288 1.33 -10.16 27.84
CA THR B 288 1.23 -10.06 26.38
C THR B 288 1.27 -8.59 25.99
N ALA B 289 1.38 -8.31 24.70
CA ALA B 289 1.46 -6.94 24.21
C ALA B 289 0.34 -6.72 23.20
N PRO B 290 -0.64 -5.82 23.46
CA PRO B 290 -1.70 -5.58 22.46
C PRO B 290 -1.15 -5.10 21.10
N ALA B 291 -1.78 -5.55 20.01
CA ALA B 291 -1.36 -5.21 18.63
C ALA B 291 -1.92 -3.87 18.18
N ASN B 292 -3.09 -3.48 18.72
CA ASN B 292 -3.71 -2.21 18.35
C ASN B 292 -2.97 -1.07 19.07
N MET B 293 -2.25 -0.24 18.30
CA MET B 293 -1.45 0.90 18.79
C MET B 293 -2.22 1.86 19.68
N LYS B 294 -3.50 2.10 19.38
CA LYS B 294 -4.38 3.00 20.13
C LYS B 294 -4.64 2.51 21.56
N ALA B 295 -4.46 1.18 21.82
CA ALA B 295 -4.62 0.58 23.16
C ALA B 295 -3.63 1.19 24.18
N TYR B 296 -2.40 1.53 23.71
CA TYR B 296 -1.31 2.08 24.52
C TYR B 296 -1.62 3.48 25.05
N ASP B 297 -2.30 4.30 24.24
CA ASP B 297 -2.71 5.65 24.63
C ASP B 297 -3.84 5.60 25.67
N LEU B 298 -4.76 4.61 25.57
CA LEU B 298 -5.87 4.46 26.50
C LEU B 298 -5.45 3.90 27.86
N ALA B 299 -4.70 2.78 27.84
CA ALA B 299 -4.26 2.08 29.05
C ALA B 299 -3.15 2.78 29.83
N LYS B 300 -2.26 3.52 29.13
CA LYS B 300 -1.11 4.22 29.71
C LYS B 300 -0.31 3.28 30.64
N TYR B 301 0.23 2.20 30.04
CA TYR B 301 1.00 1.19 30.78
C TYR B 301 2.23 1.79 31.43
N THR B 302 2.62 1.25 32.60
CA THR B 302 3.82 1.70 33.32
C THR B 302 5.03 1.16 32.57
N PRO B 303 6.24 1.79 32.64
CA PRO B 303 7.40 1.22 31.91
C PRO B 303 7.76 -0.19 32.42
N GLU B 304 7.41 -0.48 33.70
CA GLU B 304 7.61 -1.79 34.31
C GLU B 304 6.71 -2.82 33.58
N LYS B 305 5.42 -2.46 33.34
CA LYS B 305 4.49 -3.33 32.58
C LYS B 305 5.01 -3.50 31.15
N MET B 306 5.50 -2.40 30.52
CA MET B 306 6.07 -2.41 29.18
C MET B 306 7.26 -3.39 29.03
N ALA B 307 8.12 -3.49 30.07
CA ALA B 307 9.31 -4.38 30.09
C ALA B 307 9.00 -5.84 29.89
N THR B 308 7.78 -6.28 30.26
CA THR B 308 7.36 -7.67 30.13
C THR B 308 6.88 -7.96 28.69
N MET B 309 6.62 -6.91 27.92
CA MET B 309 6.06 -6.99 26.56
C MET B 309 7.08 -7.33 25.51
N ALA B 310 6.77 -8.31 24.67
CA ALA B 310 7.66 -8.76 23.60
C ALA B 310 8.05 -7.62 22.65
N SER B 311 7.10 -6.72 22.36
CA SER B 311 7.24 -5.62 21.40
C SER B 311 7.85 -4.35 21.99
N ALA B 312 8.23 -4.32 23.29
CA ALA B 312 8.85 -3.11 23.84
C ALA B 312 10.25 -2.89 23.24
N PRO B 313 10.65 -1.62 22.92
CA PRO B 313 11.96 -1.38 22.27
C PRO B 313 13.17 -2.11 22.89
N GLU B 314 13.31 -2.10 24.24
CA GLU B 314 14.43 -2.80 24.91
C GLU B 314 14.46 -4.32 24.64
N ASN B 315 13.27 -4.92 24.51
CA ASN B 315 13.15 -6.36 24.25
C ASN B 315 13.31 -6.70 22.78
N VAL B 316 12.82 -5.81 21.88
CA VAL B 316 12.87 -5.99 20.41
C VAL B 316 14.30 -6.04 19.89
N ALA B 317 15.19 -5.21 20.49
CA ALA B 317 16.60 -5.08 20.07
C ALA B 317 17.36 -6.43 20.03
N VAL B 318 17.03 -7.37 20.93
CA VAL B 318 17.75 -8.66 20.99
C VAL B 318 16.97 -9.82 20.32
N GLN B 319 15.85 -9.50 19.65
CA GLN B 319 15.02 -10.51 18.97
C GLN B 319 15.12 -10.35 17.45
N TYR B 320 14.43 -11.24 16.72
CA TYR B 320 14.25 -11.15 15.27
C TYR B 320 12.74 -11.47 15.08
N SER B 321 12.11 -10.93 14.04
CA SER B 321 10.69 -11.18 13.80
C SER B 321 10.50 -12.45 12.99
N VAL B 322 9.39 -13.17 13.24
CA VAL B 322 9.02 -14.34 12.44
C VAL B 322 8.76 -13.85 10.98
N ASP B 323 9.13 -14.65 9.98
CA ASP B 323 8.94 -14.31 8.58
C ASP B 323 7.83 -15.19 7.98
N PRO B 324 6.61 -14.64 7.83
CA PRO B 324 5.51 -15.45 7.24
C PRO B 324 5.78 -15.96 5.82
N ASN B 325 6.61 -15.24 5.04
CA ASN B 325 6.99 -15.60 3.67
C ASN B 325 7.80 -16.90 3.63
N PHE B 326 8.71 -17.09 4.60
CA PHE B 326 9.48 -18.33 4.73
C PHE B 326 8.49 -19.48 4.92
N TRP B 327 7.61 -19.35 5.92
CA TRP B 327 6.63 -20.38 6.28
C TRP B 327 5.59 -20.63 5.20
N ALA B 328 5.27 -19.59 4.38
CA ALA B 328 4.34 -19.76 3.25
C ALA B 328 4.90 -20.79 2.27
N LYS B 329 6.24 -20.79 2.09
CA LYS B 329 6.96 -21.66 1.16
C LYS B 329 7.42 -23.00 1.71
N HIS B 330 7.97 -23.05 2.95
CA HIS B 330 8.61 -24.26 3.46
C HIS B 330 7.95 -24.97 4.63
N ALA B 331 6.72 -24.59 5.01
CA ALA B 331 6.04 -25.21 6.15
C ALA B 331 5.82 -26.71 6.02
N LYS B 332 5.34 -27.18 4.85
CA LYS B 332 5.11 -28.60 4.61
C LYS B 332 6.39 -29.41 4.84
N TRP B 333 7.54 -28.94 4.28
CA TRP B 333 8.85 -29.57 4.44
C TRP B 333 9.23 -29.58 5.92
N ALA B 334 9.10 -28.42 6.61
CA ALA B 334 9.47 -28.28 8.03
C ALA B 334 8.67 -29.20 8.93
N SER B 335 7.34 -29.26 8.74
CA SER B 335 6.46 -30.10 9.55
C SER B 335 6.85 -31.56 9.44
N GLU B 336 7.15 -32.03 8.22
CA GLU B 336 7.54 -33.42 8.00
C GLU B 336 8.94 -33.70 8.57
N ALA B 337 9.91 -32.81 8.30
CA ALA B 337 11.27 -33.00 8.79
C ALA B 337 11.34 -32.91 10.34
N TYR B 338 10.60 -31.98 10.92
CA TYR B 338 10.55 -31.80 12.38
C TYR B 338 9.86 -33.00 13.04
N ASP B 339 8.81 -33.56 12.39
CA ASP B 339 8.12 -34.78 12.84
C ASP B 339 9.11 -35.92 13.02
N ASN B 340 10.01 -36.12 12.06
CA ASN B 340 11.01 -37.18 12.08
C ASN B 340 12.08 -36.95 13.15
N VAL B 341 12.39 -35.68 13.47
CA VAL B 341 13.35 -35.36 14.54
C VAL B 341 12.76 -35.85 15.89
N ARG B 342 11.46 -35.60 16.11
CA ARG B 342 10.79 -35.92 17.39
C ARG B 342 10.44 -37.37 17.51
N LEU B 343 10.01 -37.99 16.40
CA LEU B 343 9.58 -39.36 16.35
C LEU B 343 10.76 -40.32 16.40
N SER B 344 11.99 -39.83 16.16
CA SER B 344 13.19 -40.68 16.19
C SER B 344 13.74 -40.82 17.61
N ARG B 345 13.22 -40.01 18.55
CA ARG B 345 13.55 -39.96 19.98
C ARG B 345 15.06 -39.85 20.25
N ASP C 22 33.10 4.81 13.30
CA ASP C 22 32.77 6.20 13.00
C ASP C 22 32.04 6.84 14.17
N VAL C 23 32.38 8.11 14.48
CA VAL C 23 31.60 8.89 15.45
C VAL C 23 30.33 9.23 14.65
N VAL C 24 29.14 9.00 15.22
CA VAL C 24 27.86 9.28 14.59
C VAL C 24 27.35 10.63 15.12
N ILE C 25 27.16 11.61 14.21
CA ILE C 25 26.67 12.95 14.55
C ILE C 25 25.29 13.21 13.89
N ALA C 26 24.31 13.69 14.66
CA ALA C 26 22.98 13.91 14.12
C ALA C 26 22.48 15.33 14.31
N SER C 27 21.96 15.94 13.23
CA SER C 27 21.31 17.25 13.30
C SER C 27 19.95 17.16 12.58
N SER C 28 19.33 18.28 12.19
CA SER C 28 17.97 18.26 11.66
C SER C 28 17.82 18.41 10.13
N GLY C 29 18.87 18.09 9.38
CA GLY C 29 18.88 18.09 7.92
C GLY C 29 18.88 19.44 7.23
N GLY C 30 18.77 19.40 5.90
CA GLY C 30 18.69 20.58 5.06
C GLY C 30 19.91 21.47 5.09
N GLY C 31 19.72 22.76 4.80
CA GLY C 31 20.79 23.74 4.72
C GLY C 31 21.58 23.92 6.02
N TRP C 32 20.90 23.71 7.16
CA TRP C 32 21.52 23.85 8.47
C TRP C 32 22.53 22.71 8.70
N GLN C 33 22.13 21.45 8.40
CA GLN C 33 23.02 20.30 8.53
C GLN C 33 24.20 20.42 7.56
N GLU C 34 23.93 20.89 6.34
CA GLU C 34 24.96 21.08 5.33
C GLU C 34 26.00 22.11 5.79
N ALA C 35 25.56 23.23 6.40
CA ALA C 35 26.47 24.28 6.92
C ALA C 35 27.36 23.73 8.04
N GLN C 36 26.78 22.95 8.97
CA GLN C 36 27.54 22.33 10.06
C GLN C 36 28.54 21.36 9.50
N ASP C 37 28.13 20.53 8.53
CA ASP C 37 29.04 19.57 7.94
C ASP C 37 30.24 20.23 7.24
N LYS C 38 29.97 21.27 6.44
CA LYS C 38 31.01 21.95 5.66
C LYS C 38 31.95 22.78 6.53
N ALA C 39 31.39 23.56 7.46
CA ALA C 39 32.18 24.44 8.31
C ALA C 39 32.84 23.77 9.52
N LEU C 40 32.12 22.79 10.13
CA LEU C 40 32.58 22.19 11.39
C LEU C 40 33.01 20.74 11.33
N TRP C 41 32.11 19.84 10.89
CA TRP C 41 32.35 18.39 10.97
C TRP C 41 33.47 17.91 10.06
N ALA C 42 33.42 18.20 8.76
CA ALA C 42 34.47 17.79 7.81
C ALA C 42 35.86 18.38 8.13
N PRO C 43 36.01 19.71 8.41
CA PRO C 43 37.36 20.23 8.74
C PRO C 43 37.89 19.75 10.08
N ALA C 44 37.02 19.60 11.11
CA ALA C 44 37.47 19.12 12.43
C ALA C 44 37.85 17.65 12.40
N ALA C 45 37.11 16.80 11.64
CA ALA C 45 37.44 15.37 11.51
C ALA C 45 38.77 15.20 10.78
N LYS C 46 39.02 16.03 9.73
CA LYS C 46 40.27 16.04 8.96
C LYS C 46 41.45 16.37 9.89
N ALA C 47 41.30 17.40 10.76
CA ALA C 47 42.36 17.82 11.68
C ALA C 47 42.69 16.77 12.74
N LEU C 48 41.69 15.98 13.18
CA LEU C 48 41.87 14.94 14.19
C LEU C 48 42.15 13.55 13.59
N ASN C 49 42.15 13.43 12.24
CA ASN C 49 42.30 12.14 11.51
C ASN C 49 41.26 11.13 12.00
N ILE C 50 39.98 11.57 12.09
CA ILE C 50 38.88 10.72 12.52
C ILE C 50 37.78 10.64 11.44
N THR C 51 36.99 9.56 11.48
CA THR C 51 35.90 9.34 10.54
C THR C 51 34.58 9.48 11.25
N TYR C 52 33.59 10.03 10.54
CA TYR C 52 32.27 10.25 11.09
C TYR C 52 31.19 9.89 10.10
N THR C 53 29.98 9.65 10.63
CA THR C 53 28.77 9.32 9.90
C THR C 53 27.71 10.31 10.35
N GLN C 54 26.88 10.78 9.39
CA GLN C 54 25.82 11.72 9.69
C GLN C 54 24.51 11.00 9.79
N ASP C 55 23.59 11.53 10.58
CA ASP C 55 22.22 11.07 10.66
C ASP C 55 21.35 12.32 10.82
N THR C 56 20.02 12.18 10.63
CA THR C 56 19.11 13.33 10.78
C THR C 56 17.97 12.95 11.71
N PHE C 57 17.44 13.93 12.46
CA PHE C 57 16.34 13.68 13.38
C PHE C 57 15.66 15.01 13.66
N GLN C 58 14.47 14.98 14.24
CA GLN C 58 13.72 16.22 14.47
C GLN C 58 13.35 16.49 15.91
N ASN C 59 13.46 15.47 16.79
CA ASN C 59 13.08 15.65 18.18
C ASN C 59 14.04 14.86 19.07
N TRP C 60 14.53 15.48 20.19
CA TRP C 60 15.43 14.78 21.12
C TRP C 60 14.80 13.50 21.70
N ALA C 61 13.45 13.37 21.65
CA ALA C 61 12.75 12.15 22.13
C ALA C 61 13.22 10.91 21.34
N GLU C 62 13.77 11.11 20.12
CA GLU C 62 14.33 10.01 19.33
C GLU C 62 15.62 9.52 19.97
N ALA C 63 16.44 10.44 20.57
CA ALA C 63 17.66 10.05 21.28
C ALA C 63 17.25 9.35 22.57
N ARG C 64 16.19 9.83 23.25
CA ARG C 64 15.59 9.22 24.45
C ARG C 64 15.20 7.76 24.17
N ALA C 65 14.62 7.49 22.98
CA ALA C 65 14.21 6.14 22.54
C ALA C 65 15.43 5.22 22.41
N GLN C 66 16.58 5.74 21.88
CA GLN C 66 17.84 4.97 21.74
C GLN C 66 18.38 4.54 23.10
N VAL C 67 18.32 5.47 24.08
CA VAL C 67 18.79 5.27 25.47
C VAL C 67 17.89 4.23 26.16
N GLU C 68 16.57 4.44 26.13
CA GLU C 68 15.56 3.57 26.77
C GLU C 68 15.56 2.14 26.22
N SER C 69 15.96 1.96 24.94
CA SER C 69 16.03 0.66 24.29
C SER C 69 17.33 -0.09 24.57
N GLY C 70 18.35 0.62 25.03
CA GLY C 70 19.66 0.05 25.30
C GLY C 70 20.51 -0.10 24.05
N SER C 71 20.01 0.40 22.89
CA SER C 71 20.65 0.42 21.59
C SER C 71 20.95 1.86 21.21
N VAL C 72 22.09 2.37 21.68
CA VAL C 72 22.52 3.72 21.37
C VAL C 72 23.46 3.62 20.19
N THR C 73 23.10 4.30 19.08
CA THR C 73 23.91 4.35 17.86
C THR C 73 24.47 5.75 17.64
N TRP C 74 23.77 6.78 18.13
CA TRP C 74 24.24 8.17 17.99
C TRP C 74 25.28 8.51 19.06
N ASP C 75 26.26 9.34 18.70
CA ASP C 75 27.30 9.82 19.61
C ASP C 75 27.00 11.28 19.96
N ILE C 76 26.97 12.15 18.95
CA ILE C 76 26.67 13.57 19.12
C ILE C 76 25.29 13.90 18.56
N ILE C 77 24.50 14.64 19.35
CA ILE C 77 23.20 15.10 18.88
C ILE C 77 23.17 16.63 18.96
N GLN C 78 22.61 17.25 17.91
CA GLN C 78 22.49 18.70 17.87
C GLN C 78 21.08 19.01 18.35
N ILE C 79 20.99 19.69 19.49
CA ILE C 79 19.70 20.05 20.11
C ILE C 79 19.64 21.56 20.43
N GLY C 80 18.48 21.99 20.93
CA GLY C 80 18.26 23.38 21.34
C GLY C 80 18.51 23.55 22.82
N ILE C 81 18.91 24.78 23.22
CA ILE C 81 19.19 25.10 24.63
C ILE C 81 17.99 24.80 25.56
N ALA C 82 16.74 24.89 25.05
CA ALA C 82 15.54 24.62 25.87
C ALA C 82 15.17 23.13 25.90
N ASP C 83 15.84 22.30 25.06
CA ASP C 83 15.72 20.83 25.06
C ASP C 83 16.64 20.22 26.14
N GLU C 84 17.86 20.80 26.30
CA GLU C 84 18.91 20.33 27.23
C GLU C 84 18.39 20.03 28.65
N PRO C 85 17.66 20.94 29.36
CA PRO C 85 17.20 20.60 30.72
C PRO C 85 16.31 19.37 30.80
N GLN C 86 15.43 19.18 29.80
CA GLN C 86 14.52 18.02 29.71
C GLN C 86 15.31 16.74 29.41
N ALA C 87 16.22 16.80 28.40
CA ALA C 87 17.04 15.67 27.99
C ALA C 87 17.98 15.22 29.11
N LYS C 88 18.59 16.18 29.83
CA LYS C 88 19.49 15.92 30.95
C LYS C 88 18.75 15.23 32.10
N ALA C 89 17.54 15.73 32.44
CA ALA C 89 16.69 15.17 33.50
C ALA C 89 16.23 13.76 33.16
N ALA C 90 16.02 13.46 31.88
CA ALA C 90 15.59 12.13 31.41
C ALA C 90 16.75 11.12 31.30
N GLY C 91 17.97 11.56 31.60
CA GLY C 91 19.18 10.73 31.55
C GLY C 91 19.61 10.39 30.15
N VAL C 92 19.40 11.31 29.20
CA VAL C 92 19.70 11.10 27.79
C VAL C 92 21.10 11.63 27.45
N LEU C 93 21.65 12.53 28.27
CA LEU C 93 22.93 13.18 27.98
C LEU C 93 24.08 12.79 28.90
N GLU C 94 25.29 12.65 28.30
CA GLU C 94 26.56 12.42 28.98
C GLU C 94 27.02 13.75 29.54
N LYS C 95 27.68 13.72 30.69
CA LYS C 95 28.28 14.92 31.26
C LYS C 95 29.54 15.16 30.45
N LEU C 96 29.72 16.39 29.98
CA LEU C 96 30.90 16.72 29.18
C LEU C 96 32.12 16.99 30.07
N ASP C 97 33.34 16.74 29.51
CA ASP C 97 34.61 17.00 30.18
C ASP C 97 34.64 18.51 30.54
N PRO C 98 34.95 18.89 31.80
CA PRO C 98 34.80 20.30 32.21
C PRO C 98 35.51 21.37 31.39
N ASP C 99 36.62 21.03 30.70
CA ASP C 99 37.37 22.01 29.90
C ASP C 99 37.16 21.87 28.39
N ILE C 100 36.00 21.31 27.97
CA ILE C 100 35.66 21.09 26.56
C ILE C 100 35.78 22.41 25.76
N VAL C 101 35.36 23.52 26.36
CA VAL C 101 35.44 24.88 25.82
C VAL C 101 35.73 25.84 26.97
N ASN C 102 36.11 27.07 26.64
CA ASN C 102 36.27 28.10 27.65
C ASN C 102 34.92 28.84 27.62
N LYS C 103 34.11 28.70 28.70
CA LYS C 103 32.77 29.28 28.82
C LYS C 103 32.72 30.79 28.54
N ALA C 104 33.82 31.51 28.82
CA ALA C 104 33.96 32.94 28.59
C ALA C 104 33.87 33.31 27.08
N ASP C 105 34.18 32.35 26.20
CA ASP C 105 34.14 32.53 24.74
C ASP C 105 32.73 32.34 24.16
N PHE C 106 31.75 31.93 24.98
CA PHE C 106 30.40 31.65 24.50
C PHE C 106 29.35 32.53 25.21
N PRO C 107 28.15 32.79 24.62
CA PRO C 107 27.14 33.62 25.34
C PRO C 107 26.81 33.06 26.72
N PRO C 108 26.56 33.91 27.75
CA PRO C 108 26.29 33.36 29.08
C PRO C 108 25.12 32.39 29.11
N GLY C 109 25.33 31.23 29.75
CA GLY C 109 24.32 30.18 29.87
C GLY C 109 24.21 29.25 28.68
N SER C 110 24.95 29.55 27.57
CA SER C 110 24.93 28.75 26.32
C SER C 110 25.79 27.48 26.38
N VAL C 111 26.61 27.35 27.44
CA VAL C 111 27.44 26.17 27.67
C VAL C 111 27.09 25.67 29.07
N THR C 112 26.64 24.40 29.16
CA THR C 112 26.29 23.78 30.44
C THR C 112 27.22 22.57 30.63
N ASP C 113 27.03 21.79 31.73
CA ASP C 113 27.79 20.56 31.98
C ASP C 113 27.48 19.47 30.95
N SER C 114 26.42 19.66 30.12
CA SER C 114 25.95 18.64 29.14
C SER C 114 25.69 19.17 27.73
N PHE C 115 26.02 20.43 27.46
CA PHE C 115 25.72 21.04 26.18
C PHE C 115 26.71 22.14 25.84
N VAL C 116 27.14 22.18 24.58
CA VAL C 116 28.03 23.22 24.06
C VAL C 116 27.31 23.89 22.88
N ALA C 117 27.05 25.19 22.96
CA ALA C 117 26.41 25.93 21.87
C ALA C 117 27.27 25.95 20.62
N ASN C 118 26.60 25.99 19.46
CA ASN C 118 27.28 26.14 18.17
C ASN C 118 26.74 27.36 17.42
N SER C 119 25.53 27.83 17.77
CA SER C 119 24.96 29.01 17.08
C SER C 119 23.76 29.63 17.77
N ASN C 120 23.45 30.86 17.37
CA ASN C 120 22.23 31.56 17.74
C ASN C 120 21.37 31.70 16.48
N TYR C 121 20.07 31.63 16.66
CA TYR C 121 19.10 31.71 15.58
C TYR C 121 17.80 32.31 16.11
N SER C 122 16.88 32.66 15.19
CA SER C 122 15.60 33.24 15.58
C SER C 122 14.46 32.40 15.08
N THR C 123 13.40 32.29 15.88
CA THR C 123 12.12 31.67 15.47
C THR C 123 11.26 32.89 15.16
N LEU C 124 11.04 33.16 13.87
CA LEU C 124 10.43 34.42 13.45
C LEU C 124 9.27 34.31 12.44
N ILE C 125 8.62 35.45 12.16
CA ILE C 125 7.50 35.58 11.22
C ILE C 125 8.02 35.85 9.82
N ALA C 126 7.58 35.04 8.86
CA ALA C 126 7.86 35.30 7.45
C ALA C 126 6.50 35.34 6.73
N TRP C 127 6.37 36.19 5.69
CA TRP C 127 5.11 36.27 4.95
C TRP C 127 5.31 36.27 3.46
N ASN C 128 4.26 35.85 2.74
CA ASN C 128 4.24 35.72 1.29
C ASN C 128 3.98 37.10 0.67
N LYS C 129 4.96 37.65 -0.05
CA LYS C 129 4.83 38.98 -0.69
C LYS C 129 3.84 38.93 -1.88
N LYS C 130 3.60 37.73 -2.46
CA LYS C 130 2.60 37.61 -3.51
C LYS C 130 1.23 37.88 -2.89
N THR C 131 1.04 37.37 -1.68
CA THR C 131 -0.24 37.55 -0.96
C THR C 131 -0.44 38.94 -0.41
N TYR C 132 0.54 39.48 0.31
CA TYR C 132 0.37 40.76 1.03
C TYR C 132 1.25 41.90 0.57
N GLY C 133 2.18 41.65 -0.34
CA GLY C 133 3.15 42.66 -0.74
C GLY C 133 4.01 43.05 0.47
N ASP C 134 4.32 44.34 0.60
CA ASP C 134 5.09 44.84 1.75
C ASP C 134 4.22 44.96 3.03
N ASN C 135 2.90 45.00 2.86
CA ASN C 135 1.92 45.12 3.95
C ASN C 135 1.53 43.75 4.58
N GLY C 136 2.56 43.01 4.99
CA GLY C 136 2.39 41.72 5.65
C GLY C 136 2.34 41.83 7.17
N PRO C 137 2.15 40.68 7.86
CA PRO C 137 2.14 40.71 9.34
C PRO C 137 3.53 41.09 9.90
N LYS C 138 3.59 42.03 10.85
CA LYS C 138 4.89 42.47 11.41
C LYS C 138 5.00 42.28 12.95
N SER C 139 4.07 41.51 13.54
CA SER C 139 4.02 41.21 14.98
C SER C 139 3.22 39.92 15.16
N MET C 140 3.30 39.31 16.35
CA MET C 140 2.54 38.09 16.63
C MET C 140 1.04 38.38 16.64
N ALA C 141 0.66 39.57 17.13
CA ALA C 141 -0.75 40.00 17.12
C ALA C 141 -1.31 39.96 15.66
N ASP C 142 -0.51 40.44 14.67
CA ASP C 142 -0.85 40.43 13.25
C ASP C 142 -0.90 39.01 12.72
N PHE C 143 0.09 38.16 13.11
CA PHE C 143 0.16 36.77 12.66
C PHE C 143 -1.14 36.02 13.06
N PHE C 144 -1.65 36.29 14.26
CA PHE C 144 -2.87 35.67 14.78
C PHE C 144 -4.18 36.35 14.32
N ASP C 145 -4.09 37.51 13.63
CA ASP C 145 -5.24 38.29 13.15
C ASP C 145 -5.71 37.84 11.76
N VAL C 146 -6.63 36.85 11.72
CA VAL C 146 -7.18 36.29 10.48
C VAL C 146 -8.10 37.27 9.76
N LYS C 147 -8.65 38.26 10.49
CA LYS C 147 -9.52 39.28 9.90
C LYS C 147 -8.69 40.30 9.13
N LYS C 148 -7.59 40.83 9.73
CA LYS C 148 -6.75 41.81 9.07
C LYS C 148 -5.87 41.14 8.02
N PHE C 149 -5.37 39.91 8.30
CA PHE C 149 -4.53 39.19 7.35
C PHE C 149 -5.10 37.82 7.10
N PRO C 150 -6.14 37.70 6.22
CA PRO C 150 -6.67 36.37 5.91
C PRO C 150 -5.59 35.58 5.17
N GLY C 151 -5.57 34.29 5.40
CA GLY C 151 -4.63 33.43 4.71
C GLY C 151 -4.21 32.21 5.48
N LYS C 152 -3.49 31.34 4.80
CA LYS C 152 -2.99 30.07 5.33
C LYS C 152 -1.73 30.27 6.18
N ARG C 153 -1.80 29.80 7.43
CA ARG C 153 -0.66 29.88 8.35
C ARG C 153 0.04 28.52 8.39
N ALA C 154 1.33 28.53 8.74
CA ALA C 154 2.09 27.32 9.00
C ALA C 154 2.85 27.51 10.32
N LEU C 155 2.77 26.52 11.20
CA LEU C 155 3.42 26.53 12.53
C LEU C 155 4.14 25.22 12.71
N TRP C 156 5.13 25.20 13.61
CA TRP C 156 5.91 24.00 13.91
C TRP C 156 5.01 22.97 14.58
N ASN C 157 5.28 21.68 14.38
CA ASN C 157 4.51 20.63 15.07
C ASN C 157 5.01 20.40 16.53
N GLN C 158 6.04 21.17 16.96
CA GLN C 158 6.58 21.14 18.34
C GLN C 158 6.28 22.49 19.04
N PRO C 159 6.13 22.56 20.38
CA PRO C 159 5.64 23.79 21.00
C PRO C 159 6.62 24.94 21.28
N ILE C 160 7.95 24.72 21.26
CA ILE C 160 8.91 25.78 21.62
C ILE C 160 8.89 26.91 20.60
N GLY C 161 8.50 28.09 21.06
CA GLY C 161 8.37 29.27 20.22
C GLY C 161 6.91 29.50 19.88
N MET C 162 6.12 28.44 19.83
CA MET C 162 4.71 28.50 19.46
C MET C 162 3.85 28.94 20.62
N ILE C 163 4.08 28.37 21.83
CA ILE C 163 3.31 28.74 23.03
C ILE C 163 3.56 30.22 23.32
N GLU C 164 4.85 30.64 23.27
CA GLU C 164 5.27 32.02 23.53
C GLU C 164 4.69 32.99 22.50
N ALA C 165 4.62 32.57 21.22
CA ALA C 165 4.02 33.35 20.12
C ALA C 165 2.59 33.68 20.47
N ALA C 166 1.83 32.68 20.96
CA ALA C 166 0.43 32.88 21.36
C ALA C 166 0.34 33.90 22.49
N ALA C 167 1.27 33.82 23.48
CA ALA C 167 1.33 34.76 24.62
C ALA C 167 1.56 36.19 24.10
N LEU C 168 2.48 36.37 23.13
CA LEU C 168 2.77 37.67 22.50
C LEU C 168 1.57 38.19 21.72
N ALA C 169 0.83 37.29 21.02
CA ALA C 169 -0.38 37.65 20.25
C ALA C 169 -1.48 38.15 21.18
N LEU C 170 -1.49 37.68 22.44
CA LEU C 170 -2.47 38.12 23.44
C LEU C 170 -2.12 39.51 24.03
N GLY C 171 -1.02 40.09 23.59
CA GLY C 171 -0.60 41.42 24.03
C GLY C 171 0.41 41.45 25.17
N THR C 172 1.02 40.31 25.51
CA THR C 172 2.03 40.23 26.55
C THR C 172 3.31 40.94 26.07
N PRO C 173 3.90 41.86 26.88
CA PRO C 173 5.18 42.46 26.47
C PRO C 173 6.27 41.37 26.34
N ARG C 174 7.19 41.53 25.38
CA ARG C 174 8.30 40.61 25.13
C ARG C 174 9.11 40.26 26.37
N ASP C 175 9.35 41.23 27.26
CA ASP C 175 10.13 41.00 28.49
C ASP C 175 9.31 40.29 29.60
N LYS C 176 8.00 40.06 29.38
CA LYS C 176 7.10 39.44 30.36
C LYS C 176 6.51 38.09 29.90
N VAL C 177 6.96 37.60 28.74
CA VAL C 177 6.49 36.34 28.14
C VAL C 177 6.42 35.20 29.16
N TYR C 178 7.54 34.95 29.86
CA TYR C 178 7.63 33.82 30.78
C TYR C 178 7.00 34.11 32.13
N GLU C 179 6.84 35.39 32.48
CA GLU C 179 6.13 35.78 33.69
C GLU C 179 4.63 35.46 33.49
N PHE C 180 4.08 35.78 32.29
CA PHE C 180 2.69 35.47 31.88
C PHE C 180 2.49 33.96 31.82
N LEU C 181 3.47 33.22 31.27
CA LEU C 181 3.39 31.77 31.17
C LEU C 181 3.66 31.02 32.48
N SER C 182 3.99 31.74 33.58
CA SER C 182 4.26 31.11 34.86
C SER C 182 2.98 30.67 35.59
N THR C 183 1.81 31.12 35.11
CA THR C 183 0.52 30.78 35.75
C THR C 183 -0.30 29.85 34.86
N GLU C 184 -1.18 29.02 35.49
CA GLU C 184 -2.10 28.11 34.81
C GLU C 184 -3.03 28.91 33.89
N GLU C 185 -3.47 30.11 34.35
CA GLU C 185 -4.33 31.01 33.59
C GLU C 185 -3.65 31.46 32.29
N GLY C 186 -2.38 31.89 32.39
CA GLY C 186 -1.59 32.36 31.25
C GLY C 186 -1.31 31.25 30.25
N ARG C 187 -1.00 30.04 30.78
CA ARG C 187 -0.71 28.84 29.97
C ARG C 187 -1.97 28.38 29.20
N LYS C 188 -3.15 28.36 29.88
CA LYS C 188 -4.42 27.98 29.25
C LYS C 188 -4.85 29.01 28.22
N ALA C 189 -4.56 30.32 28.46
CA ALA C 189 -4.90 31.40 27.54
C ALA C 189 -4.07 31.30 26.27
N ALA C 190 -2.78 30.90 26.38
CA ALA C 190 -1.90 30.73 25.23
C ALA C 190 -2.40 29.58 24.37
N ILE C 191 -2.84 28.47 25.01
CA ILE C 191 -3.37 27.30 24.30
C ILE C 191 -4.69 27.65 23.60
N ALA C 192 -5.60 28.37 24.29
CA ALA C 192 -6.87 28.85 23.73
C ALA C 192 -6.61 29.71 22.50
N LYS C 193 -5.61 30.60 22.57
CA LYS C 193 -5.23 31.47 21.46
C LYS C 193 -4.76 30.65 20.25
N LEU C 194 -3.96 29.59 20.49
CA LEU C 194 -3.51 28.71 19.39
C LEU C 194 -4.70 27.90 18.80
N THR C 195 -5.62 27.44 19.67
CA THR C 195 -6.81 26.69 19.26
C THR C 195 -7.70 27.56 18.37
N GLU C 196 -7.81 28.86 18.69
CA GLU C 196 -8.58 29.85 17.92
C GLU C 196 -7.97 30.01 16.51
N LEU C 197 -6.65 30.00 16.40
CA LEU C 197 -5.92 30.15 15.12
C LEU C 197 -5.89 28.86 14.29
N ALA C 198 -5.90 27.69 14.95
CA ALA C 198 -5.79 26.35 14.36
C ALA C 198 -6.58 26.15 13.02
N PRO C 199 -7.86 26.57 12.86
CA PRO C 199 -8.54 26.37 11.55
C PRO C 199 -7.87 27.06 10.36
N SER C 200 -7.07 28.11 10.61
CA SER C 200 -6.35 28.83 9.56
C SER C 200 -4.93 28.28 9.32
N VAL C 201 -4.55 27.24 10.07
CA VAL C 201 -3.23 26.61 9.96
C VAL C 201 -3.37 25.46 8.95
N SER C 202 -2.81 25.63 7.73
CA SER C 202 -2.94 24.62 6.68
C SER C 202 -1.88 23.53 6.83
N VAL C 203 -0.73 23.86 7.44
CA VAL C 203 0.37 22.90 7.61
C VAL C 203 1.04 23.06 8.97
N TRP C 204 1.30 21.94 9.65
CA TRP C 204 2.06 21.92 10.90
C TRP C 204 3.39 21.34 10.43
N TRP C 205 4.32 22.22 10.06
CA TRP C 205 5.60 21.79 9.50
C TRP C 205 6.46 21.04 10.54
N GLU C 206 7.24 20.06 10.05
CA GLU C 206 8.03 19.17 10.91
C GLU C 206 9.52 19.41 10.87
N SER C 207 10.05 19.86 9.73
CA SER C 207 11.49 20.08 9.61
C SER C 207 11.72 21.42 8.97
N GLY C 208 12.91 21.98 9.20
CA GLY C 208 13.32 23.25 8.60
C GLY C 208 13.27 23.24 7.09
N ALA C 209 13.70 22.10 6.47
CA ALA C 209 13.69 22.00 5.00
C ALA C 209 12.25 22.02 4.50
N GLN C 210 11.32 21.35 5.23
CA GLN C 210 9.91 21.33 4.82
C GLN C 210 9.35 22.75 4.91
N ALA C 211 9.71 23.50 5.96
CA ALA C 211 9.30 24.90 6.08
C ALA C 211 9.85 25.72 4.92
N ALA C 212 11.16 25.60 4.60
CA ALA C 212 11.78 26.31 3.47
C ALA C 212 11.06 25.97 2.15
N GLN C 213 10.65 24.69 1.97
CA GLN C 213 9.95 24.26 0.75
C GLN C 213 8.55 24.91 0.63
N LEU C 214 7.80 25.01 1.75
CA LEU C 214 6.50 25.69 1.78
C LEU C 214 6.69 27.16 1.32
N ILE C 215 7.77 27.80 1.78
CA ILE C 215 8.11 29.19 1.42
C ILE C 215 8.46 29.27 -0.07
N LYS C 216 9.36 28.40 -0.55
CA LYS C 216 9.70 28.42 -2.00
C LYS C 216 8.51 28.16 -2.88
N ASP C 217 7.62 27.22 -2.48
CA ASP C 217 6.44 26.93 -3.28
C ASP C 217 5.30 27.95 -3.14
N GLY C 218 5.37 28.86 -2.15
CA GLY C 218 4.30 29.80 -1.88
C GLY C 218 3.03 29.07 -1.47
N GLU C 219 3.18 27.93 -0.77
CA GLU C 219 2.05 27.05 -0.36
C GLU C 219 1.33 27.63 0.84
N VAL C 220 1.98 28.57 1.56
CA VAL C 220 1.38 29.22 2.73
C VAL C 220 1.44 30.73 2.51
N ASP C 221 0.65 31.49 3.25
CA ASP C 221 0.64 32.94 3.20
C ASP C 221 1.56 33.54 4.26
N MET C 222 1.72 32.81 5.39
CA MET C 222 2.64 33.25 6.45
C MET C 222 3.05 32.04 7.28
N ILE C 223 4.22 32.16 7.91
CA ILE C 223 4.79 31.04 8.69
C ILE C 223 5.64 31.54 9.83
N ILE C 224 5.68 30.77 10.91
CA ILE C 224 6.61 30.98 12.02
C ILE C 224 7.62 29.84 11.87
N THR C 225 8.89 30.20 11.54
CA THR C 225 9.97 29.21 11.37
C THR C 225 11.31 29.88 11.66
N TRP C 226 12.40 29.14 11.41
CA TRP C 226 13.76 29.59 11.75
C TRP C 226 14.36 30.47 10.67
N GLY C 227 14.97 31.57 11.09
CA GLY C 227 15.52 32.60 10.21
C GLY C 227 16.44 32.13 9.10
N GLY C 228 17.32 31.16 9.38
CA GLY C 228 18.25 30.61 8.38
C GLY C 228 17.50 29.89 7.29
N ARG C 229 16.45 29.14 7.66
CA ARG C 229 15.61 28.41 6.67
C ARG C 229 14.88 29.39 5.76
N VAL C 230 14.37 30.52 6.33
CA VAL C 230 13.66 31.57 5.60
C VAL C 230 14.62 32.24 4.64
N GLN C 231 15.79 32.70 5.14
CA GLN C 231 16.75 33.41 4.29
C GLN C 231 17.26 32.55 3.15
N GLY C 232 17.48 31.26 3.45
CA GLY C 232 17.90 30.31 2.40
C GLY C 232 16.84 30.11 1.33
N ALA C 233 15.55 30.10 1.72
CA ALA C 233 14.41 29.96 0.76
C ALA C 233 14.35 31.24 -0.12
N ILE C 234 14.52 32.44 0.50
CA ILE C 234 14.56 33.74 -0.23
C ILE C 234 15.74 33.76 -1.19
N ASN C 235 16.91 33.28 -0.74
CA ASN C 235 18.09 33.21 -1.61
C ASN C 235 17.83 32.28 -2.81
N ASP C 236 16.99 31.25 -2.62
CA ASP C 236 16.62 30.29 -3.67
C ASP C 236 15.48 30.79 -4.57
N GLY C 237 15.04 32.03 -4.37
CA GLY C 237 14.00 32.66 -5.19
C GLY C 237 12.64 32.89 -4.57
N ALA C 238 12.39 32.44 -3.33
CA ALA C 238 11.09 32.64 -2.69
C ALA C 238 10.70 34.12 -2.56
N ASN C 239 9.45 34.43 -2.92
CA ASN C 239 8.95 35.79 -2.84
C ASN C 239 8.34 36.06 -1.46
N PHE C 240 9.18 35.98 -0.43
CA PHE C 240 8.77 36.18 0.96
C PHE C 240 9.59 37.27 1.62
N ALA C 241 9.06 37.83 2.71
CA ALA C 241 9.77 38.80 3.51
C ALA C 241 9.67 38.31 4.95
N TYR C 242 10.47 38.87 5.86
CA TYR C 242 10.42 38.46 7.26
C TYR C 242 10.84 39.61 8.16
N THR C 243 10.60 39.44 9.46
CA THR C 243 10.95 40.44 10.45
C THR C 243 11.50 39.74 11.70
N PHE C 244 12.38 40.43 12.44
CA PHE C 244 12.87 39.89 13.71
C PHE C 244 11.92 40.34 14.85
N ASN C 245 10.94 41.22 14.53
CA ASN C 245 10.01 41.74 15.56
C ASN C 245 9.20 40.60 16.15
N ASP C 246 9.20 40.49 17.52
CA ASP C 246 8.51 39.42 18.27
C ASP C 246 9.15 38.04 18.06
N ALA C 247 10.35 37.95 17.43
CA ALA C 247 11.01 36.67 17.22
C ALA C 247 11.63 36.15 18.53
N GLN C 248 11.77 34.83 18.65
CA GLN C 248 12.39 34.21 19.81
C GLN C 248 13.86 33.97 19.46
N LEU C 249 14.75 34.51 20.28
CA LEU C 249 16.20 34.28 20.15
C LEU C 249 16.55 32.90 20.79
N GLY C 250 16.91 31.95 19.93
CA GLY C 250 17.26 30.60 20.33
C GLY C 250 18.74 30.32 20.28
N THR C 251 19.14 29.18 20.84
CA THR C 251 20.52 28.73 20.85
C THR C 251 20.53 27.27 20.53
N ASP C 252 21.32 26.93 19.51
CA ASP C 252 21.53 25.55 19.13
C ASP C 252 22.89 25.12 19.64
N GLY C 253 23.05 23.81 19.86
CA GLY C 253 24.32 23.25 20.28
C GLY C 253 24.37 21.75 20.23
N TYR C 254 25.44 21.19 20.81
CA TYR C 254 25.72 19.77 20.83
C TYR C 254 25.73 19.18 22.20
N ALA C 255 25.33 17.91 22.28
CA ALA C 255 25.38 17.12 23.49
C ALA C 255 25.81 15.71 23.06
N ILE C 256 26.29 14.93 24.00
CA ILE C 256 26.72 13.57 23.74
C ILE C 256 25.69 12.66 24.41
N VAL C 257 25.19 11.71 23.64
CA VAL C 257 24.16 10.76 24.09
C VAL C 257 24.71 9.85 25.19
N LYS C 258 23.94 9.66 26.27
CA LYS C 258 24.30 8.76 27.37
C LYS C 258 24.49 7.35 26.81
N GLY C 259 25.67 6.79 27.04
CA GLY C 259 26.05 5.47 26.56
C GLY C 259 26.48 5.46 25.10
N ALA C 260 26.91 6.63 24.57
CA ALA C 260 27.39 6.78 23.19
C ALA C 260 28.49 5.73 22.90
N PRO C 261 28.41 4.96 21.77
CA PRO C 261 29.47 3.95 21.53
C PRO C 261 30.88 4.50 21.39
N HIS C 262 31.03 5.75 20.90
CA HIS C 262 32.34 6.40 20.75
C HIS C 262 32.44 7.66 21.60
N ARG C 263 32.03 7.55 22.88
CA ARG C 263 32.00 8.66 23.85
C ARG C 263 33.26 9.53 23.84
N ASP C 264 34.42 8.92 24.03
CA ASP C 264 35.70 9.64 24.12
C ASP C 264 36.10 10.30 22.80
N ALA C 265 35.89 9.61 21.65
CA ALA C 265 36.16 10.16 20.33
C ALA C 265 35.23 11.34 20.06
N ALA C 266 33.94 11.22 20.46
CA ALA C 266 32.91 12.25 20.31
C ALA C 266 33.29 13.50 21.11
N MET C 267 33.83 13.31 22.33
CA MET C 267 34.29 14.38 23.23
C MET C 267 35.40 15.20 22.54
N ARG C 268 36.39 14.50 21.93
CA ARG C 268 37.51 15.11 21.21
C ARG C 268 37.01 15.86 19.97
N PHE C 269 36.06 15.25 19.24
CA PHE C 269 35.45 15.80 18.03
C PHE C 269 34.70 17.10 18.37
N LEU C 270 33.91 17.06 19.46
CA LEU C 270 33.15 18.21 19.92
C LEU C 270 34.07 19.35 20.35
N LYS C 271 35.17 19.03 21.09
CA LYS C 271 36.15 20.02 21.53
C LYS C 271 36.73 20.75 20.31
N GLU C 272 37.17 19.98 19.28
CA GLU C 272 37.75 20.52 18.06
C GLU C 272 36.78 21.39 17.27
N MET C 273 35.58 20.89 16.92
CA MET C 273 34.59 21.62 16.11
C MET C 273 34.06 22.90 16.78
N SER C 274 34.18 23.02 18.10
CA SER C 274 33.73 24.20 18.86
C SER C 274 34.74 25.36 18.77
N LYS C 275 35.94 25.11 18.20
CA LYS C 275 36.99 26.12 18.05
C LYS C 275 36.62 27.22 17.06
N ALA C 276 37.13 28.44 17.31
CA ALA C 276 36.88 29.64 16.51
C ALA C 276 37.25 29.49 15.05
N GLU C 277 38.34 28.75 14.75
CA GLU C 277 38.82 28.51 13.38
C GLU C 277 37.79 27.78 12.48
N TYR C 278 36.86 27.02 13.08
CA TYR C 278 35.79 26.34 12.35
C TYR C 278 34.50 27.13 12.44
N GLN C 279 34.15 27.61 13.64
CA GLN C 279 32.97 28.43 13.91
C GLN C 279 32.89 29.65 13.00
N LYS C 280 34.07 30.20 12.59
CA LYS C 280 34.15 31.36 11.70
C LYS C 280 33.49 31.12 10.32
N ASP C 281 33.52 29.86 9.85
CA ASP C 281 32.96 29.44 8.56
C ASP C 281 31.49 29.04 8.60
N LEU C 282 30.91 28.91 9.79
CA LEU C 282 29.52 28.51 9.93
C LEU C 282 28.52 29.42 9.14
N PRO C 283 28.61 30.76 9.13
CA PRO C 283 27.64 31.55 8.37
C PRO C 283 28.00 31.83 6.92
N ASN C 284 29.00 31.13 6.34
CA ASN C 284 29.47 31.37 4.96
C ASN C 284 28.37 31.29 3.91
N SER C 285 27.53 30.28 4.00
CA SER C 285 26.41 30.19 3.07
C SER C 285 25.08 30.32 3.82
N PHE C 286 24.98 29.67 5.00
CA PHE C 286 23.75 29.62 5.77
C PHE C 286 23.61 30.78 6.73
N ALA C 287 22.44 31.42 6.78
CA ALA C 287 22.25 32.59 7.65
C ALA C 287 22.05 32.17 9.10
N THR C 288 23.16 32.08 9.81
CA THR C 288 23.20 31.74 11.23
C THR C 288 24.24 32.61 11.91
N ALA C 289 24.29 32.59 13.24
CA ALA C 289 25.26 33.40 14.00
C ALA C 289 26.12 32.47 14.86
N PRO C 290 27.46 32.37 14.62
CA PRO C 290 28.28 31.48 15.46
C PRO C 290 28.22 31.85 16.93
N ALA C 291 28.25 30.82 17.78
CA ALA C 291 28.20 30.96 19.23
C ALA C 291 29.58 31.34 19.81
N ASN C 292 30.67 30.88 19.16
CA ASN C 292 32.03 31.19 19.65
C ASN C 292 32.41 32.66 19.33
N MET C 293 32.38 33.52 20.37
CA MET C 293 32.69 34.96 20.26
C MET C 293 34.05 35.23 19.60
N LYS C 294 35.03 34.31 19.73
CA LYS C 294 36.36 34.42 19.12
C LYS C 294 36.33 34.24 17.60
N ALA C 295 35.28 33.59 17.05
CA ALA C 295 35.14 33.38 15.60
C ALA C 295 34.97 34.72 14.87
N TYR C 296 34.33 35.71 15.53
CA TYR C 296 34.08 37.06 15.03
C TYR C 296 35.36 37.87 14.83
N ASP C 297 36.42 37.53 15.59
CA ASP C 297 37.73 38.19 15.53
C ASP C 297 38.56 37.61 14.38
N LEU C 298 38.31 36.33 13.99
CA LEU C 298 39.01 35.66 12.89
C LEU C 298 38.37 35.92 11.54
N ALA C 299 37.03 35.79 11.44
CA ALA C 299 36.26 35.99 10.22
C ALA C 299 36.11 37.46 9.85
N LYS C 300 35.97 38.35 10.88
CA LYS C 300 35.79 39.81 10.77
C LYS C 300 34.62 40.14 9.84
N TYR C 301 33.41 39.68 10.23
CA TYR C 301 32.18 39.86 9.46
C TYR C 301 31.86 41.32 9.17
N THR C 302 31.29 41.57 7.99
CA THR C 302 30.88 42.91 7.56
C THR C 302 29.59 43.26 8.32
N PRO C 303 29.22 44.55 8.53
CA PRO C 303 27.95 44.83 9.21
C PRO C 303 26.73 44.30 8.44
N GLU C 304 26.87 44.15 7.09
CA GLU C 304 25.84 43.57 6.21
C GLU C 304 25.62 42.12 6.61
N LYS C 305 26.75 41.38 6.79
CA LYS C 305 26.71 39.98 7.22
C LYS C 305 26.09 39.89 8.62
N MET C 306 26.50 40.78 9.54
CA MET C 306 25.99 40.88 10.91
C MET C 306 24.47 41.08 10.97
N ALA C 307 23.90 41.90 10.06
CA ALA C 307 22.45 42.20 9.99
C ALA C 307 21.55 40.99 9.83
N THR C 308 22.07 39.92 9.21
CA THR C 308 21.28 38.68 8.99
C THR C 308 21.29 37.79 10.26
N MET C 309 22.20 38.09 11.21
CA MET C 309 22.43 37.30 12.41
C MET C 309 21.43 37.59 13.51
N ALA C 310 20.83 36.52 14.07
CA ALA C 310 19.84 36.61 15.14
C ALA C 310 20.35 37.39 16.33
N SER C 311 21.64 37.17 16.69
CA SER C 311 22.29 37.75 17.85
C SER C 311 22.87 39.16 17.64
N ALA C 312 22.74 39.77 16.44
CA ALA C 312 23.24 41.14 16.26
C ALA C 312 22.44 42.15 17.12
N PRO C 313 23.12 43.13 17.80
CA PRO C 313 22.40 44.08 18.68
C PRO C 313 21.09 44.67 18.14
N GLU C 314 21.07 45.13 16.86
CA GLU C 314 19.88 45.72 16.20
C GLU C 314 18.71 44.70 16.12
N ASN C 315 19.02 43.42 15.95
CA ASN C 315 18.02 42.36 15.86
C ASN C 315 17.57 41.87 17.23
N VAL C 316 18.50 41.82 18.21
CA VAL C 316 18.25 41.39 19.58
C VAL C 316 17.22 42.29 20.29
N ALA C 317 17.28 43.60 20.04
CA ALA C 317 16.41 44.61 20.65
C ALA C 317 14.91 44.34 20.48
N VAL C 318 14.49 43.71 19.35
CA VAL C 318 13.07 43.43 19.08
C VAL C 318 12.69 41.96 19.40
N GLN C 319 13.61 41.20 19.97
CA GLN C 319 13.36 39.80 20.30
C GLN C 319 13.32 39.59 21.80
N TYR C 320 13.07 38.34 22.20
CA TYR C 320 13.16 37.91 23.60
C TYR C 320 13.89 36.56 23.51
N SER C 321 14.68 36.21 24.54
CA SER C 321 15.40 34.93 24.52
C SER C 321 14.51 33.80 25.02
N VAL C 322 14.70 32.59 24.48
CA VAL C 322 14.01 31.39 24.97
C VAL C 322 14.45 31.17 26.44
N ASP C 323 13.54 30.72 27.31
CA ASP C 323 13.86 30.47 28.71
C ASP C 323 13.86 28.96 28.96
N PRO C 324 15.06 28.33 29.05
CA PRO C 324 15.13 26.88 29.30
C PRO C 324 14.46 26.44 30.61
N ASN C 325 14.43 27.32 31.62
CA ASN C 325 13.79 27.04 32.93
C ASN C 325 12.28 26.84 32.79
N PHE C 326 11.63 27.61 31.91
CA PHE C 326 10.20 27.42 31.67
C PHE C 326 9.95 26.01 31.08
N TRP C 327 10.75 25.64 30.05
CA TRP C 327 10.65 24.35 29.36
C TRP C 327 11.06 23.18 30.25
N ALA C 328 11.98 23.40 31.19
CA ALA C 328 12.37 22.37 32.15
C ALA C 328 11.16 21.95 32.99
N LYS C 329 10.29 22.91 33.34
CA LYS C 329 9.12 22.67 34.17
C LYS C 329 7.84 22.27 33.43
N HIS C 330 7.57 22.91 32.29
CA HIS C 330 6.28 22.75 31.63
C HIS C 330 6.29 22.08 30.25
N ALA C 331 7.41 21.50 29.82
CA ALA C 331 7.46 20.85 28.49
C ALA C 331 6.45 19.72 28.29
N LYS C 332 6.25 18.84 29.29
CA LYS C 332 5.31 17.72 29.23
C LYS C 332 3.86 18.21 29.01
N TRP C 333 3.42 19.21 29.80
CA TRP C 333 2.10 19.83 29.68
C TRP C 333 1.96 20.45 28.28
N ALA C 334 2.98 21.21 27.84
CA ALA C 334 2.98 21.91 26.58
C ALA C 334 2.89 20.99 25.38
N SER C 335 3.67 19.87 25.39
CA SER C 335 3.65 18.92 24.29
C SER C 335 2.28 18.26 24.16
N GLU C 336 1.63 17.92 25.28
CA GLU C 336 0.32 17.28 25.26
C GLU C 336 -0.76 18.28 24.84
N ALA C 337 -0.76 19.49 25.43
CA ALA C 337 -1.73 20.53 25.08
C ALA C 337 -1.58 20.98 23.61
N TYR C 338 -0.33 21.10 23.11
CA TYR C 338 -0.04 21.46 21.73
C TYR C 338 -0.45 20.37 20.74
N ASP C 339 -0.19 19.08 21.08
CA ASP C 339 -0.63 17.91 20.31
C ASP C 339 -2.14 18.01 20.02
N ASN C 340 -2.96 18.38 21.04
CA ASN C 340 -4.42 18.48 20.93
C ASN C 340 -4.88 19.68 20.10
N VAL C 341 -4.09 20.78 20.07
CA VAL C 341 -4.38 21.95 19.23
C VAL C 341 -4.33 21.48 17.77
N ARG C 342 -3.24 20.76 17.39
CA ARG C 342 -2.98 20.27 16.04
C ARG C 342 -3.95 19.18 15.56
N LEU C 343 -4.52 18.41 16.51
CA LEU C 343 -5.44 17.32 16.21
C LEU C 343 -6.84 17.70 16.66
N SER C 344 -7.56 18.43 15.79
CA SER C 344 -8.92 18.92 16.01
C SER C 344 -9.64 19.11 14.68
N SER D 19 -32.96 -36.74 3.76
CA SER D 19 -34.12 -36.70 2.86
C SER D 19 -34.06 -37.83 1.83
N HIS D 20 -32.97 -37.92 1.03
CA HIS D 20 -32.71 -38.92 -0.01
C HIS D 20 -31.18 -39.15 -0.19
N MET D 21 -30.77 -40.22 -0.89
CA MET D 21 -29.35 -40.56 -1.12
C MET D 21 -28.86 -40.47 -2.59
N ASP D 22 -29.67 -39.95 -3.52
CA ASP D 22 -29.22 -39.80 -4.91
C ASP D 22 -28.39 -38.54 -5.02
N VAL D 23 -27.39 -38.53 -5.93
CA VAL D 23 -26.63 -37.31 -6.24
C VAL D 23 -27.61 -36.42 -7.06
N VAL D 24 -27.76 -35.15 -6.67
CA VAL D 24 -28.65 -34.25 -7.39
C VAL D 24 -27.80 -33.37 -8.32
N ILE D 25 -28.04 -33.49 -9.64
CA ILE D 25 -27.34 -32.68 -10.67
C ILE D 25 -28.34 -31.72 -11.36
N ALA D 26 -27.97 -30.44 -11.48
CA ALA D 26 -28.87 -29.46 -12.09
C ALA D 26 -28.26 -28.73 -13.26
N SER D 27 -29.00 -28.67 -14.38
CA SER D 27 -28.61 -27.88 -15.53
C SER D 27 -29.81 -26.99 -15.96
N SER D 28 -29.82 -26.46 -17.16
CA SER D 28 -30.84 -25.49 -17.57
C SER D 28 -31.98 -26.03 -18.49
N GLY D 29 -32.21 -27.35 -18.48
CA GLY D 29 -33.27 -28.01 -19.21
C GLY D 29 -33.11 -28.12 -20.71
N GLY D 30 -34.18 -28.61 -21.36
CA GLY D 30 -34.28 -28.77 -22.81
C GLY D 30 -33.26 -29.69 -23.44
N GLY D 31 -32.93 -29.43 -24.71
CA GLY D 31 -31.99 -30.24 -25.50
C GLY D 31 -30.60 -30.34 -24.90
N TRP D 32 -30.15 -29.27 -24.23
CA TRP D 32 -28.82 -29.21 -23.59
C TRP D 32 -28.75 -30.18 -22.40
N GLN D 33 -29.77 -30.15 -21.51
CA GLN D 33 -29.82 -31.06 -20.37
C GLN D 33 -29.95 -32.51 -20.84
N GLU D 34 -30.75 -32.74 -21.90
CA GLU D 34 -30.93 -34.09 -22.47
C GLU D 34 -29.58 -34.63 -23.01
N ALA D 35 -28.78 -33.77 -23.70
CA ALA D 35 -27.47 -34.17 -24.22
C ALA D 35 -26.49 -34.54 -23.11
N GLN D 36 -26.47 -33.75 -22.01
CA GLN D 36 -25.63 -34.02 -20.86
C GLN D 36 -26.07 -35.31 -20.21
N ASP D 37 -27.37 -35.50 -20.03
CA ASP D 37 -27.88 -36.72 -19.42
C ASP D 37 -27.51 -37.98 -20.22
N LYS D 38 -27.72 -37.95 -21.54
CA LYS D 38 -27.46 -39.10 -22.43
C LYS D 38 -25.97 -39.40 -22.60
N ALA D 39 -25.15 -38.36 -22.85
CA ALA D 39 -23.72 -38.56 -23.08
C ALA D 39 -22.86 -38.68 -21.82
N LEU D 40 -23.22 -37.95 -20.76
CA LEU D 40 -22.39 -37.88 -19.55
C LEU D 40 -22.97 -38.51 -18.30
N TRP D 41 -24.15 -38.06 -17.85
CA TRP D 41 -24.70 -38.46 -16.55
C TRP D 41 -25.10 -39.93 -16.47
N ALA D 42 -25.94 -40.43 -17.38
CA ALA D 42 -26.38 -41.83 -17.41
C ALA D 42 -25.20 -42.81 -17.62
N PRO D 43 -24.27 -42.62 -18.60
CA PRO D 43 -23.16 -43.60 -18.73
C PRO D 43 -22.16 -43.52 -17.59
N ALA D 44 -21.86 -42.30 -17.09
CA ALA D 44 -20.91 -42.16 -15.97
C ALA D 44 -21.48 -42.78 -14.69
N ALA D 45 -22.80 -42.56 -14.40
CA ALA D 45 -23.43 -43.11 -13.20
C ALA D 45 -23.51 -44.62 -13.25
N LYS D 46 -23.74 -45.19 -14.45
CA LYS D 46 -23.80 -46.64 -14.63
C LYS D 46 -22.40 -47.28 -14.45
N ALA D 47 -21.32 -46.55 -14.83
CA ALA D 47 -19.94 -47.03 -14.64
C ALA D 47 -19.54 -47.01 -13.16
N LEU D 48 -20.12 -46.08 -12.38
CA LEU D 48 -19.84 -45.93 -10.95
C LEU D 48 -20.84 -46.67 -10.06
N ASN D 49 -21.89 -47.29 -10.64
CA ASN D 49 -22.99 -47.94 -9.93
C ASN D 49 -23.61 -47.01 -8.86
N ILE D 50 -23.95 -45.79 -9.28
CA ILE D 50 -24.58 -44.77 -8.42
C ILE D 50 -25.90 -44.33 -9.04
N THR D 51 -26.79 -43.75 -8.22
CA THR D 51 -28.07 -43.22 -8.68
C THR D 51 -28.05 -41.70 -8.54
N TYR D 52 -28.64 -41.02 -9.50
CA TYR D 52 -28.72 -39.57 -9.52
C TYR D 52 -30.13 -39.10 -9.87
N THR D 53 -30.41 -37.87 -9.50
CA THR D 53 -31.65 -37.16 -9.74
C THR D 53 -31.30 -35.86 -10.46
N GLN D 54 -32.13 -35.48 -11.43
CA GLN D 54 -31.94 -34.27 -12.20
C GLN D 54 -32.82 -33.18 -11.64
N ASP D 55 -32.40 -31.94 -11.79
CA ASP D 55 -33.18 -30.76 -11.50
C ASP D 55 -32.84 -29.72 -12.56
N THR D 56 -33.64 -28.66 -12.67
CA THR D 56 -33.39 -27.61 -13.67
C THR D 56 -33.40 -26.25 -12.98
N PHE D 57 -32.62 -25.32 -13.50
CA PHE D 57 -32.56 -23.95 -12.96
C PHE D 57 -32.01 -23.04 -14.03
N GLN D 58 -32.15 -21.72 -13.85
CA GLN D 58 -31.72 -20.78 -14.89
C GLN D 58 -30.67 -19.77 -14.44
N ASN D 59 -30.45 -19.62 -13.14
CA ASN D 59 -29.50 -18.63 -12.64
C ASN D 59 -28.81 -19.18 -11.40
N TRP D 60 -27.46 -19.03 -11.31
CA TRP D 60 -26.70 -19.50 -10.15
C TRP D 60 -27.19 -18.87 -8.83
N ALA D 61 -27.89 -17.71 -8.88
CA ALA D 61 -28.43 -17.08 -7.67
C ALA D 61 -29.42 -18.00 -6.96
N GLU D 62 -30.01 -19.00 -7.69
CA GLU D 62 -30.92 -19.98 -7.07
C GLU D 62 -30.09 -20.90 -6.20
N ALA D 63 -28.85 -21.21 -6.65
CA ALA D 63 -27.93 -22.02 -5.85
C ALA D 63 -27.49 -21.21 -4.59
N ARG D 64 -27.25 -19.87 -4.78
CA ARG D 64 -26.90 -18.92 -3.72
C ARG D 64 -27.97 -18.91 -2.68
N ALA D 65 -29.25 -18.88 -3.11
CA ALA D 65 -30.41 -18.88 -2.23
C ALA D 65 -30.46 -20.16 -1.40
N GLN D 66 -30.07 -21.33 -1.97
CA GLN D 66 -30.06 -22.60 -1.23
C GLN D 66 -28.96 -22.57 -0.14
N VAL D 67 -27.76 -22.00 -0.46
CA VAL D 67 -26.61 -21.84 0.44
C VAL D 67 -26.94 -20.86 1.58
N GLU D 68 -27.61 -19.73 1.26
CA GLU D 68 -28.02 -18.69 2.22
C GLU D 68 -29.04 -19.19 3.24
N SER D 69 -29.76 -20.28 2.91
CA SER D 69 -30.65 -21.01 3.81
C SER D 69 -29.83 -22.25 4.22
N GLY D 70 -30.27 -23.03 5.17
CA GLY D 70 -29.48 -24.20 5.54
C GLY D 70 -29.76 -25.39 4.66
N SER D 71 -30.80 -25.26 3.81
CA SER D 71 -31.37 -26.28 2.94
C SER D 71 -30.73 -26.37 1.54
N VAL D 72 -29.58 -27.08 1.45
CA VAL D 72 -28.92 -27.30 0.17
C VAL D 72 -29.33 -28.69 -0.33
N THR D 73 -30.07 -28.73 -1.45
CA THR D 73 -30.55 -29.99 -2.02
C THR D 73 -29.75 -30.38 -3.26
N TRP D 74 -29.17 -29.41 -3.95
CA TRP D 74 -28.36 -29.68 -5.14
C TRP D 74 -26.94 -30.07 -4.75
N ASP D 75 -26.32 -30.96 -5.54
CA ASP D 75 -24.95 -31.41 -5.35
C ASP D 75 -24.09 -30.77 -6.44
N ILE D 76 -24.40 -31.08 -7.70
CA ILE D 76 -23.68 -30.54 -8.85
C ILE D 76 -24.55 -29.52 -9.58
N ILE D 77 -23.97 -28.35 -9.92
CA ILE D 77 -24.67 -27.34 -10.69
C ILE D 77 -23.90 -27.05 -11.94
N GLN D 78 -24.60 -26.94 -13.05
CA GLN D 78 -23.98 -26.61 -14.33
C GLN D 78 -24.11 -25.10 -14.49
N ILE D 79 -22.96 -24.40 -14.51
CA ILE D 79 -22.96 -22.94 -14.65
C ILE D 79 -22.01 -22.55 -15.79
N GLY D 80 -21.93 -21.24 -16.03
CA GLY D 80 -21.04 -20.69 -17.05
C GLY D 80 -19.73 -20.25 -16.42
N ILE D 81 -18.65 -20.21 -17.22
CA ILE D 81 -17.33 -19.78 -16.75
C ILE D 81 -17.33 -18.34 -16.14
N ALA D 82 -18.22 -17.45 -16.65
CA ALA D 82 -18.29 -16.07 -16.16
C ALA D 82 -19.17 -15.95 -14.90
N ASP D 83 -19.90 -17.02 -14.52
CA ASP D 83 -20.69 -17.10 -13.28
C ASP D 83 -19.77 -17.52 -12.14
N GLU D 84 -18.77 -18.36 -12.49
CA GLU D 84 -17.83 -18.95 -11.55
C GLU D 84 -17.17 -17.92 -10.60
N PRO D 85 -16.57 -16.79 -11.04
CA PRO D 85 -15.91 -15.91 -10.05
C PRO D 85 -16.90 -15.33 -9.05
N GLN D 86 -18.10 -14.98 -9.51
CA GLN D 86 -19.16 -14.42 -8.68
C GLN D 86 -19.67 -15.43 -7.65
N ALA D 87 -19.98 -16.67 -8.11
CA ALA D 87 -20.48 -17.74 -7.25
C ALA D 87 -19.43 -18.14 -6.20
N LYS D 88 -18.15 -18.22 -6.60
CA LYS D 88 -17.04 -18.56 -5.71
C LYS D 88 -16.88 -17.49 -4.63
N ALA D 89 -16.90 -16.20 -5.02
CA ALA D 89 -16.76 -15.07 -4.09
C ALA D 89 -17.90 -15.01 -3.09
N ALA D 90 -19.12 -15.42 -3.51
CA ALA D 90 -20.31 -15.44 -2.65
C ALA D 90 -20.38 -16.65 -1.71
N GLY D 91 -19.38 -17.53 -1.78
CA GLY D 91 -19.29 -18.74 -0.96
C GLY D 91 -20.31 -19.80 -1.34
N VAL D 92 -20.64 -19.89 -2.63
CA VAL D 92 -21.66 -20.83 -3.13
C VAL D 92 -21.03 -22.15 -3.59
N LEU D 93 -19.73 -22.15 -3.88
CA LEU D 93 -19.05 -23.33 -4.43
C LEU D 93 -18.04 -24.00 -3.51
N GLU D 94 -17.97 -25.34 -3.58
CA GLU D 94 -17.01 -26.16 -2.84
C GLU D 94 -15.71 -26.12 -3.64
N LYS D 95 -14.58 -26.18 -2.94
CA LYS D 95 -13.29 -26.32 -3.61
C LYS D 95 -13.24 -27.79 -4.08
N LEU D 96 -12.86 -27.99 -5.34
CA LEU D 96 -12.76 -29.34 -5.89
C LEU D 96 -11.45 -30.02 -5.50
N ASP D 97 -11.44 -31.36 -5.44
CA ASP D 97 -10.24 -32.17 -5.15
C ASP D 97 -9.19 -31.84 -6.23
N PRO D 98 -7.92 -31.53 -5.85
CA PRO D 98 -6.96 -31.00 -6.83
C PRO D 98 -6.72 -31.80 -8.11
N ASP D 99 -6.91 -33.15 -8.09
CA ASP D 99 -6.69 -33.98 -9.27
C ASP D 99 -7.97 -34.49 -9.94
N ILE D 100 -9.11 -33.77 -9.75
CA ILE D 100 -10.40 -34.14 -10.33
C ILE D 100 -10.28 -34.33 -11.88
N VAL D 101 -9.45 -33.52 -12.56
CA VAL D 101 -9.14 -33.63 -13.98
C VAL D 101 -7.68 -33.22 -14.19
N ASN D 102 -7.13 -33.54 -15.36
CA ASN D 102 -5.81 -33.08 -15.72
C ASN D 102 -6.09 -31.76 -16.49
N LYS D 103 -5.73 -30.61 -15.89
CA LYS D 103 -5.94 -29.27 -16.47
C LYS D 103 -5.42 -29.11 -17.91
N ALA D 104 -4.36 -29.84 -18.26
CA ALA D 104 -3.77 -29.82 -19.59
C ALA D 104 -4.72 -30.35 -20.67
N ASP D 105 -5.72 -31.16 -20.28
CA ASP D 105 -6.72 -31.72 -21.19
C ASP D 105 -7.86 -30.75 -21.52
N PHE D 106 -7.92 -29.59 -20.84
CA PHE D 106 -8.99 -28.64 -21.08
C PHE D 106 -8.45 -27.27 -21.52
N PRO D 107 -9.23 -26.39 -22.22
CA PRO D 107 -8.68 -25.08 -22.59
C PRO D 107 -8.11 -24.31 -21.37
N PRO D 108 -6.98 -23.58 -21.50
CA PRO D 108 -6.45 -22.87 -20.32
C PRO D 108 -7.47 -21.91 -19.71
N GLY D 109 -7.59 -21.95 -18.39
CA GLY D 109 -8.56 -21.14 -17.65
C GLY D 109 -9.95 -21.76 -17.53
N SER D 110 -10.23 -22.86 -18.26
CA SER D 110 -11.54 -23.52 -18.26
C SER D 110 -11.75 -24.48 -17.09
N VAL D 111 -10.69 -24.75 -16.34
CA VAL D 111 -10.72 -25.57 -15.11
C VAL D 111 -10.11 -24.70 -14.03
N THR D 112 -10.89 -24.46 -12.95
CA THR D 112 -10.42 -23.68 -11.79
C THR D 112 -10.46 -24.59 -10.57
N ASP D 113 -10.13 -24.06 -9.38
CA ASP D 113 -10.18 -24.82 -8.12
C ASP D 113 -11.63 -25.16 -7.75
N SER D 114 -12.64 -24.53 -8.43
CA SER D 114 -14.08 -24.71 -8.14
C SER D 114 -14.98 -25.02 -9.33
N PHE D 115 -14.40 -25.24 -10.51
CA PHE D 115 -15.18 -25.43 -11.73
C PHE D 115 -14.44 -26.29 -12.72
N VAL D 116 -15.15 -27.22 -13.36
CA VAL D 116 -14.62 -28.08 -14.43
C VAL D 116 -15.48 -27.87 -15.68
N ALA D 117 -14.88 -27.38 -16.77
CA ALA D 117 -15.61 -27.19 -18.04
C ALA D 117 -16.15 -28.51 -18.61
N ASN D 118 -17.29 -28.43 -19.29
CA ASN D 118 -17.86 -29.57 -20.00
C ASN D 118 -18.07 -29.26 -21.48
N SER D 119 -18.13 -27.98 -21.86
CA SER D 119 -18.33 -27.61 -23.27
C SER D 119 -18.04 -26.15 -23.61
N ASN D 120 -17.87 -25.88 -24.90
CA ASN D 120 -17.79 -24.56 -25.48
C ASN D 120 -19.03 -24.37 -26.34
N TYR D 121 -19.57 -23.15 -26.33
CA TYR D 121 -20.78 -22.79 -27.07
C TYR D 121 -20.69 -21.33 -27.48
N SER D 122 -21.59 -20.91 -28.37
CA SER D 122 -21.65 -19.52 -28.81
C SER D 122 -22.95 -18.86 -28.42
N THR D 123 -22.89 -17.58 -28.05
CA THR D 123 -24.08 -16.73 -27.85
C THR D 123 -24.10 -15.95 -29.17
N LEU D 124 -25.03 -16.30 -30.07
CA LEU D 124 -25.00 -15.79 -31.43
C LEU D 124 -26.32 -15.24 -31.96
N ILE D 125 -26.25 -14.61 -33.14
CA ILE D 125 -27.40 -14.03 -33.84
C ILE D 125 -28.07 -15.07 -34.71
N ALA D 126 -29.37 -15.25 -34.51
CA ALA D 126 -30.18 -16.10 -35.40
C ALA D 126 -31.32 -15.23 -35.95
N TRP D 127 -31.72 -15.45 -37.20
CA TRP D 127 -32.82 -14.66 -37.77
C TRP D 127 -33.84 -15.52 -38.51
N ASN D 128 -35.05 -14.98 -38.59
CA ASN D 128 -36.20 -15.63 -39.21
C ASN D 128 -36.11 -15.47 -40.73
N LYS D 129 -35.93 -16.60 -41.45
CA LYS D 129 -35.83 -16.61 -42.92
C LYS D 129 -37.17 -16.25 -43.57
N LYS D 130 -38.30 -16.46 -42.88
CA LYS D 130 -39.60 -16.05 -43.43
C LYS D 130 -39.62 -14.51 -43.50
N THR D 131 -39.02 -13.84 -42.48
CA THR D 131 -38.97 -12.39 -42.44
C THR D 131 -37.95 -11.78 -43.39
N TYR D 132 -36.71 -12.27 -43.37
CA TYR D 132 -35.61 -11.66 -44.11
C TYR D 132 -34.96 -12.50 -45.17
N GLY D 133 -35.35 -13.77 -45.28
CA GLY D 133 -34.71 -14.65 -46.26
C GLY D 133 -33.25 -14.86 -45.89
N ASP D 134 -32.36 -14.90 -46.87
CA ASP D 134 -30.92 -15.04 -46.62
C ASP D 134 -30.33 -13.69 -46.19
N ASN D 135 -31.00 -12.55 -46.52
CA ASN D 135 -30.56 -11.18 -46.21
C ASN D 135 -30.96 -10.72 -44.77
N GLY D 136 -30.62 -11.54 -43.79
CA GLY D 136 -30.86 -11.22 -42.37
C GLY D 136 -29.68 -10.50 -41.74
N PRO D 137 -29.81 -10.07 -40.47
CA PRO D 137 -28.69 -9.37 -39.81
C PRO D 137 -27.49 -10.31 -39.60
N LYS D 138 -26.28 -9.85 -40.01
CA LYS D 138 -25.06 -10.67 -39.95
C LYS D 138 -23.96 -10.10 -39.02
N SER D 139 -24.30 -9.13 -38.18
CA SER D 139 -23.42 -8.49 -37.22
C SER D 139 -24.28 -7.87 -36.13
N MET D 140 -23.67 -7.50 -34.99
CA MET D 140 -24.42 -6.87 -33.89
C MET D 140 -24.92 -5.50 -34.32
N ALA D 141 -24.14 -4.77 -35.12
CA ALA D 141 -24.56 -3.48 -35.67
C ALA D 141 -25.91 -3.64 -36.44
N ASP D 142 -26.04 -4.71 -37.25
CA ASP D 142 -27.25 -5.06 -38.00
C ASP D 142 -28.39 -5.46 -37.05
N PHE D 143 -28.09 -6.28 -36.04
CA PHE D 143 -29.08 -6.74 -35.05
C PHE D 143 -29.72 -5.55 -34.35
N PHE D 144 -28.93 -4.52 -34.02
CA PHE D 144 -29.40 -3.30 -33.36
C PHE D 144 -30.01 -2.25 -34.33
N ASP D 145 -29.91 -2.47 -35.67
CA ASP D 145 -30.40 -1.55 -36.71
C ASP D 145 -31.86 -1.82 -37.07
N VAL D 146 -32.80 -1.17 -36.35
CA VAL D 146 -34.24 -1.33 -36.56
C VAL D 146 -34.71 -0.67 -37.87
N LYS D 147 -33.92 0.26 -38.40
CA LYS D 147 -34.26 0.92 -39.67
C LYS D 147 -33.97 -0.01 -40.84
N LYS D 148 -32.76 -0.63 -40.86
CA LYS D 148 -32.39 -1.55 -41.93
C LYS D 148 -33.11 -2.89 -41.79
N PHE D 149 -33.28 -3.37 -40.55
CA PHE D 149 -33.95 -4.63 -40.30
C PHE D 149 -35.09 -4.42 -39.33
N PRO D 150 -36.26 -3.93 -39.80
CA PRO D 150 -37.39 -3.78 -38.88
C PRO D 150 -37.82 -5.15 -38.41
N GLY D 151 -38.30 -5.22 -37.20
CA GLY D 151 -38.80 -6.48 -36.65
C GLY D 151 -38.61 -6.69 -35.17
N LYS D 152 -39.20 -7.76 -34.68
CA LYS D 152 -39.21 -8.14 -33.28
C LYS D 152 -37.92 -8.85 -32.90
N ARG D 153 -37.23 -8.31 -31.88
CA ARG D 153 -36.01 -8.90 -31.34
C ARG D 153 -36.35 -9.70 -30.06
N ALA D 154 -35.51 -10.69 -29.75
CA ALA D 154 -35.58 -11.42 -28.49
C ALA D 154 -34.16 -11.47 -27.92
N LEU D 155 -34.03 -11.13 -26.63
CA LEU D 155 -32.75 -11.11 -25.92
C LEU D 155 -32.92 -11.87 -24.60
N TRP D 156 -31.82 -12.32 -24.02
CA TRP D 156 -31.83 -13.04 -22.75
C TRP D 156 -32.25 -12.07 -21.64
N ASN D 157 -32.93 -12.55 -20.60
CA ASN D 157 -33.26 -11.68 -19.47
C ASN D 157 -32.07 -11.61 -18.46
N GLN D 158 -30.89 -12.14 -18.85
CA GLN D 158 -29.68 -12.06 -18.01
C GLN D 158 -28.62 -11.33 -18.86
N PRO D 159 -27.68 -10.57 -18.25
CA PRO D 159 -26.83 -9.69 -19.07
C PRO D 159 -25.63 -10.25 -19.80
N ILE D 160 -25.13 -11.45 -19.45
CA ILE D 160 -23.91 -11.99 -20.07
C ILE D 160 -24.12 -12.30 -21.55
N GLY D 161 -23.32 -11.63 -22.37
CA GLY D 161 -23.41 -11.73 -23.82
C GLY D 161 -24.35 -10.68 -24.40
N MET D 162 -25.18 -10.01 -23.57
CA MET D 162 -26.12 -8.98 -24.04
C MET D 162 -25.47 -7.58 -23.94
N ILE D 163 -24.78 -7.28 -22.85
CA ILE D 163 -24.03 -6.02 -22.67
C ILE D 163 -22.95 -5.93 -23.74
N GLU D 164 -22.25 -7.04 -23.98
CA GLU D 164 -21.15 -7.10 -24.96
C GLU D 164 -21.67 -6.90 -26.37
N ALA D 165 -22.87 -7.48 -26.69
CA ALA D 165 -23.55 -7.34 -27.97
C ALA D 165 -23.78 -5.85 -28.24
N ALA D 166 -24.29 -5.13 -27.20
CA ALA D 166 -24.51 -3.70 -27.23
C ALA D 166 -23.19 -2.94 -27.46
N ALA D 167 -22.05 -3.36 -26.82
CA ALA D 167 -20.74 -2.71 -27.08
C ALA D 167 -20.28 -2.88 -28.53
N LEU D 168 -20.46 -4.09 -29.13
CA LEU D 168 -20.13 -4.37 -30.55
C LEU D 168 -21.04 -3.56 -31.47
N ALA D 169 -22.35 -3.50 -31.18
CA ALA D 169 -23.29 -2.72 -32.02
C ALA D 169 -22.86 -1.26 -32.09
N LEU D 170 -22.19 -0.77 -31.01
CA LEU D 170 -21.65 0.58 -30.89
C LEU D 170 -20.42 0.82 -31.78
N GLY D 171 -19.97 -0.22 -32.48
CA GLY D 171 -18.81 -0.15 -33.36
C GLY D 171 -17.51 -0.56 -32.69
N THR D 172 -17.59 -1.18 -31.49
CA THR D 172 -16.38 -1.64 -30.79
C THR D 172 -15.86 -2.89 -31.49
N PRO D 173 -14.54 -2.95 -31.84
CA PRO D 173 -13.98 -4.17 -32.43
C PRO D 173 -14.08 -5.34 -31.45
N ARG D 174 -14.23 -6.57 -31.98
CA ARG D 174 -14.35 -7.80 -31.17
C ARG D 174 -13.28 -7.98 -30.14
N ASP D 175 -12.02 -7.68 -30.49
CA ASP D 175 -10.88 -7.84 -29.60
C ASP D 175 -10.79 -6.73 -28.54
N LYS D 176 -11.67 -5.69 -28.61
CA LYS D 176 -11.68 -4.54 -27.70
C LYS D 176 -12.96 -4.43 -26.84
N VAL D 177 -13.89 -5.36 -27.01
CA VAL D 177 -15.17 -5.45 -26.26
C VAL D 177 -15.01 -5.12 -24.76
N TYR D 178 -14.07 -5.81 -24.08
CA TYR D 178 -13.88 -5.66 -22.65
C TYR D 178 -13.00 -4.50 -22.29
N GLU D 179 -12.14 -4.02 -23.23
CA GLU D 179 -11.33 -2.82 -22.99
C GLU D 179 -12.29 -1.63 -22.95
N PHE D 180 -13.29 -1.66 -23.84
CA PHE D 180 -14.37 -0.67 -23.94
C PHE D 180 -15.23 -0.71 -22.70
N LEU D 181 -15.75 -1.89 -22.33
CA LEU D 181 -16.58 -2.09 -21.15
C LEU D 181 -15.83 -1.89 -19.84
N SER D 182 -14.49 -1.79 -19.88
CA SER D 182 -13.78 -1.62 -18.62
C SER D 182 -13.81 -0.19 -18.13
N THR D 183 -14.23 0.74 -19.01
CA THR D 183 -14.39 2.16 -18.68
C THR D 183 -15.85 2.35 -18.23
N GLU D 184 -16.07 3.20 -17.21
CA GLU D 184 -17.39 3.52 -16.65
C GLU D 184 -18.30 4.13 -17.73
N GLU D 185 -17.69 4.93 -18.62
CA GLU D 185 -18.24 5.59 -19.80
C GLU D 185 -18.72 4.55 -20.84
N GLY D 186 -17.90 3.54 -21.09
CA GLY D 186 -18.22 2.46 -22.02
C GLY D 186 -19.37 1.57 -21.55
N ARG D 187 -19.46 1.35 -20.24
CA ARG D 187 -20.53 0.54 -19.63
C ARG D 187 -21.86 1.24 -19.78
N LYS D 188 -21.88 2.56 -19.49
CA LYS D 188 -23.09 3.38 -19.61
C LYS D 188 -23.52 3.47 -21.06
N ALA D 189 -22.56 3.60 -22.00
CA ALA D 189 -22.85 3.66 -23.42
C ALA D 189 -23.48 2.35 -23.92
N ALA D 190 -23.04 1.17 -23.40
CA ALA D 190 -23.62 -0.12 -23.79
C ALA D 190 -25.07 -0.24 -23.29
N ILE D 191 -25.36 0.25 -22.07
CA ILE D 191 -26.71 0.25 -21.49
C ILE D 191 -27.63 1.17 -22.30
N ALA D 192 -27.16 2.39 -22.66
CA ALA D 192 -27.91 3.34 -23.48
C ALA D 192 -28.28 2.69 -24.84
N LYS D 193 -27.32 1.95 -25.46
CA LYS D 193 -27.56 1.24 -26.74
C LYS D 193 -28.65 0.15 -26.57
N LEU D 194 -28.65 -0.56 -25.42
CA LEU D 194 -29.71 -1.56 -25.16
C LEU D 194 -31.06 -0.87 -24.93
N THR D 195 -31.08 0.29 -24.25
CA THR D 195 -32.28 1.09 -23.99
C THR D 195 -32.90 1.53 -25.33
N GLU D 196 -32.04 1.88 -26.32
CA GLU D 196 -32.46 2.30 -27.68
C GLU D 196 -33.18 1.15 -28.38
N LEU D 197 -32.66 -0.07 -28.22
CA LEU D 197 -33.23 -1.27 -28.84
C LEU D 197 -34.46 -1.82 -28.13
N ALA D 198 -34.53 -1.63 -26.80
CA ALA D 198 -35.59 -2.16 -25.91
C ALA D 198 -37.03 -2.11 -26.49
N PRO D 199 -37.53 -0.98 -27.11
CA PRO D 199 -38.90 -0.99 -27.65
C PRO D 199 -39.16 -2.04 -28.73
N SER D 200 -38.09 -2.49 -29.43
CA SER D 200 -38.20 -3.49 -30.49
C SER D 200 -38.02 -4.92 -29.97
N VAL D 201 -37.77 -5.07 -28.64
CA VAL D 201 -37.59 -6.37 -28.02
C VAL D 201 -38.97 -6.84 -27.55
N SER D 202 -39.54 -7.85 -28.24
CA SER D 202 -40.88 -8.34 -27.89
C SER D 202 -40.83 -9.38 -26.76
N VAL D 203 -39.70 -10.08 -26.62
CA VAL D 203 -39.56 -11.12 -25.56
C VAL D 203 -38.16 -11.07 -24.96
N TRP D 204 -38.09 -11.13 -23.62
CA TRP D 204 -36.82 -11.26 -22.92
C TRP D 204 -36.86 -12.72 -22.49
N TRP D 205 -36.29 -13.60 -23.32
CA TRP D 205 -36.34 -15.05 -23.07
C TRP D 205 -35.55 -15.43 -21.83
N GLU D 206 -36.04 -16.46 -21.11
CA GLU D 206 -35.48 -16.90 -19.84
C GLU D 206 -34.71 -18.22 -19.89
N SER D 207 -35.13 -19.14 -20.74
CA SER D 207 -34.45 -20.45 -20.83
C SER D 207 -34.15 -20.75 -22.29
N GLY D 208 -33.16 -21.63 -22.52
CA GLY D 208 -32.80 -22.06 -23.87
C GLY D 208 -33.96 -22.71 -24.61
N ALA D 209 -34.79 -23.51 -23.90
CA ALA D 209 -35.95 -24.17 -24.51
C ALA D 209 -36.97 -23.13 -24.95
N GLN D 210 -37.18 -22.07 -24.13
CA GLN D 210 -38.09 -21.00 -24.50
C GLN D 210 -37.59 -20.27 -25.74
N ALA D 211 -36.28 -20.03 -25.83
CA ALA D 211 -35.65 -19.41 -27.00
C ALA D 211 -35.86 -20.31 -28.23
N ALA D 212 -35.61 -21.63 -28.10
CA ALA D 212 -35.81 -22.59 -29.21
C ALA D 212 -37.29 -22.59 -29.66
N GLN D 213 -38.25 -22.45 -28.73
CA GLN D 213 -39.69 -22.43 -29.05
C GLN D 213 -40.08 -21.15 -29.84
N LEU D 214 -39.52 -19.98 -29.46
CA LEU D 214 -39.74 -18.72 -30.19
C LEU D 214 -39.27 -18.89 -31.62
N ILE D 215 -38.15 -19.58 -31.80
CA ILE D 215 -37.56 -19.84 -33.13
C ILE D 215 -38.47 -20.81 -33.92
N LYS D 216 -38.85 -21.95 -33.32
CA LYS D 216 -39.75 -22.90 -34.00
C LYS D 216 -41.07 -22.25 -34.39
N ASP D 217 -41.64 -21.40 -33.54
CA ASP D 217 -42.92 -20.74 -33.83
C ASP D 217 -42.81 -19.51 -34.74
N GLY D 218 -41.60 -19.03 -35.00
CA GLY D 218 -41.41 -17.82 -35.80
C GLY D 218 -42.02 -16.62 -35.11
N GLU D 219 -42.00 -16.59 -33.76
CA GLU D 219 -42.64 -15.53 -32.94
C GLU D 219 -41.78 -14.29 -32.90
N VAL D 220 -40.53 -14.41 -33.29
CA VAL D 220 -39.61 -13.28 -33.33
C VAL D 220 -38.96 -13.24 -34.70
N ASP D 221 -38.41 -12.11 -35.06
CA ASP D 221 -37.74 -11.94 -36.35
C ASP D 221 -36.24 -12.19 -36.23
N MET D 222 -35.69 -11.92 -35.04
CA MET D 222 -34.28 -12.19 -34.74
C MET D 222 -34.08 -12.35 -33.28
N ILE D 223 -33.01 -13.08 -32.91
CA ILE D 223 -32.73 -13.42 -31.51
C ILE D 223 -31.26 -13.60 -31.27
N ILE D 224 -30.83 -13.24 -30.06
CA ILE D 224 -29.48 -13.55 -29.60
C ILE D 224 -29.70 -14.67 -28.57
N THR D 225 -29.18 -15.86 -28.87
CA THR D 225 -29.29 -17.03 -27.99
C THR D 225 -28.14 -18.00 -28.28
N TRP D 226 -28.18 -19.15 -27.65
CA TRP D 226 -27.09 -20.15 -27.71
C TRP D 226 -27.19 -21.04 -28.94
N GLY D 227 -26.06 -21.24 -29.61
CA GLY D 227 -25.97 -21.96 -30.87
C GLY D 227 -26.62 -23.33 -30.94
N GLY D 228 -26.46 -24.13 -29.88
CA GLY D 228 -27.06 -25.46 -29.81
C GLY D 228 -28.58 -25.40 -29.78
N ARG D 229 -29.15 -24.41 -29.06
CA ARG D 229 -30.60 -24.20 -29.02
C ARG D 229 -31.14 -23.83 -30.41
N VAL D 230 -30.39 -22.98 -31.16
CA VAL D 230 -30.75 -22.54 -32.50
C VAL D 230 -30.70 -23.72 -33.46
N GLN D 231 -29.54 -24.43 -33.52
CA GLN D 231 -29.38 -25.57 -34.42
C GLN D 231 -30.43 -26.67 -34.15
N GLY D 232 -30.72 -26.91 -32.88
CA GLY D 232 -31.76 -27.87 -32.48
C GLY D 232 -33.14 -27.49 -32.97
N ALA D 233 -33.51 -26.17 -32.85
CA ALA D 233 -34.80 -25.63 -33.33
C ALA D 233 -34.89 -25.80 -34.86
N ILE D 234 -33.83 -25.45 -35.58
CA ILE D 234 -33.71 -25.61 -37.03
C ILE D 234 -33.87 -27.10 -37.39
N ASN D 235 -33.21 -28.04 -36.64
CA ASN D 235 -33.36 -29.49 -36.85
C ASN D 235 -34.81 -29.92 -36.65
N ASP D 236 -35.54 -29.26 -35.73
CA ASP D 236 -36.96 -29.54 -35.47
C ASP D 236 -37.93 -28.85 -36.48
N GLY D 237 -37.38 -28.20 -37.52
CA GLY D 237 -38.15 -27.58 -38.59
C GLY D 237 -38.20 -26.07 -38.64
N ALA D 238 -37.57 -25.35 -37.71
CA ALA D 238 -37.57 -23.88 -37.72
C ALA D 238 -36.96 -23.28 -38.99
N ASN D 239 -37.65 -22.28 -39.55
CA ASN D 239 -37.16 -21.63 -40.76
C ASN D 239 -36.25 -20.45 -40.40
N PHE D 240 -35.13 -20.75 -39.72
CA PHE D 240 -34.18 -19.73 -39.25
C PHE D 240 -32.80 -20.00 -39.78
N ALA D 241 -31.96 -18.97 -39.81
CA ALA D 241 -30.55 -19.08 -40.17
C ALA D 241 -29.76 -18.40 -39.04
N TYR D 242 -28.46 -18.62 -38.98
CA TYR D 242 -27.61 -17.99 -37.95
C TYR D 242 -26.21 -17.77 -38.46
N THR D 243 -25.43 -17.00 -37.71
CA THR D 243 -24.03 -16.72 -38.04
C THR D 243 -23.20 -16.74 -36.74
N PHE D 244 -21.92 -17.06 -36.86
CA PHE D 244 -21.01 -17.01 -35.71
C PHE D 244 -20.36 -15.61 -35.65
N ASN D 245 -20.58 -14.76 -36.69
CA ASN D 245 -19.99 -13.41 -36.70
C ASN D 245 -20.50 -12.59 -35.53
N ASP D 246 -19.57 -11.98 -34.75
CA ASP D 246 -19.86 -11.21 -33.53
C ASP D 246 -20.43 -12.05 -32.39
N ALA D 247 -20.37 -13.40 -32.50
CA ALA D 247 -20.85 -14.27 -31.41
C ALA D 247 -19.84 -14.30 -30.25
N GLN D 248 -20.31 -14.55 -29.05
CA GLN D 248 -19.44 -14.65 -27.88
C GLN D 248 -19.13 -16.13 -27.64
N LEU D 249 -17.85 -16.47 -27.57
CA LEU D 249 -17.45 -17.84 -27.29
C LEU D 249 -17.51 -18.08 -25.75
N GLY D 250 -18.46 -18.90 -25.33
CA GLY D 250 -18.67 -19.21 -23.92
C GLY D 250 -18.15 -20.59 -23.53
N THR D 251 -18.09 -20.83 -22.21
CA THR D 251 -17.66 -22.09 -21.63
C THR D 251 -18.62 -22.47 -20.55
N ASP D 252 -19.20 -23.63 -20.69
CA ASP D 252 -20.07 -24.19 -19.66
C ASP D 252 -19.29 -25.21 -18.87
N GLY D 253 -19.70 -25.45 -17.62
CA GLY D 253 -19.08 -26.47 -16.79
C GLY D 253 -19.84 -26.77 -15.52
N TYR D 254 -19.19 -27.54 -14.63
CA TYR D 254 -19.78 -28.00 -13.38
C TYR D 254 -19.05 -27.50 -12.17
N ALA D 255 -19.81 -27.30 -11.10
CA ALA D 255 -19.29 -26.90 -9.79
C ALA D 255 -20.11 -27.69 -8.77
N ILE D 256 -19.58 -27.82 -7.55
CA ILE D 256 -20.28 -28.51 -6.47
C ILE D 256 -20.70 -27.44 -5.48
N VAL D 257 -21.98 -27.48 -5.10
CA VAL D 257 -22.58 -26.49 -4.22
C VAL D 257 -21.99 -26.62 -2.81
N LYS D 258 -21.61 -25.47 -2.18
CA LYS D 258 -21.08 -25.43 -0.80
C LYS D 258 -22.12 -26.05 0.12
N GLY D 259 -21.74 -27.09 0.84
CA GLY D 259 -22.62 -27.81 1.75
C GLY D 259 -23.52 -28.82 1.07
N ALA D 260 -23.14 -29.28 -0.16
CA ALA D 260 -23.85 -30.30 -0.93
C ALA D 260 -24.12 -31.55 -0.06
N PRO D 261 -25.37 -32.07 -0.04
CA PRO D 261 -25.65 -33.25 0.81
C PRO D 261 -24.85 -34.52 0.46
N HIS D 262 -24.34 -34.65 -0.78
CA HIS D 262 -23.57 -35.82 -1.24
C HIS D 262 -22.28 -35.38 -1.87
N ARG D 263 -21.58 -34.45 -1.20
CA ARG D 263 -20.34 -33.80 -1.62
C ARG D 263 -19.31 -34.76 -2.23
N ASP D 264 -18.94 -35.82 -1.49
CA ASP D 264 -17.90 -36.76 -1.89
C ASP D 264 -18.32 -37.66 -3.06
N ALA D 265 -19.58 -38.13 -3.08
CA ALA D 265 -20.14 -38.90 -4.21
C ALA D 265 -20.20 -38.00 -5.47
N ALA D 266 -20.59 -36.71 -5.30
CA ALA D 266 -20.66 -35.73 -6.40
C ALA D 266 -19.28 -35.50 -7.02
N MET D 267 -18.24 -35.46 -6.17
CA MET D 267 -16.85 -35.28 -6.59
C MET D 267 -16.43 -36.43 -7.51
N ARG D 268 -16.72 -37.68 -7.10
CA ARG D 268 -16.45 -38.89 -7.90
C ARG D 268 -17.26 -38.90 -9.22
N PHE D 269 -18.53 -38.46 -9.16
CA PHE D 269 -19.43 -38.39 -10.33
C PHE D 269 -18.90 -37.36 -11.34
N LEU D 270 -18.43 -36.22 -10.84
CA LEU D 270 -17.86 -35.16 -11.67
C LEU D 270 -16.55 -35.61 -12.32
N LYS D 271 -15.67 -36.31 -11.56
CA LYS D 271 -14.40 -36.84 -12.07
C LYS D 271 -14.68 -37.78 -13.25
N GLU D 272 -15.60 -38.74 -13.07
CA GLU D 272 -16.00 -39.70 -14.10
C GLU D 272 -16.59 -39.04 -15.38
N MET D 273 -17.64 -38.21 -15.25
CA MET D 273 -18.30 -37.58 -16.41
C MET D 273 -17.41 -36.60 -17.20
N SER D 274 -16.29 -36.15 -16.60
CA SER D 274 -15.36 -35.23 -17.27
C SER D 274 -14.41 -35.99 -18.20
N LYS D 275 -14.43 -37.32 -18.16
CA LYS D 275 -13.52 -38.16 -18.96
C LYS D 275 -13.84 -38.10 -20.45
N ALA D 276 -12.81 -38.23 -21.28
CA ALA D 276 -12.89 -38.15 -22.75
C ALA D 276 -13.88 -39.17 -23.34
N GLU D 277 -13.96 -40.39 -22.74
CA GLU D 277 -14.87 -41.46 -23.21
C GLU D 277 -16.35 -41.07 -23.17
N TYR D 278 -16.73 -40.08 -22.33
CA TYR D 278 -18.11 -39.58 -22.24
C TYR D 278 -18.24 -38.29 -23.01
N GLN D 279 -17.26 -37.38 -22.85
CA GLN D 279 -17.18 -36.10 -23.56
C GLN D 279 -17.29 -36.26 -25.10
N LYS D 280 -16.73 -37.35 -25.65
CA LYS D 280 -16.80 -37.63 -27.08
C LYS D 280 -18.25 -37.72 -27.63
N ASP D 281 -19.21 -38.19 -26.78
CA ASP D 281 -20.62 -38.38 -27.13
C ASP D 281 -21.48 -37.14 -26.94
N LEU D 282 -20.95 -36.10 -26.29
CA LEU D 282 -21.71 -34.88 -26.02
C LEU D 282 -22.30 -34.24 -27.31
N PRO D 283 -21.58 -34.11 -28.46
CA PRO D 283 -22.21 -33.48 -29.63
C PRO D 283 -23.01 -34.40 -30.54
N ASN D 284 -23.30 -35.65 -30.10
CA ASN D 284 -24.02 -36.64 -30.94
C ASN D 284 -25.42 -36.19 -31.39
N SER D 285 -26.23 -35.62 -30.48
CA SER D 285 -27.61 -35.17 -30.70
C SER D 285 -27.88 -33.70 -30.26
N PHE D 286 -26.82 -32.95 -29.96
CA PHE D 286 -26.94 -31.53 -29.63
C PHE D 286 -25.71 -30.80 -30.17
N ALA D 287 -25.90 -29.68 -30.84
CA ALA D 287 -24.77 -28.96 -31.44
C ALA D 287 -23.97 -28.19 -30.39
N THR D 288 -22.99 -28.87 -29.82
CA THR D 288 -22.09 -28.30 -28.80
C THR D 288 -20.66 -28.77 -29.10
N ALA D 289 -19.68 -28.27 -28.35
CA ALA D 289 -18.28 -28.66 -28.57
C ALA D 289 -17.72 -29.14 -27.22
N PRO D 290 -17.29 -30.42 -27.12
CA PRO D 290 -16.71 -30.89 -25.84
C PRO D 290 -15.49 -30.08 -25.39
N ALA D 291 -15.37 -29.88 -24.08
CA ALA D 291 -14.24 -29.12 -23.49
C ALA D 291 -12.99 -29.97 -23.34
N ASN D 292 -13.17 -31.28 -23.13
CA ASN D 292 -12.03 -32.17 -22.98
C ASN D 292 -11.39 -32.39 -24.36
N MET D 293 -10.19 -31.81 -24.56
CA MET D 293 -9.40 -31.89 -25.81
C MET D 293 -9.15 -33.32 -26.28
N LYS D 294 -9.06 -34.30 -25.34
CA LYS D 294 -8.84 -35.72 -25.63
C LYS D 294 -10.06 -36.38 -26.30
N ALA D 295 -11.27 -35.77 -26.18
CA ALA D 295 -12.52 -36.26 -26.80
C ALA D 295 -12.43 -36.23 -28.32
N TYR D 296 -11.70 -35.23 -28.86
CA TYR D 296 -11.52 -35.02 -30.31
C TYR D 296 -10.73 -36.15 -30.96
N ASP D 297 -9.73 -36.68 -30.25
CA ASP D 297 -8.90 -37.80 -30.73
C ASP D 297 -9.72 -39.10 -30.73
N LEU D 298 -10.65 -39.27 -29.76
CA LEU D 298 -11.48 -40.48 -29.65
C LEU D 298 -12.61 -40.52 -30.66
N ALA D 299 -13.38 -39.41 -30.74
CA ALA D 299 -14.53 -39.31 -31.62
C ALA D 299 -14.21 -39.14 -33.10
N LYS D 300 -13.07 -38.49 -33.42
CA LYS D 300 -12.62 -38.19 -34.79
C LYS D 300 -13.75 -37.57 -35.62
N TYR D 301 -14.24 -36.40 -35.15
CA TYR D 301 -15.33 -35.66 -35.78
C TYR D 301 -15.01 -35.29 -37.23
N THR D 302 -16.05 -35.33 -38.08
CA THR D 302 -15.96 -34.98 -39.50
C THR D 302 -15.84 -33.45 -39.59
N PRO D 303 -15.24 -32.87 -40.67
CA PRO D 303 -15.17 -31.39 -40.76
C PRO D 303 -16.56 -30.74 -40.77
N GLU D 304 -17.58 -31.48 -41.25
CA GLU D 304 -18.99 -31.06 -41.27
C GLU D 304 -19.47 -30.90 -39.83
N LYS D 305 -19.17 -31.91 -38.97
CA LYS D 305 -19.54 -31.87 -37.54
C LYS D 305 -18.76 -30.72 -36.86
N MET D 306 -17.46 -30.57 -37.19
CA MET D 306 -16.60 -29.49 -36.67
C MET D 306 -17.16 -28.09 -36.94
N ALA D 307 -17.73 -27.86 -38.15
CA ALA D 307 -18.31 -26.58 -38.60
C ALA D 307 -19.43 -26.08 -37.70
N THR D 308 -20.13 -26.98 -37.01
CA THR D 308 -21.23 -26.62 -36.11
C THR D 308 -20.72 -26.19 -34.73
N MET D 309 -19.42 -26.44 -34.45
CA MET D 309 -18.84 -26.19 -33.12
C MET D 309 -18.36 -24.80 -32.92
N ALA D 310 -18.73 -24.25 -31.75
CA ALA D 310 -18.33 -22.90 -31.40
C ALA D 310 -16.82 -22.71 -31.41
N SER D 311 -16.09 -23.71 -30.92
CA SER D 311 -14.65 -23.68 -30.75
C SER D 311 -13.83 -24.08 -31.99
N ALA D 312 -14.49 -24.40 -33.14
CA ALA D 312 -13.73 -24.74 -34.36
C ALA D 312 -12.95 -23.51 -34.88
N PRO D 313 -11.67 -23.67 -35.31
CA PRO D 313 -10.87 -22.50 -35.76
C PRO D 313 -11.56 -21.49 -36.70
N GLU D 314 -12.29 -21.97 -37.73
CA GLU D 314 -13.05 -21.13 -38.68
C GLU D 314 -14.11 -20.26 -37.99
N ASN D 315 -14.75 -20.80 -36.96
CA ASN D 315 -15.78 -20.11 -36.18
C ASN D 315 -15.20 -19.17 -35.13
N VAL D 316 -14.09 -19.59 -34.50
CA VAL D 316 -13.42 -18.80 -33.47
C VAL D 316 -12.92 -17.45 -34.04
N ALA D 317 -12.47 -17.44 -35.31
CA ALA D 317 -11.94 -16.26 -36.02
C ALA D 317 -12.89 -15.07 -36.09
N VAL D 318 -14.21 -15.30 -35.98
CA VAL D 318 -15.23 -14.23 -36.05
C VAL D 318 -15.94 -14.03 -34.71
N GLN D 319 -15.41 -14.62 -33.64
CA GLN D 319 -15.96 -14.48 -32.30
C GLN D 319 -14.98 -13.81 -31.36
N TYR D 320 -15.39 -13.62 -30.12
CA TYR D 320 -14.53 -13.13 -29.04
C TYR D 320 -14.92 -13.99 -27.85
N SER D 321 -13.97 -14.29 -26.93
CA SER D 321 -14.29 -15.13 -25.77
C SER D 321 -14.90 -14.31 -24.65
N VAL D 322 -15.80 -14.91 -23.86
CA VAL D 322 -16.35 -14.24 -22.68
C VAL D 322 -15.16 -13.99 -21.70
N ASP D 323 -15.17 -12.86 -20.98
CA ASP D 323 -14.09 -12.52 -20.03
C ASP D 323 -14.63 -12.61 -18.61
N PRO D 324 -14.31 -13.71 -17.88
CA PRO D 324 -14.82 -13.86 -16.50
C PRO D 324 -14.34 -12.73 -15.57
N ASN D 325 -13.17 -12.10 -15.86
CA ASN D 325 -12.63 -10.99 -15.05
C ASN D 325 -13.55 -9.76 -15.10
N PHE D 326 -14.19 -9.49 -16.29
CA PHE D 326 -15.08 -8.35 -16.40
C PHE D 326 -16.30 -8.58 -15.50
N TRP D 327 -16.87 -9.81 -15.58
CA TRP D 327 -18.04 -10.23 -14.82
C TRP D 327 -17.77 -10.38 -13.34
N ALA D 328 -16.52 -10.73 -12.96
CA ALA D 328 -16.14 -10.84 -11.55
C ALA D 328 -16.27 -9.46 -10.88
N LYS D 329 -15.94 -8.39 -11.61
CA LYS D 329 -15.96 -7.02 -11.10
C LYS D 329 -17.29 -6.28 -11.29
N HIS D 330 -17.94 -6.47 -12.44
CA HIS D 330 -19.10 -5.64 -12.76
C HIS D 330 -20.44 -6.35 -12.89
N ALA D 331 -20.55 -7.64 -12.48
CA ALA D 331 -21.83 -8.33 -12.61
C ALA D 331 -22.99 -7.71 -11.87
N LYS D 332 -22.75 -7.20 -10.64
CA LYS D 332 -23.80 -6.60 -9.81
C LYS D 332 -24.38 -5.35 -10.48
N TRP D 333 -23.50 -4.45 -10.96
CA TRP D 333 -23.88 -3.24 -11.70
C TRP D 333 -24.68 -3.66 -12.95
N ALA D 334 -24.15 -4.64 -13.70
CA ALA D 334 -24.76 -5.15 -14.93
C ALA D 334 -26.16 -5.69 -14.73
N SER D 335 -26.35 -6.55 -13.73
CA SER D 335 -27.65 -7.15 -13.44
C SER D 335 -28.69 -6.07 -13.10
N GLU D 336 -28.32 -5.08 -12.29
CA GLU D 336 -29.24 -4.01 -11.93
C GLU D 336 -29.54 -3.12 -13.12
N ALA D 337 -28.49 -2.70 -13.86
CA ALA D 337 -28.66 -1.81 -15.03
C ALA D 337 -29.51 -2.49 -16.13
N TYR D 338 -29.29 -3.79 -16.35
CA TYR D 338 -30.03 -4.57 -17.34
C TYR D 338 -31.47 -4.78 -16.94
N ASP D 339 -31.76 -5.01 -15.64
CA ASP D 339 -33.12 -5.13 -15.10
C ASP D 339 -33.95 -3.89 -15.44
N ASN D 340 -33.34 -2.69 -15.32
CA ASN D 340 -33.96 -1.40 -15.62
C ASN D 340 -34.33 -1.25 -17.09
N VAL D 341 -33.44 -1.71 -17.99
CA VAL D 341 -33.63 -1.69 -19.45
C VAL D 341 -34.88 -2.51 -19.82
N ARG D 342 -35.09 -3.67 -19.16
CA ARG D 342 -36.14 -4.64 -19.45
C ARG D 342 -37.53 -4.26 -18.94
N LEU D 343 -37.62 -3.33 -17.98
CA LEU D 343 -38.94 -2.90 -17.51
C LEU D 343 -39.00 -1.37 -17.37
N SER D 344 -39.35 -0.61 -18.45
CA SER D 344 -39.66 -0.86 -19.87
C SER D 344 -40.85 -1.82 -20.16
N ARG D 345 -42.09 -1.27 -20.02
CA ARG D 345 -43.41 -1.88 -20.26
C ARG D 345 -43.47 -3.39 -19.98
OAN N7T E . -1.18 16.06 -11.39
CAM N7T E . -0.13 16.42 -10.53
CAL N7T E . 1.11 16.13 -11.34
OAT N7T E . 1.52 17.30 -12.00
CAK N7T E . 2.22 15.58 -10.44
OAS N7T E . 1.81 14.31 -9.95
CAJ N7T E . 3.60 15.54 -11.05
OAR N7T E . 4.00 16.77 -11.65
CAI N7T E . 3.81 14.60 -12.22
OAQ N7T E . 3.02 14.57 -13.18
CAH N7T E . 5.21 13.95 -12.33
N N7T E . 6.08 15.04 -12.74
CA N7T E . 7.46 14.72 -12.46
C N7T E . 7.99 15.60 -11.37
O N7T E . 7.19 16.33 -10.75
CB N7T E . 8.35 14.71 -13.71
CG N7T E . 8.73 16.13 -14.21
CD N7T E . 9.12 16.13 -15.65
OE1 N7T E . 8.23 16.00 -16.52
OE2 N7T E . 10.30 16.23 -15.99
OXT N7T E . 9.23 15.52 -11.07
C1 EDO F . 30.80 1.57 -11.33
O1 EDO F . 29.55 0.96 -11.00
C2 EDO F . 31.01 2.90 -10.51
O2 EDO F . 29.80 3.66 -10.47
OAN N7T G . -3.60 -21.98 16.07
CAM N7T G . -3.09 -22.46 17.28
CAL N7T G . -2.46 -21.26 17.95
OAT N7T G . -3.50 -20.50 18.48
CAK N7T G . -1.49 -21.69 19.06
OAS N7T G . -0.42 -22.45 18.52
CAJ N7T G . -1.00 -20.56 19.96
OAR N7T G . -2.00 -19.76 20.58
CAI N7T G . -0.16 -19.48 19.29
OAQ N7T G . -0.47 -18.94 18.22
CAH N7T G . 0.94 -18.84 20.16
N N7T G . 0.19 -18.11 21.18
CA N7T G . 1.06 -17.84 22.33
C N7T G . 0.50 -18.52 23.55
O N7T G . 1.03 -18.33 24.67
CB N7T G . 1.28 -16.34 22.49
CG N7T G . 0.14 -15.64 23.24
CD N7T G . 0.15 -14.17 22.98
OE1 N7T G . -0.25 -13.70 21.90
OE2 N7T G . 0.60 -13.39 23.82
OXT N7T G . -0.45 -19.30 23.43
OAN N7T H . 16.29 17.65 16.24
CAM N7T H . 16.32 18.63 17.27
CAL N7T H . 16.85 19.93 16.69
OAT N7T H . 18.11 19.68 16.09
CAK N7T H . 15.91 20.57 15.65
OAS N7T H . 14.59 20.77 16.18
CAJ N7T H . 16.47 21.85 15.08
OAR N7T H . 17.75 21.72 14.47
CAI N7T H . 16.68 23.04 16.02
OAQ N7T H . 17.24 22.94 17.12
CAH N7T H . 16.45 24.43 15.38
N N7T H . 17.57 24.57 14.48
CA N7T H . 17.24 25.61 13.52
C N7T H . 17.19 25.05 12.12
O N7T H . 17.10 25.84 11.13
CB N7T H . 18.18 26.82 13.62
CG N7T H . 19.54 26.58 12.98
CD N7T H . 20.61 27.44 13.58
OE1 N7T H . 21.10 28.36 12.92
OE2 N7T H . 21.05 27.20 14.73
OXT N7T H . 17.18 23.81 11.96
OAN N7T I . -28.51 -21.94 -15.05
CAM N7T I . -27.20 -21.43 -15.23
CAL N7T I . -26.78 -21.98 -16.58
OAT N7T I . -26.84 -23.38 -16.48
CAK N7T I . -27.68 -21.54 -17.77
OAS N7T I . -27.83 -20.16 -17.88
CAJ N7T I . -27.23 -22.09 -19.11
OAR N7T I . -27.12 -23.49 -19.09
CAI N7T I . -25.84 -21.71 -19.60
OAQ N7T I . -24.84 -21.78 -18.90
CAH N7T I . -25.71 -21.56 -21.14
N N7T I . -25.85 -22.95 -21.58
CA N7T I . -26.18 -22.95 -22.98
C N7T I . -27.50 -23.62 -23.19
O N7T I . -28.18 -23.96 -22.19
CB N7T I . -25.04 -23.58 -23.81
CG N7T I . -25.05 -25.13 -23.87
CD N7T I . -23.72 -25.68 -24.30
OE1 N7T I . -23.55 -26.06 -25.47
OE2 N7T I . -22.77 -25.73 -23.49
OXT N7T I . -27.90 -23.83 -24.37
C1 EDO J . -37.41 -26.98 -9.75
O1 EDO J . -37.59 -28.19 -10.48
C2 EDO J . -36.94 -25.83 -10.70
O2 EDO J . -35.84 -25.12 -10.14
#